data_7MTS
#
_entry.id   7MTS
#
loop_
_entity.id
_entity.type
_entity.pdbx_description
1 polymer 'Metabotropic glutamate receptor 2'
2 polymer 'Guanine nucleotide-binding protein G(i) subunit alpha-1'
3 polymer 'Guanine nucleotide-binding protein G(I)/G(S)/G(T) subunit beta-1'
4 polymer 'Guanine nucleotide-binding protein G(I)/G(S)/G(O) subunit gamma-2'
5 non-polymer 2-methoxy-6-propyl-N-(2-{4-[(1H-tetrazol-5-yl)methoxy]phenyl}ethyl)thieno[2,3-d]pyrimidin-4-amine
6 non-polymer 'GLUTAMIC ACID'
7 non-polymer 2-acetamido-2-deoxy-beta-D-glucopyranose
#
loop_
_entity_poly.entity_id
_entity_poly.type
_entity_poly.pdbx_seq_one_letter_code
_entity_poly.pdbx_strand_id
1 'polypeptide(L)'
;AEGPAKKVLTLEGDLVLGGLFPVHQKGGPAEDCGPVNEHRGIQRLEAMLFALDRINRDPHLLPGVRLGAHILDSCSKDTH
ALEQALDFVRASLSRGADGSRHICPDGSYATHGDAPTAITGVIGGSYSDVSIQVANLLRLFQIPQISYASTSAKLSDKSR
YDYFARTVPPDFFQAKAMAEILRFFNWTYVSTVASEGDYGETGIEAFELEARARNICVATSEKVGRAMSRAAFEGVVRAL
LQKPSARVAVLFTRSEDARELLAASQRLNASFTWVASDGWGALESVVAGSEGAAEGAITIELASYPISDFASYFQSLDPW
NNSRNPWFREFWEQRFRCSFRQRDCAAHSLRAVPFEQESKIMFVVNAVYAMAHALHNMHRALCPNTTRLCDAMRPVNGRR
LYKDFVLNVKFDAPFRPADTHNEVRFDRFGDGIGRYNIFTYLRAGSGRYRYQKVGYWAEGLTLDTSLIPWASPSAGPLPA
SRCSEPCLQNEVKSVQPGEVCCWLCIPCQPYEYRLDEFTCADCGLGYWPNASLTGCFELPQEYIRWGDAWAVGPVTIACL
GALATLFVLGVFVRHNATPVVKASGRELCYILLGGVFLCYCMTFIFIAKPSTAVCTLRRLGLGTAFSVCYSALLTKTNRI
ARIFGGAREGAQRPRFISPASQVAICLALISGQLLIVVAWLVVEAPGTGKETAPERREVVTLRCNHRDASMLGSLAYNVL
LIALCTLYAFKTRKCPENFNEAKFIGFTMYTTCIIWLAFLPIFYVTSSDYRVQTTTMCVSVSLSGSVVLGCLFAPKLHII
LFQPQKNVVSHRAPTSRFGSAAARASSSLGQGSGSQFVPTVCNGREVVDSTTSSL
;
A,B
2 'polypeptide(L)'
;MGCTLSAEDKAAVERSKMIDRNLREDGEKAAREVKLLLLGAGESGKSTIVKQMKIIHEAGYSEEECKQYKAVVYSNTIQS
IIAIIRAMGRLKIDFGDSARADDARQLFVLAGAAEEGFMTAELAGVIKRLWKDSGVQACFNRSREYQLNDSAAYYLNDLD
RIAQPNYIPTQQDVLRTRVKTTGIVETHFTFKDLHFKMFDVGGQRSERKKWIHCFEGVTAIIFCVALSDYDLVLAEDEEM
NRMHESMKLFDSICNNKWFTDTSIILFLNKKDLFEEKIKKSPLTICYPEYAGSNTYEEAAAYIQCQFEDLNKRKDTKEIY
THFTCATDTKNVQFVFDAVTDVIIKNNLKDCGLF
;
C
3 'polypeptide(L)'
;GSELDQLRQEAEQLKNQIRDARKACADATLSQITNNIDPVGRIQMRTRRTLRGHLAKIYAMHWGTDSRLLVSASQDGKLI
IWDSYTTNKVHAIPLRSSWVMTCAYAPSGNYVACGGLDNICSIYNLKTREGNVRVSRELAGHTGYLSCCRFLDDNQIVTS
SGDTTCALWDIETGQQTTTFTGHTGDVMSLSLAPDTRLFVSGACDASAKLWDVREGMCRQTFTGHESDINAICFFPNGNA
FATGSDDATCRLFDLRADQELMTYSHDNIICGITSVSFSKSGRLLLAGYDDFNCNVWDALKADRAGVLAGHDNRVSCLGV
TDDGMAVATGSWDSFLKIWN
;
D
4 'polypeptide(L)' MASNNTASIAQARKLVEQLKMEANIDRIKVSKAAADLMAYCEAHAKEDPLLTPVPASENPFREKKFFCAIL E
#
# COMPACT_ATOMS: atom_id res chain seq x y z
N LYS A 6 -29.93 68.08 59.22
CA LYS A 6 -30.03 68.97 60.37
C LYS A 6 -31.18 68.60 61.29
N LYS A 7 -32.05 67.71 60.84
CA LYS A 7 -33.18 67.25 61.64
C LYS A 7 -32.86 65.95 62.35
N VAL A 8 -33.53 65.76 63.49
CA VAL A 8 -33.42 64.54 64.28
C VAL A 8 -34.78 64.24 64.88
N LEU A 9 -35.13 62.96 64.94
CA LEU A 9 -36.40 62.52 65.50
C LEU A 9 -36.14 62.06 66.94
N THR A 10 -36.81 62.68 67.90
CA THR A 10 -36.56 62.46 69.31
C THR A 10 -37.84 62.02 70.01
N LEU A 11 -37.74 60.95 70.80
CA LEU A 11 -38.83 60.47 71.64
C LEU A 11 -38.31 60.19 73.05
N GLU A 12 -39.03 60.66 74.06
CA GLU A 12 -38.57 60.56 75.43
C GLU A 12 -38.75 59.14 75.98
N GLY A 13 -37.81 58.73 76.82
CA GLY A 13 -37.88 57.42 77.45
C GLY A 13 -36.82 57.28 78.50
N ASP A 14 -36.88 56.15 79.21
CA ASP A 14 -35.87 55.86 80.22
C ASP A 14 -34.55 55.47 79.58
N LEU A 15 -34.58 54.61 78.57
CA LEU A 15 -33.40 54.20 77.81
C LEU A 15 -33.59 54.58 76.36
N VAL A 16 -32.58 55.20 75.77
CA VAL A 16 -32.67 55.76 74.42
C VAL A 16 -31.88 54.88 73.46
N LEU A 17 -32.52 54.47 72.37
CA LEU A 17 -31.89 53.70 71.30
C LEU A 17 -31.74 54.56 70.07
N GLY A 18 -30.53 54.65 69.54
CA GLY A 18 -30.30 55.40 68.34
C GLY A 18 -30.65 54.62 67.09
N GLY A 19 -30.84 55.36 66.00
CA GLY A 19 -31.19 54.76 64.73
C GLY A 19 -30.50 55.49 63.59
N LEU A 20 -30.34 54.78 62.48
CA LEU A 20 -29.67 55.33 61.31
C LEU A 20 -30.33 54.78 60.06
N PHE A 21 -30.93 55.64 59.26
CA PHE A 21 -31.65 55.20 58.06
C PHE A 21 -31.32 56.09 56.88
N PRO A 22 -31.36 55.55 55.66
CA PRO A 22 -31.11 56.35 54.46
C PRO A 22 -32.36 57.01 53.89
N VAL A 23 -32.81 58.08 54.56
CA VAL A 23 -34.04 58.74 54.16
C VAL A 23 -33.88 59.45 52.83
N HIS A 24 -32.70 60.01 52.58
CA HIS A 24 -32.44 60.81 51.39
C HIS A 24 -31.39 60.15 50.52
N GLN A 25 -31.55 60.27 49.20
CA GLN A 25 -30.54 59.84 48.26
C GLN A 25 -29.38 60.83 48.20
N LYS A 26 -28.20 60.35 47.83
CA LYS A 26 -27.03 61.23 47.76
C LYS A 26 -27.23 62.29 46.69
N GLY A 27 -27.32 63.55 47.12
CA GLY A 27 -27.63 64.63 46.21
C GLY A 27 -26.58 64.88 45.13
N GLY A 28 -25.30 64.84 45.51
CA GLY A 28 -24.26 65.17 44.56
C GLY A 28 -23.29 66.20 45.10
N PRO A 29 -22.49 66.80 44.23
CA PRO A 29 -21.47 67.75 44.72
C PRO A 29 -22.04 68.99 45.39
N ALA A 30 -23.06 69.62 44.79
CA ALA A 30 -23.61 70.84 45.37
C ALA A 30 -24.31 70.59 46.70
N GLU A 31 -25.09 69.52 46.80
CA GLU A 31 -25.90 69.23 47.99
C GLU A 31 -25.62 67.81 48.44
N ASP A 32 -25.58 67.61 49.76
CA ASP A 32 -25.31 66.28 50.34
C ASP A 32 -26.56 65.41 50.24
N CYS A 33 -27.74 66.00 50.50
CA CYS A 33 -28.99 65.20 50.52
C CYS A 33 -29.94 65.71 49.44
N GLY A 34 -30.39 64.82 48.56
CA GLY A 34 -31.31 65.22 47.50
C GLY A 34 -32.72 64.64 47.68
N PRO A 35 -33.32 63.89 46.73
CA PRO A 35 -34.69 63.39 46.87
C PRO A 35 -34.79 62.28 47.90
N VAL A 36 -36.05 61.98 48.26
CA VAL A 36 -36.39 61.07 49.35
C VAL A 36 -36.58 59.64 48.84
N ASN A 37 -36.20 58.67 49.67
CA ASN A 37 -36.47 57.26 49.41
C ASN A 37 -37.87 56.93 49.94
N GLU A 38 -38.79 56.62 49.05
CA GLU A 38 -40.15 56.35 49.49
C GLU A 38 -40.34 54.94 50.03
N HIS A 39 -39.42 54.03 49.75
CA HIS A 39 -39.53 52.63 50.16
C HIS A 39 -38.47 52.21 51.16
N ARG A 40 -37.21 52.39 50.84
CA ARG A 40 -36.13 51.99 51.74
C ARG A 40 -35.76 53.08 52.73
N GLY A 41 -36.30 54.28 52.58
CA GLY A 41 -36.03 55.34 53.54
C GLY A 41 -37.13 55.57 54.54
N ILE A 42 -38.37 55.66 54.07
CA ILE A 42 -39.49 56.07 54.93
C ILE A 42 -40.16 54.87 55.56
N GLN A 43 -40.41 53.82 54.79
CA GLN A 43 -41.11 52.66 55.31
C GLN A 43 -40.32 51.99 56.43
N ARG A 44 -39.00 51.88 56.28
CA ARG A 44 -38.17 51.25 57.31
C ARG A 44 -38.19 52.05 58.61
N LEU A 45 -38.15 53.37 58.51
CA LEU A 45 -38.20 54.21 59.70
C LEU A 45 -39.56 54.10 60.39
N GLU A 46 -40.64 54.09 59.60
CA GLU A 46 -41.95 53.91 60.21
C GLU A 46 -42.10 52.52 60.81
N ALA A 47 -41.40 51.53 60.26
CA ALA A 47 -41.38 50.20 60.86
C ALA A 47 -40.74 50.22 62.24
N MET A 48 -39.62 50.94 62.37
CA MET A 48 -38.99 51.04 63.69
C MET A 48 -39.91 51.74 64.69
N LEU A 49 -40.57 52.80 64.26
CA LEU A 49 -41.51 53.49 65.15
C LEU A 49 -42.68 52.60 65.54
N PHE A 50 -43.19 51.82 64.58
CA PHE A 50 -44.29 50.91 64.86
C PHE A 50 -43.89 49.84 65.87
N ALA A 51 -42.68 49.28 65.72
CA ALA A 51 -42.20 48.31 66.70
C ALA A 51 -42.05 48.93 68.07
N LEU A 52 -41.53 50.17 68.14
CA LEU A 52 -41.39 50.83 69.43
C LEU A 52 -42.75 51.03 70.10
N ASP A 53 -43.75 51.43 69.32
CA ASP A 53 -45.08 51.61 69.89
C ASP A 53 -45.64 50.30 70.40
N ARG A 54 -45.47 49.21 69.64
CA ARG A 54 -45.98 47.91 70.09
C ARG A 54 -45.29 47.43 71.36
N ILE A 55 -43.99 47.64 71.47
CA ILE A 55 -43.27 47.27 72.69
C ILE A 55 -43.75 48.10 73.88
N ASN A 56 -43.95 49.41 73.67
CA ASN A 56 -44.31 50.29 74.79
C ASN A 56 -45.69 50.04 75.37
N ARG A 57 -46.56 49.28 74.71
CA ARG A 57 -47.80 48.82 75.33
C ARG A 57 -47.82 47.32 75.56
N ASP A 58 -46.64 46.69 75.63
CA ASP A 58 -46.52 45.27 75.93
C ASP A 58 -46.30 45.09 77.43
N PRO A 59 -47.15 44.32 78.12
CA PRO A 59 -46.96 44.13 79.56
C PRO A 59 -45.87 43.13 79.89
N HIS A 60 -45.65 42.17 78.99
CA HIS A 60 -44.68 41.13 79.27
C HIS A 60 -43.24 41.54 78.99
N LEU A 61 -43.03 42.53 78.12
CA LEU A 61 -41.69 42.97 77.72
C LEU A 61 -41.44 44.35 78.27
N LEU A 62 -40.52 44.46 79.23
CA LEU A 62 -40.18 45.71 79.90
C LEU A 62 -41.42 46.43 80.41
N PRO A 63 -42.13 45.85 81.38
CA PRO A 63 -43.38 46.48 81.84
C PRO A 63 -43.20 47.86 82.46
N GLY A 64 -42.07 48.12 83.10
CA GLY A 64 -41.91 49.38 83.80
C GLY A 64 -40.88 50.33 83.22
N VAL A 65 -40.22 49.93 82.13
CA VAL A 65 -39.19 50.74 81.48
C VAL A 65 -39.69 51.17 80.13
N ARG A 66 -39.59 52.48 79.85
CA ARG A 66 -40.04 53.07 78.60
C ARG A 66 -38.83 53.42 77.75
N LEU A 67 -38.85 53.01 76.49
CA LEU A 67 -37.72 53.18 75.58
C LEU A 67 -37.88 54.44 74.74
N GLY A 68 -36.85 55.28 74.73
CA GLY A 68 -36.79 56.45 73.88
C GLY A 68 -36.17 56.14 72.53
N ALA A 69 -35.96 57.19 71.75
CA ALA A 69 -35.40 57.04 70.42
C ALA A 69 -34.71 58.33 70.00
N HIS A 70 -33.60 58.18 69.29
CA HIS A 70 -32.81 59.28 68.75
C HIS A 70 -32.40 58.85 67.35
N ILE A 71 -33.22 59.18 66.35
CA ILE A 71 -33.05 58.67 65.00
C ILE A 71 -32.45 59.73 64.11
N LEU A 72 -31.44 59.34 63.33
CA LEU A 72 -30.71 60.24 62.45
C LEU A 72 -30.86 59.77 61.02
N ASP A 73 -30.33 60.57 60.10
CA ASP A 73 -30.37 60.31 58.68
C ASP A 73 -28.96 60.31 58.11
N SER A 74 -28.67 59.33 57.25
CA SER A 74 -27.30 59.16 56.70
C SER A 74 -27.14 59.82 55.33
N CYS A 75 -28.26 60.06 54.63
CA CYS A 75 -28.21 60.65 53.26
C CYS A 75 -27.35 59.75 52.37
N SER A 76 -27.43 58.42 52.54
CA SER A 76 -26.70 57.45 51.69
C SER A 76 -25.23 57.82 51.46
N LYS A 77 -24.54 58.39 52.45
CA LYS A 77 -23.13 58.72 52.30
C LYS A 77 -22.40 58.40 53.59
N ASP A 78 -21.19 57.86 53.50
CA ASP A 78 -20.48 57.42 54.70
C ASP A 78 -19.93 58.61 55.48
N THR A 79 -19.41 59.63 54.80
CA THR A 79 -18.89 60.80 55.51
C THR A 79 -20.00 61.53 56.23
N HIS A 80 -21.16 61.69 55.58
CA HIS A 80 -22.30 62.33 56.22
C HIS A 80 -22.79 61.50 57.40
N ALA A 81 -22.84 60.18 57.24
CA ALA A 81 -23.26 59.32 58.34
C ALA A 81 -22.32 59.44 59.52
N LEU A 82 -21.02 59.48 59.27
CA LEU A 82 -20.05 59.58 60.36
C LEU A 82 -20.13 60.92 61.06
N GLU A 83 -20.39 62.01 60.32
CA GLU A 83 -20.56 63.30 60.97
C GLU A 83 -21.76 63.30 61.90
N GLN A 84 -22.86 62.65 61.49
CA GLN A 84 -24.05 62.60 62.32
C GLN A 84 -23.86 61.71 63.53
N ALA A 85 -23.03 60.67 63.43
CA ALA A 85 -22.92 59.68 64.48
C ALA A 85 -22.27 60.21 65.75
N LEU A 86 -21.71 61.42 65.72
CA LEU A 86 -21.11 61.97 66.93
C LEU A 86 -22.15 62.21 68.02
N ASP A 87 -23.42 62.32 67.66
CA ASP A 87 -24.45 62.51 68.68
C ASP A 87 -24.55 61.31 69.60
N PHE A 88 -24.19 60.13 69.10
CA PHE A 88 -24.26 58.92 69.91
C PHE A 88 -23.18 58.89 70.97
N VAL A 89 -22.01 59.45 70.70
CA VAL A 89 -20.86 59.35 71.59
C VAL A 89 -20.54 60.64 72.31
N ARG A 90 -21.22 61.75 72.01
CA ARG A 90 -20.94 63.00 72.69
C ARG A 90 -21.28 62.95 74.17
N ALA A 91 -22.20 62.08 74.58
CA ALA A 91 -22.56 61.99 75.99
C ALA A 91 -21.38 61.52 76.82
N SER A 92 -20.61 60.57 76.30
CA SER A 92 -19.45 60.04 77.01
C SER A 92 -18.14 60.53 76.40
N THR A 117 -27.84 63.21 76.24
CA THR A 117 -28.38 61.95 76.74
C THR A 117 -27.54 60.77 76.28
N ALA A 118 -27.44 59.75 77.14
CA ALA A 118 -26.67 58.57 76.80
C ALA A 118 -27.45 57.65 75.87
N ILE A 119 -26.72 56.99 74.97
CA ILE A 119 -27.30 56.08 74.00
C ILE A 119 -26.89 54.66 74.39
N THR A 120 -27.88 53.80 74.59
CA THR A 120 -27.60 52.43 75.00
C THR A 120 -27.15 51.56 73.83
N GLY A 121 -27.85 51.62 72.71
CA GLY A 121 -27.50 50.81 71.56
C GLY A 121 -28.02 51.48 70.30
N VAL A 122 -27.48 51.04 69.17
CA VAL A 122 -27.74 51.67 67.88
C VAL A 122 -28.32 50.63 66.93
N ILE A 123 -29.48 50.93 66.35
CA ILE A 123 -30.05 50.16 65.27
C ILE A 123 -29.67 50.89 63.99
N GLY A 124 -28.63 50.43 63.32
CA GLY A 124 -28.10 51.18 62.20
C GLY A 124 -27.38 50.31 61.19
N GLY A 125 -27.31 50.81 59.97
CA GLY A 125 -26.79 50.04 58.87
C GLY A 125 -27.37 50.46 57.54
N SER A 126 -27.95 49.50 56.81
CA SER A 126 -28.55 49.64 55.49
C SER A 126 -27.53 49.87 54.38
N TYR A 127 -26.24 49.93 54.69
CA TYR A 127 -25.21 50.10 53.68
C TYR A 127 -23.91 49.66 54.33
N SER A 128 -23.14 48.82 53.64
CA SER A 128 -21.97 48.21 54.25
C SER A 128 -20.92 49.26 54.63
N ASP A 129 -20.71 50.25 53.77
CA ASP A 129 -19.74 51.30 54.08
C ASP A 129 -20.13 52.08 55.32
N VAL A 130 -21.39 52.47 55.42
CA VAL A 130 -21.87 53.21 56.59
C VAL A 130 -21.70 52.37 57.85
N SER A 131 -22.08 51.10 57.77
CA SER A 131 -21.97 50.22 58.93
C SER A 131 -20.52 50.07 59.37
N ILE A 132 -19.61 49.89 58.42
CA ILE A 132 -18.21 49.72 58.77
C ILE A 132 -17.66 50.97 59.44
N GLN A 133 -17.94 52.14 58.88
CA GLN A 133 -17.42 53.38 59.46
C GLN A 133 -17.97 53.60 60.86
N VAL A 134 -19.26 53.34 61.06
CA VAL A 134 -19.86 53.55 62.36
C VAL A 134 -19.31 52.54 63.36
N ALA A 135 -19.09 51.30 62.92
CA ALA A 135 -18.55 50.29 63.83
C ALA A 135 -17.14 50.68 64.26
N ASN A 136 -16.34 51.20 63.33
CA ASN A 136 -15.01 51.65 63.69
C ASN A 136 -15.07 52.73 64.76
N LEU A 137 -16.05 53.64 64.66
CA LEU A 137 -16.15 54.66 65.69
C LEU A 137 -16.74 54.15 67.01
N LEU A 138 -17.76 53.29 66.94
CA LEU A 138 -18.49 52.92 68.15
C LEU A 138 -17.71 51.99 69.07
N ARG A 139 -16.80 51.17 68.52
CA ARG A 139 -16.07 50.23 69.36
C ARG A 139 -15.16 50.93 70.36
N LEU A 140 -14.81 52.19 70.12
CA LEU A 140 -13.93 52.90 71.05
C LEU A 140 -14.65 53.35 72.31
N PHE A 141 -15.98 53.33 72.31
CA PHE A 141 -16.78 53.75 73.46
C PHE A 141 -17.66 52.63 73.99
N GLN A 142 -17.55 51.41 73.46
CA GLN A 142 -18.26 50.23 73.93
C GLN A 142 -19.78 50.40 73.84
N ILE A 143 -20.26 50.60 72.62
CA ILE A 143 -21.68 50.76 72.34
C ILE A 143 -22.11 49.67 71.37
N PRO A 144 -23.03 48.79 71.75
CA PRO A 144 -23.46 47.72 70.84
C PRO A 144 -24.19 48.25 69.63
N GLN A 145 -24.09 47.51 68.53
CA GLN A 145 -24.72 47.89 67.27
C GLN A 145 -25.30 46.68 66.59
N ILE A 146 -26.55 46.77 66.14
CA ILE A 146 -27.20 45.72 65.36
C ILE A 146 -27.67 46.31 64.05
N SER A 147 -27.32 45.66 62.95
CA SER A 147 -27.68 46.12 61.62
C SER A 147 -28.82 45.26 61.07
N TYR A 148 -29.59 45.85 60.16
CA TYR A 148 -30.74 45.18 59.58
C TYR A 148 -30.60 44.89 58.09
N ALA A 149 -29.63 45.48 57.40
CA ALA A 149 -29.49 45.22 55.98
C ALA A 149 -28.07 45.09 55.45
N SER A 150 -27.05 45.14 56.31
CA SER A 150 -25.66 45.09 55.85
C SER A 150 -25.21 43.64 55.72
N THR A 151 -24.74 43.26 54.53
CA THR A 151 -24.41 41.87 54.24
C THR A 151 -22.95 41.66 53.83
N SER A 152 -22.08 42.63 54.06
CA SER A 152 -20.68 42.46 53.69
C SER A 152 -20.02 41.40 54.56
N ALA A 153 -19.08 40.67 53.96
CA ALA A 153 -18.38 39.61 54.67
C ALA A 153 -17.32 40.14 55.63
N LYS A 154 -16.77 41.32 55.35
CA LYS A 154 -15.71 41.88 56.21
C LYS A 154 -16.16 41.99 57.66
N LEU A 155 -17.44 42.21 57.90
CA LEU A 155 -17.95 42.42 59.25
C LEU A 155 -17.99 41.16 60.09
N SER A 156 -17.66 40.00 59.54
CA SER A 156 -17.63 38.77 60.32
C SER A 156 -16.33 38.58 61.07
N ASP A 157 -15.35 39.48 60.91
CA ASP A 157 -14.07 39.39 61.60
C ASP A 157 -14.20 40.06 62.96
N LYS A 158 -14.32 39.26 64.02
CA LYS A 158 -14.57 39.81 65.35
C LYS A 158 -13.35 40.43 65.99
N SER A 159 -12.17 40.27 65.41
CA SER A 159 -10.99 40.94 65.98
C SER A 159 -11.01 42.42 65.66
N ARG A 160 -11.62 42.82 64.55
CA ARG A 160 -11.74 44.21 64.16
C ARG A 160 -13.07 44.85 64.54
N TYR A 161 -14.17 44.11 64.39
CA TYR A 161 -15.50 44.62 64.70
C TYR A 161 -16.06 43.73 65.80
N ASP A 162 -15.75 44.06 67.05
CA ASP A 162 -16.09 43.23 68.19
C ASP A 162 -17.30 43.74 68.97
N TYR A 163 -18.08 44.65 68.40
CA TYR A 163 -19.33 45.11 69.00
C TYR A 163 -20.46 45.16 67.98
N PHE A 164 -20.36 44.39 66.90
CA PHE A 164 -21.29 44.45 65.80
C PHE A 164 -22.03 43.14 65.66
N ALA A 165 -23.33 43.22 65.39
CA ALA A 165 -24.16 42.05 65.09
C ALA A 165 -25.16 42.44 64.02
N ARG A 166 -25.78 41.43 63.40
CA ARG A 166 -26.76 41.69 62.36
C ARG A 166 -27.76 40.55 62.29
N THR A 167 -28.94 40.86 61.75
CA THR A 167 -30.00 39.88 61.57
C THR A 167 -30.10 39.39 60.13
N VAL A 168 -29.02 39.53 59.35
CA VAL A 168 -29.01 39.11 57.96
C VAL A 168 -27.78 38.24 57.71
N PRO A 169 -27.83 37.30 56.77
CA PRO A 169 -26.66 36.46 56.49
C PRO A 169 -25.58 37.24 55.76
N PRO A 170 -24.33 36.79 55.84
CA PRO A 170 -23.26 37.46 55.07
C PRO A 170 -23.30 37.16 53.59
N ASP A 171 -22.44 37.79 52.80
CA ASP A 171 -22.39 37.59 51.36
C ASP A 171 -21.58 36.37 50.96
N PHE A 172 -21.24 35.51 51.91
CA PHE A 172 -20.48 34.31 51.57
C PHE A 172 -21.34 33.31 50.81
N PHE A 173 -22.65 33.30 51.06
CA PHE A 173 -23.56 32.34 50.46
C PHE A 173 -24.25 32.86 49.21
N GLN A 174 -24.36 34.18 49.06
CA GLN A 174 -25.00 34.76 47.89
C GLN A 174 -24.19 34.45 46.63
N ALA A 175 -22.86 34.51 46.74
CA ALA A 175 -22.00 34.17 45.62
C ALA A 175 -22.18 32.71 45.22
N LYS A 176 -22.29 31.81 46.20
CA LYS A 176 -22.54 30.41 45.89
C LYS A 176 -23.87 30.24 45.15
N ALA A 177 -24.90 30.94 45.61
CA ALA A 177 -26.21 30.83 44.96
C ALA A 177 -26.13 31.31 43.51
N MET A 178 -25.48 32.45 43.28
CA MET A 178 -25.37 32.98 41.92
C MET A 178 -24.56 32.05 41.02
N ALA A 179 -23.46 31.50 41.53
CA ALA A 179 -22.66 30.58 40.75
C ALA A 179 -23.43 29.33 40.39
N GLU A 180 -24.23 28.82 41.32
CA GLU A 180 -25.02 27.63 41.03
C GLU A 180 -26.10 27.91 40.00
N ILE A 181 -26.69 29.11 40.05
CA ILE A 181 -27.67 29.47 39.02
C ILE A 181 -27.02 29.50 37.65
N LEU A 182 -25.81 30.07 37.55
CA LEU A 182 -25.12 30.04 36.26
C LEU A 182 -24.79 28.62 35.82
N ARG A 183 -24.36 27.78 36.75
CA ARG A 183 -24.03 26.40 36.39
C ARG A 183 -25.26 25.62 35.94
N PHE A 184 -26.45 26.01 36.41
CA PHE A 184 -27.66 25.30 36.03
C PHE A 184 -27.96 25.43 34.55
N PHE A 185 -27.73 26.61 33.97
CA PHE A 185 -28.07 26.89 32.58
C PHE A 185 -26.89 26.73 31.64
N ASN A 186 -25.77 26.18 32.11
CA ASN A 186 -24.58 25.96 31.29
C ASN A 186 -24.05 27.26 30.70
N TRP A 187 -23.99 28.31 31.52
CA TRP A 187 -23.39 29.58 31.13
C TRP A 187 -21.98 29.63 31.68
N THR A 188 -20.98 29.50 30.82
CA THR A 188 -19.59 29.40 31.25
C THR A 188 -18.70 30.56 30.85
N TYR A 189 -19.17 31.48 30.02
CA TYR A 189 -18.39 32.63 29.57
C TYR A 189 -19.23 33.88 29.86
N VAL A 190 -18.88 34.60 30.94
CA VAL A 190 -19.72 35.67 31.47
C VAL A 190 -18.86 36.90 31.75
N SER A 191 -19.54 38.02 31.99
CA SER A 191 -18.92 39.29 32.36
C SER A 191 -19.50 39.77 33.69
N THR A 192 -18.68 40.47 34.46
CA THR A 192 -19.06 40.92 35.80
C THR A 192 -18.91 42.43 35.93
N VAL A 193 -19.84 43.05 36.65
CA VAL A 193 -19.80 44.48 36.98
C VAL A 193 -19.99 44.62 38.47
N ALA A 194 -19.14 45.42 39.11
CA ALA A 194 -19.18 45.60 40.56
C ALA A 194 -19.08 47.07 40.90
N SER A 195 -19.52 47.42 42.10
CA SER A 195 -19.46 48.79 42.59
C SER A 195 -18.27 48.98 43.51
N GLU A 196 -17.65 50.16 43.43
CA GLU A 196 -16.53 50.47 44.30
C GLU A 196 -17.00 50.53 45.75
N GLY A 197 -16.23 49.93 46.64
CA GLY A 197 -16.57 49.90 48.04
C GLY A 197 -16.33 48.52 48.61
N ASP A 198 -16.75 48.32 49.85
CA ASP A 198 -16.58 47.03 50.49
C ASP A 198 -17.54 45.99 49.91
N TYR A 199 -18.82 46.37 49.78
CA TYR A 199 -19.85 45.43 49.38
C TYR A 199 -19.55 44.81 48.02
N GLY A 200 -19.48 45.64 46.98
CA GLY A 200 -19.30 45.12 45.63
C GLY A 200 -17.99 44.38 45.45
N GLU A 201 -16.89 44.93 45.96
CA GLU A 201 -15.59 44.31 45.75
C GLU A 201 -15.49 42.96 46.45
N THR A 202 -15.86 42.89 47.73
CA THR A 202 -15.80 41.61 48.43
C THR A 202 -16.75 40.59 47.80
N GLY A 203 -17.95 41.02 47.43
CA GLY A 203 -18.88 40.09 46.81
C GLY A 203 -18.36 39.54 45.49
N ILE A 204 -17.76 40.40 44.67
CA ILE A 204 -17.29 39.94 43.37
C ILE A 204 -16.08 39.03 43.55
N GLU A 205 -15.26 39.28 44.57
CA GLU A 205 -14.13 38.39 44.84
C GLU A 205 -14.60 37.00 45.24
N ALA A 206 -15.59 36.94 46.14
CA ALA A 206 -16.15 35.66 46.53
C ALA A 206 -16.76 34.93 45.34
N PHE A 207 -17.48 35.67 44.49
CA PHE A 207 -18.08 35.05 43.32
C PHE A 207 -17.02 34.51 42.38
N GLU A 208 -15.92 35.24 42.19
CA GLU A 208 -14.85 34.74 41.32
C GLU A 208 -14.24 33.47 41.86
N LEU A 209 -14.00 33.39 43.18
CA LEU A 209 -13.50 32.14 43.74
C LEU A 209 -14.48 31.00 43.51
N GLU A 210 -15.77 31.22 43.78
CA GLU A 210 -16.75 30.15 43.64
C GLU A 210 -16.94 29.71 42.18
N ALA A 211 -16.91 30.65 41.24
CA ALA A 211 -17.08 30.32 39.83
C ALA A 211 -15.93 29.48 39.29
N ARG A 212 -14.70 29.78 39.69
CA ARG A 212 -13.57 28.97 39.27
C ARG A 212 -13.71 27.52 39.73
N ALA A 213 -14.34 27.30 40.88
CA ALA A 213 -14.56 25.94 41.37
C ALA A 213 -15.49 25.13 40.47
N ARG A 214 -16.28 25.79 39.62
CA ARG A 214 -17.28 25.12 38.80
C ARG A 214 -17.01 25.26 37.31
N ASN A 215 -15.74 25.48 36.94
CA ASN A 215 -15.35 25.58 35.53
C ASN A 215 -16.11 26.68 34.80
N ILE A 216 -16.17 27.86 35.42
CA ILE A 216 -16.72 29.06 34.79
C ILE A 216 -15.63 30.12 34.75
N CYS A 217 -15.42 30.72 33.60
CA CYS A 217 -14.38 31.72 33.42
C CYS A 217 -14.98 33.05 32.99
N VAL A 218 -14.32 34.13 33.39
CA VAL A 218 -14.85 35.48 33.25
C VAL A 218 -14.24 36.14 32.03
N ALA A 219 -15.09 36.63 31.14
CA ALA A 219 -14.60 37.31 29.93
C ALA A 219 -13.98 38.65 30.26
N THR A 220 -14.68 39.48 31.04
CA THR A 220 -14.19 40.82 31.36
C THR A 220 -14.75 41.25 32.70
N SER A 221 -14.08 42.22 33.31
CA SER A 221 -14.46 42.74 34.62
C SER A 221 -14.45 44.25 34.60
N GLU A 222 -15.53 44.86 35.08
CA GLU A 222 -15.67 46.31 35.12
C GLU A 222 -16.02 46.75 36.54
N LYS A 223 -15.75 48.02 36.82
CA LYS A 223 -16.02 48.59 38.13
C LYS A 223 -16.67 49.97 37.96
N VAL A 224 -17.55 50.31 38.89
CA VAL A 224 -18.26 51.59 38.88
C VAL A 224 -17.82 52.40 40.09
N GLY A 225 -17.39 53.64 39.85
CA GLY A 225 -16.92 54.50 40.92
C GLY A 225 -18.03 55.21 41.66
N ARG A 226 -17.66 55.84 42.77
CA ARG A 226 -18.63 56.57 43.58
C ARG A 226 -19.21 57.75 42.80
N ALA A 227 -18.38 58.46 42.05
CA ALA A 227 -18.81 59.59 41.23
C ALA A 227 -18.64 59.20 39.77
N MET A 228 -19.76 58.98 39.09
CA MET A 228 -19.74 58.53 37.70
C MET A 228 -20.85 59.24 36.93
N SER A 229 -20.54 59.66 35.71
CA SER A 229 -21.48 60.36 34.86
C SER A 229 -22.11 59.39 33.86
N ARG A 230 -23.02 59.92 33.03
CA ARG A 230 -23.72 59.07 32.07
C ARG A 230 -22.79 58.53 31.00
N ALA A 231 -21.82 59.35 30.57
CA ALA A 231 -20.89 58.92 29.54
C ALA A 231 -20.06 57.72 30.00
N ALA A 232 -19.66 57.71 31.27
CA ALA A 232 -18.89 56.58 31.77
C ALA A 232 -19.74 55.31 31.83
N PHE A 233 -21.03 55.45 32.15
CA PHE A 233 -21.91 54.28 32.13
C PHE A 233 -22.04 53.74 30.72
N GLU A 234 -22.18 54.62 29.72
CA GLU A 234 -22.21 54.15 28.35
C GLU A 234 -20.90 53.49 27.95
N GLY A 235 -19.77 54.02 28.47
CA GLY A 235 -18.49 53.39 28.21
C GLY A 235 -18.39 51.98 28.78
N VAL A 236 -18.92 51.79 29.99
CA VAL A 236 -18.96 50.45 30.59
C VAL A 236 -19.82 49.53 29.74
N VAL A 237 -20.95 50.03 29.26
CA VAL A 237 -21.80 49.21 28.39
C VAL A 237 -21.06 48.78 27.14
N ARG A 238 -20.33 49.71 26.52
CA ARG A 238 -19.56 49.36 25.32
C ARG A 238 -18.47 48.35 25.63
N ALA A 239 -17.81 48.50 26.78
CA ALA A 239 -16.78 47.53 27.17
C ALA A 239 -17.37 46.14 27.34
N LEU A 240 -18.58 46.06 27.88
CA LEU A 240 -19.27 44.77 27.93
C LEU A 240 -19.56 44.24 26.52
N LEU A 241 -19.99 45.13 25.63
CA LEU A 241 -20.29 44.73 24.25
C LEU A 241 -19.05 44.34 23.45
N GLN A 242 -17.85 44.64 23.95
CA GLN A 242 -16.64 44.29 23.20
C GLN A 242 -16.50 42.80 23.00
N LYS A 243 -16.88 41.99 24.00
CA LYS A 243 -16.87 40.54 23.84
C LYS A 243 -18.27 40.10 23.46
N PRO A 244 -18.49 39.61 22.24
CA PRO A 244 -19.86 39.24 21.84
C PRO A 244 -20.30 37.87 22.32
N SER A 245 -19.38 36.98 22.65
CA SER A 245 -19.75 35.63 23.07
C SER A 245 -20.34 35.61 24.47
N ALA A 246 -19.91 36.52 25.34
CA ALA A 246 -20.40 36.59 26.71
C ALA A 246 -21.65 37.46 26.73
N ARG A 247 -22.82 36.81 26.82
CA ARG A 247 -24.10 37.51 26.81
C ARG A 247 -24.74 37.61 28.19
N VAL A 248 -24.05 37.17 29.24
CA VAL A 248 -24.56 37.22 30.60
C VAL A 248 -23.71 38.16 31.42
N ALA A 249 -24.36 39.09 32.11
CA ALA A 249 -23.70 40.08 32.95
C ALA A 249 -24.11 39.85 34.40
N VAL A 250 -23.12 39.70 35.27
CA VAL A 250 -23.34 39.48 36.70
C VAL A 250 -23.04 40.77 37.45
N LEU A 251 -23.97 41.21 38.29
CA LEU A 251 -23.87 42.49 38.97
C LEU A 251 -23.82 42.32 40.48
N PHE A 252 -22.81 42.91 41.10
CA PHE A 252 -22.79 43.19 42.54
C PHE A 252 -22.77 44.71 42.67
N THR A 253 -23.94 45.33 42.62
CA THR A 253 -24.03 46.78 42.50
C THR A 253 -25.09 47.33 43.44
N ARG A 254 -24.94 48.60 43.78
CA ARG A 254 -25.96 49.31 44.51
C ARG A 254 -27.14 49.63 43.60
N SER A 255 -28.26 50.01 44.20
CA SER A 255 -29.48 50.20 43.43
C SER A 255 -29.35 51.34 42.43
N GLU A 256 -28.73 52.45 42.82
CA GLU A 256 -28.58 53.57 41.91
C GLU A 256 -27.72 53.21 40.70
N ASP A 257 -26.64 52.46 40.93
CA ASP A 257 -25.79 52.04 39.83
C ASP A 257 -26.54 51.14 38.86
N ALA A 258 -27.36 50.23 39.39
CA ALA A 258 -28.15 49.37 38.53
C ALA A 258 -29.15 50.17 37.71
N ARG A 259 -29.80 51.16 38.32
CA ARG A 259 -30.75 51.98 37.58
C ARG A 259 -30.06 52.73 36.45
N GLU A 260 -28.90 53.33 36.74
CA GLU A 260 -28.19 54.08 35.71
C GLU A 260 -27.69 53.17 34.59
N LEU A 261 -27.20 51.98 34.95
CA LEU A 261 -26.73 51.05 33.94
C LEU A 261 -27.86 50.58 33.03
N LEU A 262 -29.03 50.31 33.62
CA LEU A 262 -30.17 49.90 32.80
C LEU A 262 -30.61 51.03 31.88
N ALA A 263 -30.62 52.27 32.38
CA ALA A 263 -30.97 53.40 31.52
C ALA A 263 -30.00 53.55 30.37
N ALA A 264 -28.70 53.40 30.63
CA ALA A 264 -27.72 53.51 29.56
C ALA A 264 -27.90 52.41 28.53
N SER A 265 -28.16 51.17 28.98
CA SER A 265 -28.37 50.07 28.05
C SER A 265 -29.62 50.31 27.19
N GLN A 266 -30.67 50.87 27.78
CA GLN A 266 -31.84 51.23 26.99
C GLN A 266 -31.48 52.27 25.94
N ARG A 267 -30.64 53.25 26.31
CA ARG A 267 -30.26 54.29 25.35
C ARG A 267 -29.47 53.73 24.18
N LEU A 268 -28.49 52.86 24.45
CA LEU A 268 -27.64 52.36 23.37
C LEU A 268 -28.24 51.16 22.66
N ASN A 269 -29.43 50.73 23.04
CA ASN A 269 -30.14 49.63 22.38
C ASN A 269 -29.34 48.33 22.44
N ALA A 270 -28.81 48.02 23.62
CA ALA A 270 -28.08 46.79 23.86
C ALA A 270 -28.97 45.76 24.54
N SER A 271 -28.61 44.48 24.39
CA SER A 271 -29.37 43.37 24.94
C SER A 271 -28.44 42.46 25.74
N PHE A 272 -28.71 42.32 27.03
CA PHE A 272 -27.97 41.43 27.91
C PHE A 272 -28.94 40.59 28.72
N THR A 273 -28.41 39.56 29.36
CA THR A 273 -29.15 38.76 30.32
C THR A 273 -28.59 39.07 31.70
N TRP A 274 -29.39 39.69 32.55
CA TRP A 274 -28.92 40.19 33.83
C TRP A 274 -29.09 39.16 34.93
N VAL A 275 -28.07 39.01 35.75
CA VAL A 275 -28.16 38.28 37.02
C VAL A 275 -27.62 39.20 38.11
N ALA A 276 -28.49 39.58 39.04
CA ALA A 276 -28.17 40.63 40.01
C ALA A 276 -28.31 40.12 41.43
N SER A 277 -27.66 40.83 42.34
CA SER A 277 -27.68 40.49 43.76
C SER A 277 -28.83 41.25 44.44
N ASP A 278 -28.83 41.28 45.77
CA ASP A 278 -29.92 41.89 46.52
C ASP A 278 -29.91 43.41 46.46
N GLY A 279 -28.87 44.03 45.93
CA GLY A 279 -28.91 45.48 45.75
C GLY A 279 -30.03 45.89 44.81
N TRP A 280 -30.12 45.22 43.66
CA TRP A 280 -31.27 45.37 42.78
C TRP A 280 -32.52 44.80 43.44
N GLY A 281 -32.44 43.56 43.93
CA GLY A 281 -33.56 42.97 44.64
C GLY A 281 -34.80 42.88 43.78
N ALA A 282 -35.91 43.38 44.32
CA ALA A 282 -37.19 43.39 43.62
C ALA A 282 -37.81 44.76 43.66
N LEU A 283 -37.00 45.81 43.49
CA LEU A 283 -37.48 47.18 43.50
C LEU A 283 -38.13 47.54 42.17
N GLU A 284 -39.22 48.31 42.23
CA GLU A 284 -39.85 48.81 41.02
C GLU A 284 -39.24 50.10 40.53
N SER A 285 -38.49 50.82 41.37
CA SER A 285 -37.89 52.08 40.97
C SER A 285 -36.67 51.87 40.07
N VAL A 286 -36.01 50.72 40.19
CA VAL A 286 -34.83 50.45 39.38
C VAL A 286 -35.21 50.31 37.92
N VAL A 287 -36.32 49.65 37.64
CA VAL A 287 -36.72 49.33 36.28
C VAL A 287 -37.84 50.25 35.78
N ALA A 288 -38.06 51.37 36.45
CA ALA A 288 -39.13 52.28 36.05
C ALA A 288 -38.69 53.07 34.81
N GLY A 289 -39.40 52.88 33.70
CA GLY A 289 -39.11 53.56 32.46
C GLY A 289 -38.15 52.85 31.54
N SER A 290 -37.53 51.75 31.98
CA SER A 290 -36.59 50.99 31.17
C SER A 290 -37.00 49.52 31.16
N GLU A 291 -38.28 49.28 30.91
CA GLU A 291 -38.81 47.92 30.98
C GLU A 291 -38.21 47.01 29.92
N GLY A 292 -38.03 47.52 28.71
CA GLY A 292 -37.55 46.66 27.63
C GLY A 292 -36.18 46.09 27.89
N ALA A 293 -35.30 46.88 28.51
CA ALA A 293 -33.95 46.41 28.78
C ALA A 293 -33.92 45.40 29.92
N ALA A 294 -34.75 45.61 30.93
CA ALA A 294 -34.70 44.78 32.13
C ALA A 294 -35.50 43.49 32.01
N GLU A 295 -36.34 43.36 30.98
CA GLU A 295 -37.19 42.19 30.85
C GLU A 295 -36.38 40.91 30.73
N GLY A 296 -36.80 39.89 31.45
CA GLY A 296 -36.12 38.62 31.43
C GLY A 296 -34.97 38.47 32.40
N ALA A 297 -34.74 39.46 33.26
CA ALA A 297 -33.65 39.40 34.22
C ALA A 297 -33.98 38.47 35.37
N ILE A 298 -32.94 38.05 36.09
CA ILE A 298 -33.05 37.21 37.27
C ILE A 298 -32.35 37.90 38.42
N THR A 299 -33.03 38.02 39.56
CA THR A 299 -32.50 38.73 40.72
C THR A 299 -32.68 37.90 41.98
N ILE A 300 -31.87 38.19 42.98
CA ILE A 300 -31.88 37.49 44.26
C ILE A 300 -32.38 38.44 45.34
N GLU A 301 -33.14 37.90 46.28
CA GLU A 301 -33.62 38.65 47.43
C GLU A 301 -33.58 37.74 48.65
N LEU A 302 -33.51 38.35 49.82
CA LEU A 302 -33.55 37.60 51.06
C LEU A 302 -34.97 37.15 51.36
N ALA A 303 -35.11 35.94 51.91
CA ALA A 303 -36.42 35.37 52.15
C ALA A 303 -37.10 36.04 53.33
N SER A 304 -38.35 36.45 53.14
CA SER A 304 -39.10 37.14 54.17
C SER A 304 -40.58 37.00 53.89
N TYR A 305 -41.40 37.53 54.79
CA TYR A 305 -42.85 37.51 54.69
C TYR A 305 -43.38 38.89 55.03
N PRO A 306 -44.57 39.24 54.55
CA PRO A 306 -45.15 40.53 54.89
C PRO A 306 -45.86 40.51 56.23
N ILE A 307 -45.90 41.66 56.88
CA ILE A 307 -46.58 41.83 58.16
C ILE A 307 -47.90 42.54 57.93
N SER A 308 -48.97 41.99 58.47
CA SER A 308 -50.30 42.52 58.20
C SER A 308 -50.60 43.79 58.99
N ASP A 309 -50.07 43.92 60.21
CA ASP A 309 -50.38 45.09 61.03
C ASP A 309 -49.75 46.36 60.47
N PHE A 310 -48.56 46.24 59.88
CA PHE A 310 -47.87 47.40 59.35
C PHE A 310 -48.65 48.02 58.20
N ALA A 311 -49.37 47.20 57.43
CA ALA A 311 -50.17 47.73 56.33
C ALA A 311 -51.28 48.62 56.86
N SER A 312 -52.03 48.15 57.85
CA SER A 312 -53.10 48.96 58.41
C SER A 312 -52.55 50.17 59.15
N TYR A 313 -51.34 50.07 59.69
CA TYR A 313 -50.73 51.21 60.36
C TYR A 313 -50.25 52.26 59.36
N PHE A 314 -49.60 51.84 58.29
CA PHE A 314 -49.01 52.78 57.36
C PHE A 314 -50.01 53.39 56.39
N GLN A 315 -51.18 52.79 56.24
CA GLN A 315 -52.20 53.34 55.37
C GLN A 315 -53.15 54.26 56.09
N SER A 316 -52.91 54.55 57.36
CA SER A 316 -53.75 55.48 58.11
C SER A 316 -53.03 56.76 58.50
N LEU A 317 -51.87 57.04 57.89
CA LEU A 317 -51.07 58.20 58.24
C LEU A 317 -51.33 59.34 57.27
N ASP A 318 -51.49 60.54 57.81
CA ASP A 318 -51.64 61.75 57.03
C ASP A 318 -50.80 62.84 57.67
N PRO A 319 -50.44 63.88 56.91
CA PRO A 319 -49.55 64.92 57.48
C PRO A 319 -50.15 65.70 58.63
N TRP A 320 -51.46 65.68 58.82
CA TRP A 320 -52.07 66.46 59.89
C TRP A 320 -52.12 65.71 61.21
N ASN A 321 -51.70 64.45 61.23
CA ASN A 321 -51.65 63.65 62.43
C ASN A 321 -50.26 63.11 62.74
N ASN A 322 -49.42 62.90 61.73
CA ASN A 322 -48.09 62.33 61.93
C ASN A 322 -47.08 63.45 62.15
N SER A 323 -47.25 64.15 63.27
CA SER A 323 -46.41 65.31 63.55
C SER A 323 -45.02 64.93 64.05
N ARG A 324 -44.86 63.75 64.65
CA ARG A 324 -43.56 63.41 65.24
C ARG A 324 -42.51 63.13 64.19
N ASN A 325 -42.92 62.70 63.00
CA ASN A 325 -41.96 62.46 61.92
C ASN A 325 -41.68 63.77 61.21
N PRO A 326 -40.44 64.27 61.24
CA PRO A 326 -40.17 65.56 60.59
C PRO A 326 -40.06 65.48 59.09
N TRP A 327 -39.80 64.31 58.51
CA TRP A 327 -39.62 64.15 57.08
C TRP A 327 -40.88 63.72 56.35
N PHE A 328 -42.03 63.71 57.01
CA PHE A 328 -43.23 63.14 56.40
C PHE A 328 -43.84 64.06 55.35
N ARG A 329 -43.83 65.36 55.57
CA ARG A 329 -44.46 66.29 54.64
C ARG A 329 -43.72 66.33 53.31
N GLU A 330 -42.40 66.26 53.35
CA GLU A 330 -41.63 66.20 52.12
C GLU A 330 -41.95 64.94 51.33
N PHE A 331 -42.10 63.81 52.01
CA PHE A 331 -42.51 62.58 51.35
C PHE A 331 -43.89 62.71 50.73
N TRP A 332 -44.82 63.34 51.45
CA TRP A 332 -46.16 63.55 50.91
C TRP A 332 -46.12 64.38 49.65
N GLU A 333 -45.32 65.45 49.64
CA GLU A 333 -45.23 66.31 48.47
C GLU A 333 -44.57 65.58 47.30
N GLN A 334 -43.53 64.79 47.55
CA GLN A 334 -42.92 64.04 46.47
C GLN A 334 -43.88 62.99 45.92
N ARG A 335 -44.65 62.35 46.80
CA ARG A 335 -45.51 61.26 46.37
C ARG A 335 -46.69 61.78 45.56
N PHE A 336 -47.49 62.65 46.15
CA PHE A 336 -48.73 63.07 45.51
C PHE A 336 -48.57 64.28 44.62
N ARG A 337 -47.34 64.76 44.41
CA ARG A 337 -47.04 65.86 43.50
C ARG A 337 -47.89 67.09 43.77
N CYS A 338 -47.87 67.55 45.02
CA CYS A 338 -48.63 68.72 45.42
C CYS A 338 -47.74 69.60 46.30
N SER A 339 -48.32 70.69 46.78
CA SER A 339 -47.61 71.59 47.68
C SER A 339 -48.59 72.14 48.71
N PHE A 340 -48.17 72.15 49.97
CA PHE A 340 -49.04 72.61 51.04
C PHE A 340 -49.28 74.11 50.97
N ARG A 341 -48.47 74.84 50.19
CA ARG A 341 -48.64 76.28 50.08
C ARG A 341 -49.88 76.61 49.27
N GLN A 342 -50.18 75.82 48.24
CA GLN A 342 -51.35 76.06 47.39
C GLN A 342 -52.64 75.55 48.02
N ARG A 343 -52.57 74.85 49.15
CA ARG A 343 -53.75 74.32 49.84
C ARG A 343 -54.58 73.42 48.94
N ASP A 344 -53.96 72.32 48.48
CA ASP A 344 -54.62 71.35 47.63
C ASP A 344 -54.34 69.89 47.97
N CYS A 345 -53.54 69.60 48.99
CA CYS A 345 -53.15 68.24 49.31
C CYS A 345 -54.14 67.52 50.22
N ALA A 346 -55.21 68.18 50.62
CA ALA A 346 -56.12 67.58 51.59
C ALA A 346 -56.89 66.40 51.01
N ALA A 347 -57.17 66.40 49.71
CA ALA A 347 -57.99 65.36 49.11
C ALA A 347 -57.32 64.00 49.16
N HIS A 348 -56.01 63.95 48.90
CA HIS A 348 -55.32 62.68 48.77
C HIS A 348 -55.32 61.90 50.07
N SER A 349 -55.29 60.58 49.95
CA SER A 349 -55.23 59.67 51.07
C SER A 349 -54.43 58.45 50.67
N LEU A 350 -53.80 57.81 51.66
CA LEU A 350 -52.98 56.65 51.35
C LEU A 350 -53.78 55.38 51.25
N ARG A 351 -55.05 55.39 51.64
CA ARG A 351 -55.88 54.20 51.52
C ARG A 351 -56.27 53.95 50.07
N ALA A 352 -56.65 55.02 49.35
CA ALA A 352 -57.11 54.88 47.98
C ALA A 352 -56.00 54.34 47.07
N VAL A 353 -54.77 54.78 47.27
CA VAL A 353 -53.65 54.30 46.46
C VAL A 353 -53.23 52.93 46.98
N PRO A 354 -52.73 52.04 46.11
CA PRO A 354 -52.35 50.70 46.56
C PRO A 354 -51.08 50.71 47.40
N PHE A 355 -50.94 49.69 48.25
CA PHE A 355 -49.80 49.57 49.15
C PHE A 355 -48.98 48.34 48.78
N GLU A 356 -47.68 48.53 48.59
CA GLU A 356 -46.75 47.45 48.28
C GLU A 356 -45.65 47.45 49.34
N GLN A 357 -45.74 46.54 50.30
CA GLN A 357 -44.79 46.54 51.41
C GLN A 357 -43.39 46.19 50.94
N GLU A 358 -42.40 46.84 51.54
CA GLU A 358 -41.00 46.64 51.18
C GLU A 358 -40.50 45.31 51.74
N SER A 359 -39.45 44.78 51.11
CA SER A 359 -39.03 43.41 51.38
C SER A 359 -38.45 43.24 52.78
N LYS A 360 -37.54 44.11 53.18
CA LYS A 360 -36.75 43.90 54.39
C LYS A 360 -37.45 44.39 55.65
N ILE A 361 -38.73 44.75 55.58
CA ILE A 361 -39.43 45.30 56.74
C ILE A 361 -39.28 44.37 57.95
N MET A 362 -39.48 43.07 57.73
CA MET A 362 -39.38 42.09 58.81
C MET A 362 -38.07 42.23 59.59
N PHE A 363 -36.94 42.30 58.89
CA PHE A 363 -35.63 42.37 59.54
C PHE A 363 -35.53 43.52 60.54
N VAL A 364 -36.00 44.71 60.16
CA VAL A 364 -35.93 45.86 61.05
C VAL A 364 -36.63 45.55 62.37
N VAL A 365 -37.86 45.06 62.28
CA VAL A 365 -38.63 44.70 63.48
C VAL A 365 -37.84 43.71 64.32
N ASN A 366 -37.32 42.66 63.67
CA ASN A 366 -36.54 41.66 64.39
C ASN A 366 -35.42 42.33 65.18
N ALA A 367 -34.65 43.20 64.52
CA ALA A 367 -33.53 43.88 65.18
C ALA A 367 -33.98 44.60 66.44
N VAL A 368 -35.01 45.43 66.31
CA VAL A 368 -35.48 46.21 67.45
C VAL A 368 -35.90 45.29 68.58
N TYR A 369 -36.68 44.27 68.26
CA TYR A 369 -37.14 43.33 69.29
C TYR A 369 -35.96 42.64 69.96
N ALA A 370 -34.96 42.24 69.17
CA ALA A 370 -33.76 41.63 69.74
C ALA A 370 -33.16 42.54 70.82
N MET A 371 -32.93 43.81 70.46
CA MET A 371 -32.38 44.74 71.44
C MET A 371 -33.25 44.80 72.70
N ALA A 372 -34.56 44.95 72.51
CA ALA A 372 -35.47 45.01 73.64
C ALA A 372 -35.29 43.80 74.55
N HIS A 373 -35.34 42.60 73.97
CA HIS A 373 -35.20 41.38 74.77
C HIS A 373 -33.88 41.35 75.52
N ALA A 374 -32.79 41.72 74.85
CA ALA A 374 -31.50 41.74 75.52
C ALA A 374 -31.56 42.60 76.77
N LEU A 375 -32.04 43.83 76.62
CA LEU A 375 -32.13 44.72 77.78
C LEU A 375 -33.02 44.14 78.87
N HIS A 376 -34.16 43.56 78.48
CA HIS A 376 -35.06 42.94 79.45
C HIS A 376 -34.34 41.88 80.27
N ASN A 377 -33.62 40.98 79.60
CA ASN A 377 -32.88 39.94 80.32
C ASN A 377 -31.85 40.55 81.27
N MET A 378 -31.13 41.58 80.79
CA MET A 378 -30.19 42.26 81.65
C MET A 378 -30.87 42.78 82.91
N HIS A 379 -32.02 43.44 82.73
CA HIS A 379 -32.72 44.01 83.87
C HIS A 379 -33.25 42.94 84.80
N ARG A 380 -33.48 41.73 84.28
CA ARG A 380 -33.93 40.64 85.12
C ARG A 380 -32.79 40.09 85.95
N ALA A 381 -31.57 40.15 85.41
CA ALA A 381 -30.45 39.53 86.11
C ALA A 381 -29.82 40.50 87.10
N LEU A 382 -29.59 41.75 86.70
CA LEU A 382 -28.86 42.68 87.56
C LEU A 382 -29.61 42.96 88.86
N CYS A 383 -30.92 43.09 88.80
CA CYS A 383 -31.66 43.35 90.02
C CYS A 383 -33.10 42.89 89.90
N PRO A 384 -33.43 41.72 90.45
CA PRO A 384 -34.79 41.19 90.32
C PRO A 384 -35.82 41.80 91.26
N ASN A 385 -35.44 42.75 92.11
CA ASN A 385 -36.36 43.23 93.13
C ASN A 385 -37.49 44.06 92.55
N THR A 386 -37.19 44.96 91.62
CA THR A 386 -38.12 45.99 91.16
C THR A 386 -38.38 45.88 89.66
N THR A 387 -39.36 46.65 89.20
CA THR A 387 -39.69 46.77 87.78
C THR A 387 -39.12 48.02 87.14
N ARG A 388 -38.94 49.08 87.90
CA ARG A 388 -38.42 50.33 87.35
C ARG A 388 -36.95 50.19 87.01
N LEU A 389 -36.35 51.27 86.51
CA LEU A 389 -34.93 51.25 86.25
C LEU A 389 -34.18 51.14 87.57
N CYS A 390 -32.91 50.76 87.47
CA CYS A 390 -32.20 50.18 88.59
C CYS A 390 -30.90 50.92 88.82
N ASP A 391 -30.48 51.00 90.09
CA ASP A 391 -29.26 51.73 90.40
C ASP A 391 -28.02 51.05 89.84
N ALA A 392 -28.03 49.72 89.77
CA ALA A 392 -26.92 49.02 89.14
C ALA A 392 -26.86 49.30 87.64
N MET A 393 -28.02 49.42 87.00
CA MET A 393 -28.09 49.51 85.55
C MET A 393 -28.27 50.94 85.06
N ARG A 394 -28.13 51.95 85.95
CA ARG A 394 -28.18 53.35 85.53
C ARG A 394 -27.21 53.57 84.37
N PRO A 395 -25.86 53.48 84.53
CA PRO A 395 -25.04 53.53 83.32
C PRO A 395 -24.84 52.12 82.83
N VAL A 396 -25.48 51.75 81.72
CA VAL A 396 -25.44 50.37 81.27
C VAL A 396 -24.04 50.03 80.79
N ASN A 397 -23.54 48.87 81.21
CA ASN A 397 -22.26 48.39 80.74
C ASN A 397 -22.42 47.84 79.33
N GLY A 398 -21.61 48.30 78.39
CA GLY A 398 -21.79 47.87 77.03
C GLY A 398 -21.02 46.61 76.72
N ARG A 399 -19.94 46.39 77.48
CA ARG A 399 -19.19 45.16 77.35
C ARG A 399 -20.00 43.98 77.86
N ARG A 400 -20.59 44.13 79.04
CA ARG A 400 -21.45 43.07 79.58
C ARG A 400 -22.62 42.82 78.65
N LEU A 401 -23.28 43.89 78.21
CA LEU A 401 -24.47 43.73 77.40
C LEU A 401 -24.18 42.99 76.10
N TYR A 402 -23.10 43.38 75.42
CA TYR A 402 -22.81 42.72 74.16
C TYR A 402 -22.30 41.30 74.37
N LYS A 403 -21.40 41.10 75.33
CA LYS A 403 -20.76 39.80 75.41
C LYS A 403 -21.71 38.75 75.98
N ASP A 404 -22.59 39.14 76.91
CA ASP A 404 -23.44 38.18 77.59
C ASP A 404 -24.86 38.11 77.04
N PHE A 405 -25.53 39.24 76.89
CA PHE A 405 -26.97 39.19 76.64
C PHE A 405 -27.34 39.40 75.18
N VAL A 406 -26.56 40.18 74.43
CA VAL A 406 -26.92 40.43 73.04
C VAL A 406 -26.74 39.16 72.20
N LEU A 407 -25.66 38.43 72.41
CA LEU A 407 -25.38 37.29 71.56
C LEU A 407 -26.15 36.04 71.95
N ASN A 408 -26.81 36.02 73.10
CA ASN A 408 -27.50 34.82 73.59
C ASN A 408 -29.02 34.94 73.54
N VAL A 409 -29.55 35.85 72.75
CA VAL A 409 -31.00 36.04 72.64
C VAL A 409 -31.59 34.94 71.77
N LYS A 410 -32.80 34.50 72.12
CA LYS A 410 -33.47 33.47 71.32
C LYS A 410 -34.96 33.51 71.61
N PHE A 411 -35.76 33.85 70.61
CA PHE A 411 -37.20 33.96 70.77
C PHE A 411 -37.86 33.82 69.41
N ASP A 412 -39.15 33.49 69.42
CA ASP A 412 -39.91 33.41 68.17
C ASP A 412 -40.18 34.80 67.61
N ALA A 413 -40.14 34.90 66.28
CA ALA A 413 -40.30 36.19 65.62
C ALA A 413 -41.67 36.80 65.88
N PRO A 414 -41.74 38.11 66.09
CA PRO A 414 -43.04 38.80 66.27
C PRO A 414 -43.86 38.88 64.98
N PHE A 415 -45.18 38.85 65.15
CA PHE A 415 -46.13 39.00 64.04
C PHE A 415 -45.87 37.97 62.94
N ARG A 416 -45.55 36.76 63.37
CA ARG A 416 -45.36 35.65 62.45
C ARG A 416 -46.65 35.33 61.71
N PRO A 417 -46.56 34.90 60.46
CA PRO A 417 -47.75 34.39 59.78
C PRO A 417 -48.11 33.05 60.40
N ALA A 418 -49.36 32.64 60.25
CA ALA A 418 -49.80 31.43 60.92
C ALA A 418 -49.01 30.21 60.47
N ASP A 419 -48.77 29.30 61.42
CA ASP A 419 -48.10 28.02 61.17
C ASP A 419 -46.69 28.16 60.61
N THR A 420 -45.89 29.07 61.17
CA THR A 420 -44.49 29.18 60.79
C THR A 420 -43.61 29.03 62.02
N HIS A 421 -42.34 28.64 61.79
CA HIS A 421 -41.38 28.41 62.87
C HIS A 421 -40.11 29.23 62.63
N ASN A 422 -40.20 30.55 62.80
CA ASN A 422 -39.07 31.44 62.60
C ASN A 422 -38.55 31.90 63.94
N GLU A 423 -37.23 32.03 64.06
CA GLU A 423 -36.60 32.42 65.31
C GLU A 423 -35.53 33.47 65.05
N VAL A 424 -35.22 34.25 66.08
CA VAL A 424 -34.19 35.27 66.01
C VAL A 424 -33.05 34.80 66.91
N ARG A 425 -31.90 34.49 66.31
CA ARG A 425 -30.73 34.07 67.04
C ARG A 425 -29.48 34.49 66.29
N PHE A 426 -28.37 34.55 67.01
CA PHE A 426 -27.08 34.93 66.42
C PHE A 426 -26.10 33.78 66.59
N ASP A 427 -25.23 33.61 65.60
CA ASP A 427 -24.20 32.59 65.63
C ASP A 427 -22.98 33.11 66.40
N ARG A 428 -21.86 32.39 66.31
CA ARG A 428 -20.65 32.83 66.99
C ARG A 428 -20.18 34.20 66.48
N PHE A 429 -20.37 34.48 65.20
CA PHE A 429 -19.92 35.72 64.59
C PHE A 429 -21.01 36.78 64.53
N GLY A 430 -22.14 36.57 65.21
CA GLY A 430 -23.24 37.50 65.17
C GLY A 430 -23.84 37.75 63.80
N ASP A 431 -24.16 36.67 63.08
CA ASP A 431 -24.73 36.74 61.74
C ASP A 431 -26.03 35.95 61.70
N GLY A 432 -26.81 36.18 60.66
CA GLY A 432 -28.07 35.50 60.50
C GLY A 432 -27.92 34.21 59.72
N ILE A 433 -29.04 33.71 59.21
CA ILE A 433 -29.08 32.44 58.49
C ILE A 433 -29.27 32.71 57.01
N GLY A 434 -28.79 31.79 56.17
CA GLY A 434 -28.81 32.00 54.73
C GLY A 434 -29.94 31.33 54.00
N ARG A 435 -30.95 32.10 53.62
CA ARG A 435 -32.06 31.64 52.79
C ARG A 435 -32.43 32.75 51.83
N TYR A 436 -32.61 32.42 50.55
CA TYR A 436 -32.84 33.41 49.51
C TYR A 436 -33.99 32.97 48.60
N ASN A 437 -34.64 33.97 48.00
CA ASN A 437 -35.66 33.76 46.99
C ASN A 437 -35.16 34.29 45.66
N ILE A 438 -35.65 33.71 44.57
CA ILE A 438 -35.20 34.04 43.22
C ILE A 438 -36.39 34.53 42.42
N PHE A 439 -36.23 35.69 41.79
CA PHE A 439 -37.29 36.35 41.04
C PHE A 439 -36.88 36.56 39.59
N THR A 440 -37.88 36.64 38.71
CA THR A 440 -37.68 37.01 37.32
C THR A 440 -38.60 38.16 36.98
N TYR A 441 -38.18 39.00 36.04
CA TYR A 441 -38.94 40.16 35.61
C TYR A 441 -39.56 39.85 34.26
N LEU A 442 -40.88 39.94 34.17
CA LEU A 442 -41.58 39.53 32.96
C LEU A 442 -42.76 40.46 32.68
N ARG A 443 -43.22 40.43 31.44
CA ARG A 443 -44.36 41.20 30.98
C ARG A 443 -45.63 40.39 31.18
N ALA A 444 -46.51 40.85 32.04
CA ALA A 444 -47.74 40.13 32.29
C ALA A 444 -48.70 40.27 31.11
N GLY A 445 -49.58 39.30 30.97
CA GLY A 445 -50.57 39.30 29.90
C GLY A 445 -51.77 40.15 30.23
N GLY A 447 -50.03 42.96 29.71
CA GLY A 447 -49.94 44.40 29.67
C GLY A 447 -48.89 44.98 30.60
N ARG A 448 -49.15 44.90 31.90
CA ARG A 448 -48.23 45.44 32.89
C ARG A 448 -47.05 44.51 33.10
N TYR A 449 -45.98 45.06 33.66
CA TYR A 449 -44.81 44.30 34.06
C TYR A 449 -44.88 44.01 35.55
N ARG A 450 -44.21 42.93 35.96
CA ARG A 450 -44.21 42.56 37.37
C ARG A 450 -43.07 41.61 37.63
N TYR A 451 -42.72 41.47 38.90
CA TYR A 451 -41.75 40.48 39.36
C TYR A 451 -42.48 39.19 39.71
N GLN A 452 -41.81 38.07 39.49
CA GLN A 452 -42.39 36.75 39.72
C GLN A 452 -41.35 35.86 40.38
N LYS A 453 -41.76 35.12 41.40
CA LYS A 453 -40.85 34.23 42.12
C LYS A 453 -40.73 32.89 41.41
N VAL A 454 -39.50 32.40 41.26
CA VAL A 454 -39.26 31.19 40.47
C VAL A 454 -38.37 30.18 41.17
N GLY A 455 -38.15 30.31 42.46
CA GLY A 455 -37.39 29.32 43.19
C GLY A 455 -36.67 29.93 44.38
N TYR A 456 -35.86 29.10 45.04
CA TYR A 456 -35.17 29.49 46.27
C TYR A 456 -33.88 28.72 46.43
N TRP A 457 -32.99 29.25 47.27
CA TRP A 457 -31.73 28.62 47.63
C TRP A 457 -31.65 28.49 49.15
N ALA A 458 -31.61 27.25 49.63
CA ALA A 458 -31.59 26.93 51.05
C ALA A 458 -30.54 25.85 51.33
N GLU A 459 -29.32 26.09 50.85
CA GLU A 459 -28.18 25.18 50.74
C GLU A 459 -28.30 24.28 49.52
N GLY A 460 -29.36 24.43 48.72
CA GLY A 460 -29.46 23.75 47.45
C GLY A 460 -30.42 24.46 46.52
N LEU A 461 -30.00 24.69 45.28
CA LEU A 461 -30.81 25.43 44.33
C LEU A 461 -32.07 24.66 43.95
N THR A 462 -33.19 25.36 43.90
CA THR A 462 -34.47 24.75 43.52
C THR A 462 -35.28 25.79 42.77
N LEU A 463 -35.40 25.65 41.45
CA LEU A 463 -36.13 26.61 40.63
C LEU A 463 -37.12 25.90 39.72
N ASP A 464 -38.31 26.48 39.60
CA ASP A 464 -39.35 25.99 38.70
C ASP A 464 -39.21 26.70 37.36
N THR A 465 -38.63 25.99 36.38
CA THR A 465 -38.38 26.59 35.07
C THR A 465 -39.64 26.82 34.26
N SER A 466 -40.78 26.31 34.71
CA SER A 466 -42.02 26.50 33.95
C SER A 466 -42.47 27.95 33.97
N LEU A 467 -42.23 28.66 35.08
CA LEU A 467 -42.71 30.03 35.21
C LEU A 467 -41.88 31.00 34.38
N ILE A 468 -40.62 30.69 34.15
CA ILE A 468 -39.76 31.55 33.32
C ILE A 468 -40.24 31.47 31.88
N PRO A 469 -40.51 32.59 31.21
CA PRO A 469 -41.12 32.51 29.87
C PRO A 469 -40.12 32.16 28.78
N TRP A 470 -38.85 32.53 28.94
CA TRP A 470 -37.89 32.27 27.87
C TRP A 470 -37.23 30.90 27.97
N ALA A 471 -37.58 30.10 28.98
CA ALA A 471 -36.89 28.82 29.16
C ALA A 471 -37.80 27.64 28.85
N SER A 472 -38.70 27.31 29.78
CA SER A 472 -39.51 26.10 29.60
C SER A 472 -40.39 26.14 28.35
N PRO A 473 -41.04 27.25 28.00
CA PRO A 473 -41.86 27.24 26.79
C PRO A 473 -41.05 26.79 25.59
N SER A 474 -41.68 25.96 24.74
CA SER A 474 -40.97 25.38 23.61
C SER A 474 -40.40 26.46 22.70
N ALA A 475 -41.14 27.55 22.50
CA ALA A 475 -40.69 28.59 21.59
C ALA A 475 -39.35 29.15 22.05
N GLY A 476 -38.39 29.20 21.14
CA GLY A 476 -37.11 29.81 21.41
C GLY A 476 -36.09 28.86 21.97
N PRO A 477 -34.81 29.12 21.72
CA PRO A 477 -33.75 28.34 22.37
C PRO A 477 -33.16 29.08 23.56
N LEU A 478 -32.53 28.34 24.46
CA LEU A 478 -31.97 28.96 25.67
C LEU A 478 -30.83 29.91 25.29
N PRO A 479 -30.79 31.10 25.88
CA PRO A 479 -29.64 31.99 25.67
C PRO A 479 -28.33 31.27 25.97
N ALA A 480 -27.31 31.57 25.19
CA ALA A 480 -26.03 30.86 25.25
C ALA A 480 -24.92 31.83 25.65
N SER A 481 -23.98 31.33 26.45
CA SER A 481 -22.80 32.10 26.84
C SER A 481 -21.56 31.23 26.83
N ARG A 482 -21.34 30.48 25.76
CA ARG A 482 -20.17 29.63 25.61
C ARG A 482 -19.10 30.35 24.82
N CYS A 483 -17.83 30.14 25.21
CA CYS A 483 -16.73 30.69 24.42
C CYS A 483 -16.55 29.92 23.11
N SER A 484 -16.59 28.60 23.17
CA SER A 484 -16.29 27.76 22.02
C SER A 484 -17.35 26.68 21.86
N GLU A 485 -17.70 26.38 20.61
CA GLU A 485 -18.61 25.29 20.32
C GLU A 485 -17.93 23.95 20.59
N PRO A 486 -18.69 22.94 21.01
CA PRO A 486 -18.10 21.62 21.23
C PRO A 486 -17.53 21.02 19.95
N CYS A 487 -16.40 20.34 20.09
CA CYS A 487 -15.84 19.61 18.97
C CYS A 487 -16.66 18.36 18.68
N LEU A 488 -16.51 17.86 17.46
CA LEU A 488 -17.23 16.67 17.01
C LEU A 488 -16.48 15.42 17.45
N GLN A 489 -17.05 14.25 17.14
CA GLN A 489 -16.44 12.99 17.55
C GLN A 489 -15.15 12.72 16.77
N ASN A 490 -15.02 13.22 15.55
CA ASN A 490 -13.80 13.01 14.78
C ASN A 490 -12.78 14.13 14.96
N GLU A 491 -13.11 15.17 15.69
CA GLU A 491 -12.18 16.25 15.96
C GLU A 491 -11.58 16.12 17.36
N VAL A 492 -10.41 16.75 17.53
CA VAL A 492 -9.68 16.74 18.79
C VAL A 492 -9.48 18.17 19.27
N LYS A 493 -9.23 18.30 20.57
CA LYS A 493 -9.13 19.60 21.22
C LYS A 493 -7.66 19.90 21.51
N SER A 494 -7.23 21.10 21.10
CA SER A 494 -5.94 21.65 21.50
C SER A 494 -6.21 22.98 22.18
N VAL A 495 -5.98 23.03 23.50
CA VAL A 495 -6.39 24.19 24.28
C VAL A 495 -5.47 25.37 23.96
N GLN A 496 -6.06 26.55 23.86
CA GLN A 496 -5.28 27.78 23.72
C GLN A 496 -4.78 28.19 25.10
N PRO A 497 -3.48 28.46 25.25
CA PRO A 497 -2.95 28.82 26.57
C PRO A 497 -3.58 30.09 27.10
N GLY A 498 -3.83 30.11 28.42
CA GLY A 498 -4.42 31.25 29.08
C GLY A 498 -5.92 31.21 29.21
N GLU A 499 -6.60 30.30 28.53
CA GLU A 499 -8.06 30.18 28.61
C GLU A 499 -8.43 28.71 28.65
N VAL A 500 -8.81 28.20 29.82
CA VAL A 500 -9.22 26.81 29.93
C VAL A 500 -10.53 26.56 29.18
N CYS A 501 -11.48 27.48 29.29
CA CYS A 501 -12.78 27.25 28.65
C CYS A 501 -12.64 27.15 27.13
N CYS A 502 -11.83 28.00 26.53
CA CYS A 502 -11.76 28.03 25.07
C CYS A 502 -10.76 26.99 24.58
N TRP A 503 -11.00 26.51 23.36
CA TRP A 503 -10.17 25.45 22.78
C TRP A 503 -10.22 25.54 21.27
N LEU A 504 -9.35 24.77 20.63
CA LEU A 504 -9.30 24.68 19.18
C LEU A 504 -9.68 23.28 18.72
N CYS A 505 -10.64 23.19 17.81
CA CYS A 505 -11.04 21.92 17.22
C CYS A 505 -10.19 21.63 15.98
N ILE A 506 -9.57 20.46 15.95
CA ILE A 506 -8.73 20.05 14.84
C ILE A 506 -9.21 18.70 14.33
N PRO A 507 -9.54 18.55 13.05
CA PRO A 507 -10.04 17.27 12.55
C PRO A 507 -8.91 16.28 12.31
N CYS A 508 -9.24 15.01 12.49
CA CYS A 508 -8.28 13.93 12.35
C CYS A 508 -8.34 13.33 10.94
N GLN A 509 -7.23 12.75 10.51
CA GLN A 509 -7.17 12.10 9.22
C GLN A 509 -8.12 10.91 9.19
N PRO A 510 -8.62 10.52 8.01
CA PRO A 510 -9.65 9.47 7.96
C PRO A 510 -9.21 8.16 8.57
N TYR A 511 -7.91 7.84 8.53
CA TYR A 511 -7.41 6.58 9.02
C TYR A 511 -6.97 6.61 10.48
N GLU A 512 -7.15 7.74 11.17
CA GLU A 512 -6.78 7.85 12.57
C GLU A 512 -8.00 7.77 13.47
N TYR A 513 -7.78 7.33 14.71
CA TYR A 513 -8.84 7.15 15.68
C TYR A 513 -8.50 7.91 16.95
N ARG A 514 -9.54 8.36 17.65
CA ARG A 514 -9.39 9.28 18.78
C ARG A 514 -9.26 8.47 20.06
N LEU A 515 -8.03 8.27 20.53
CA LEU A 515 -7.82 7.46 21.74
C LEU A 515 -8.23 8.22 22.99
N ASP A 516 -7.90 9.50 23.08
CA ASP A 516 -8.26 10.34 24.21
C ASP A 516 -8.83 11.66 23.71
N GLU A 517 -9.32 12.46 24.64
CA GLU A 517 -10.09 13.64 24.27
C GLU A 517 -9.26 14.64 23.48
N PHE A 518 -7.95 14.71 23.75
CA PHE A 518 -7.10 15.75 23.18
C PHE A 518 -6.21 15.27 22.04
N THR A 519 -6.25 13.98 21.70
CA THR A 519 -5.35 13.50 20.66
C THR A 519 -5.97 12.27 20.01
N CYS A 520 -5.62 12.03 18.75
CA CYS A 520 -6.08 10.87 18.01
C CYS A 520 -4.89 10.19 17.35
N ALA A 521 -4.87 8.87 17.42
CA ALA A 521 -3.81 8.07 16.82
C ALA A 521 -4.34 7.33 15.60
N ASP A 522 -3.41 6.85 14.78
CA ASP A 522 -3.77 6.12 13.58
C ASP A 522 -3.86 4.62 13.86
N CYS A 523 -4.84 3.98 13.23
CA CYS A 523 -4.90 2.51 13.34
C CYS A 523 -3.75 1.95 12.50
N GLY A 524 -3.41 0.68 12.68
CA GLY A 524 -2.30 0.06 11.94
C GLY A 524 -2.64 -0.12 10.47
N LEU A 525 -1.64 -0.34 9.62
CA LEU A 525 -1.91 -0.60 8.18
C LEU A 525 -2.78 -1.86 8.09
N GLY A 526 -3.80 -1.83 7.24
CA GLY A 526 -4.74 -2.97 7.13
C GLY A 526 -5.81 -2.90 8.19
N TYR A 527 -5.82 -1.84 9.00
CA TYR A 527 -6.88 -1.64 10.01
C TYR A 527 -7.49 -0.26 9.78
N TRP A 528 -8.79 -0.14 10.03
CA TRP A 528 -9.50 1.15 9.79
C TRP A 528 -10.20 1.55 11.08
N PRO A 529 -10.31 2.85 11.42
CA PRO A 529 -10.90 3.26 12.69
C PRO A 529 -12.34 2.78 12.87
N ASN A 530 -12.69 2.38 14.10
CA ASN A 530 -14.07 1.94 14.41
C ASN A 530 -14.98 3.17 14.31
N ALA A 531 -16.29 2.97 14.19
CA ALA A 531 -17.25 4.10 14.13
C ALA A 531 -17.12 4.92 15.43
N SER A 532 -16.82 4.27 16.55
CA SER A 532 -16.60 4.99 17.84
C SER A 532 -15.37 5.90 17.72
N LEU A 533 -14.48 5.59 16.78
CA LEU A 533 -13.23 6.37 16.59
C LEU A 533 -12.35 6.12 17.82
N THR A 534 -12.51 4.97 18.46
CA THR A 534 -11.66 4.58 19.57
C THR A 534 -10.96 3.24 19.33
N GLY A 535 -11.38 2.47 18.33
CA GLY A 535 -10.74 1.20 18.05
C GLY A 535 -10.35 1.01 16.60
N CYS A 536 -10.12 -0.24 16.20
CA CYS A 536 -9.70 -0.55 14.84
C CYS A 536 -10.39 -1.83 14.40
N PHE A 537 -11.02 -1.80 13.22
CA PHE A 537 -11.62 -2.99 12.62
C PHE A 537 -10.81 -3.39 11.39
N GLU A 538 -10.39 -4.65 11.36
CA GLU A 538 -9.55 -5.13 10.27
C GLU A 538 -10.27 -4.99 8.94
N LEU A 539 -9.54 -4.55 7.92
CA LEU A 539 -10.11 -4.36 6.59
C LEU A 539 -10.31 -5.69 5.89
N PRO A 540 -11.46 -5.89 5.25
CA PRO A 540 -11.69 -7.13 4.51
C PRO A 540 -10.71 -7.29 3.35
N GLN A 541 -10.35 -8.55 3.08
CA GLN A 541 -9.46 -8.86 1.96
C GLN A 541 -10.28 -8.94 0.69
N GLU A 542 -9.84 -8.23 -0.34
CA GLU A 542 -10.59 -8.11 -1.57
C GLU A 542 -9.88 -8.81 -2.71
N TYR A 543 -10.66 -9.42 -3.59
CA TYR A 543 -10.15 -10.08 -4.79
C TYR A 543 -11.26 -10.12 -5.82
N ILE A 544 -10.88 -10.42 -7.06
CA ILE A 544 -11.85 -10.49 -8.14
C ILE A 544 -12.78 -11.67 -7.93
N ARG A 545 -14.07 -11.45 -8.17
CA ARG A 545 -15.09 -12.47 -7.96
C ARG A 545 -15.72 -12.87 -9.29
N TRP A 546 -16.40 -14.02 -9.26
CA TRP A 546 -17.02 -14.54 -10.47
C TRP A 546 -18.12 -13.62 -10.98
N GLY A 547 -18.90 -13.04 -10.07
CA GLY A 547 -20.05 -12.27 -10.48
C GLY A 547 -19.76 -10.88 -10.99
N ASP A 548 -18.51 -10.43 -10.91
CA ASP A 548 -18.16 -9.11 -11.37
C ASP A 548 -18.35 -8.99 -12.88
N ALA A 549 -18.68 -7.78 -13.33
CA ALA A 549 -18.87 -7.55 -14.76
C ALA A 549 -17.59 -7.76 -15.54
N TRP A 550 -16.43 -7.62 -14.89
CA TRP A 550 -15.17 -7.83 -15.57
C TRP A 550 -14.87 -9.32 -15.76
N ALA A 551 -15.57 -10.20 -15.05
CA ALA A 551 -15.28 -11.62 -15.13
C ALA A 551 -16.14 -12.35 -16.14
N VAL A 552 -17.34 -11.84 -16.43
CA VAL A 552 -18.27 -12.57 -17.29
C VAL A 552 -17.71 -12.71 -18.70
N GLY A 553 -17.15 -11.63 -19.24
CA GLY A 553 -16.65 -11.62 -20.61
C GLY A 553 -15.62 -12.68 -20.89
N PRO A 554 -14.49 -12.63 -20.19
CA PRO A 554 -13.44 -13.64 -20.42
C PRO A 554 -13.91 -15.06 -20.24
N VAL A 555 -14.78 -15.30 -19.25
CA VAL A 555 -15.31 -16.64 -19.04
C VAL A 555 -16.12 -17.10 -20.24
N THR A 556 -16.97 -16.22 -20.78
CA THR A 556 -17.74 -16.58 -21.96
C THR A 556 -16.85 -16.89 -23.15
N ILE A 557 -15.82 -16.07 -23.36
CA ILE A 557 -14.90 -16.30 -24.47
C ILE A 557 -14.18 -17.64 -24.31
N ALA A 558 -13.73 -17.94 -23.08
CA ALA A 558 -13.05 -19.21 -22.85
C ALA A 558 -13.96 -20.39 -23.11
N CYS A 559 -15.21 -20.31 -22.67
CA CYS A 559 -16.15 -21.40 -22.91
C CYS A 559 -16.38 -21.61 -24.40
N LEU A 560 -16.55 -20.53 -25.15
CA LEU A 560 -16.75 -20.65 -26.60
C LEU A 560 -15.52 -21.26 -27.26
N GLY A 561 -14.33 -20.85 -26.84
CA GLY A 561 -13.12 -21.43 -27.40
C GLY A 561 -13.01 -22.92 -27.13
N ALA A 562 -13.37 -23.34 -25.91
CA ALA A 562 -13.32 -24.76 -25.59
C ALA A 562 -14.29 -25.56 -26.46
N LEU A 563 -15.51 -25.04 -26.64
CA LEU A 563 -16.46 -25.73 -27.51
C LEU A 563 -15.96 -25.83 -28.94
N ALA A 564 -15.38 -24.74 -29.47
CA ALA A 564 -14.87 -24.78 -30.84
C ALA A 564 -13.76 -25.79 -30.98
N THR A 565 -12.85 -25.86 -29.99
CA THR A 565 -11.79 -26.86 -30.06
C THR A 565 -12.35 -28.26 -30.07
N LEU A 566 -13.35 -28.52 -29.23
CA LEU A 566 -13.95 -29.86 -29.20
C LEU A 566 -14.61 -30.20 -30.54
N PHE A 567 -15.28 -29.23 -31.15
CA PHE A 567 -15.90 -29.50 -32.45
C PHE A 567 -14.86 -29.83 -33.51
N VAL A 568 -13.77 -29.08 -33.54
CA VAL A 568 -12.72 -29.35 -34.53
C VAL A 568 -12.11 -30.74 -34.30
N LEU A 569 -11.86 -31.08 -33.04
CA LEU A 569 -11.31 -32.40 -32.73
C LEU A 569 -12.26 -33.51 -33.17
N GLY A 570 -13.56 -33.35 -32.92
CA GLY A 570 -14.51 -34.33 -33.37
C GLY A 570 -14.54 -34.46 -34.88
N VAL A 571 -14.31 -33.35 -35.59
CA VAL A 571 -14.34 -33.40 -37.04
C VAL A 571 -13.15 -34.21 -37.55
N PHE A 572 -11.96 -33.91 -37.03
CA PHE A 572 -10.78 -34.64 -37.47
C PHE A 572 -10.88 -36.11 -37.13
N VAL A 573 -11.40 -36.44 -35.95
CA VAL A 573 -11.58 -37.84 -35.57
C VAL A 573 -12.51 -38.56 -36.55
N ARG A 574 -13.69 -38.00 -36.81
CA ARG A 574 -14.63 -38.66 -37.71
C ARG A 574 -14.02 -38.97 -39.07
N HIS A 575 -13.23 -38.04 -39.61
CA HIS A 575 -12.64 -38.16 -40.94
C HIS A 575 -11.14 -38.43 -40.88
N ASN A 576 -10.70 -39.29 -39.96
CA ASN A 576 -9.26 -39.48 -39.77
C ASN A 576 -8.62 -40.33 -40.86
N ALA A 577 -9.38 -40.87 -41.80
CA ALA A 577 -8.84 -41.73 -42.84
C ALA A 577 -8.70 -41.04 -44.18
N THR A 578 -9.11 -39.79 -44.28
CA THR A 578 -9.10 -39.05 -45.53
C THR A 578 -7.67 -38.63 -45.88
N PRO A 579 -7.35 -38.53 -47.17
CA PRO A 579 -5.97 -38.17 -47.54
C PRO A 579 -5.46 -36.88 -46.93
N VAL A 580 -6.29 -35.85 -46.83
CA VAL A 580 -5.79 -34.57 -46.34
C VAL A 580 -5.45 -34.65 -44.84
N VAL A 581 -6.19 -35.44 -44.07
CA VAL A 581 -5.85 -35.59 -42.66
C VAL A 581 -4.57 -36.40 -42.51
N LYS A 582 -4.42 -37.46 -43.29
CA LYS A 582 -3.19 -38.24 -43.21
C LYS A 582 -1.98 -37.43 -43.67
N ALA A 583 -2.19 -36.46 -44.56
CA ALA A 583 -1.07 -35.66 -45.05
C ALA A 583 -0.37 -34.93 -43.90
N SER A 584 -1.13 -34.52 -42.89
CA SER A 584 -0.58 -33.91 -41.69
C SER A 584 -0.44 -34.98 -40.63
N GLY A 585 0.41 -34.73 -39.65
CA GLY A 585 0.51 -35.67 -38.54
C GLY A 585 -0.81 -35.70 -37.79
N ARG A 586 -1.24 -36.90 -37.40
CA ARG A 586 -2.44 -36.98 -36.60
C ARG A 586 -2.13 -36.94 -35.10
N GLU A 587 -1.04 -37.59 -34.69
CA GLU A 587 -0.68 -37.60 -33.29
C GLU A 587 -0.27 -36.22 -32.81
N LEU A 588 0.51 -35.52 -33.65
CA LEU A 588 0.92 -34.18 -33.28
C LEU A 588 -0.25 -33.21 -33.42
N CYS A 589 -1.17 -33.48 -34.34
CA CYS A 589 -2.37 -32.65 -34.41
C CYS A 589 -3.18 -32.76 -33.14
N TYR A 590 -3.34 -33.98 -32.61
CA TYR A 590 -4.06 -34.15 -31.35
C TYR A 590 -3.36 -33.44 -30.21
N ILE A 591 -2.03 -33.54 -30.15
CA ILE A 591 -1.30 -32.87 -29.08
C ILE A 591 -1.45 -31.36 -29.18
N LEU A 592 -1.37 -30.82 -30.39
CA LEU A 592 -1.54 -29.37 -30.57
C LEU A 592 -2.93 -28.92 -30.17
N LEU A 593 -3.95 -29.72 -30.51
CA LEU A 593 -5.31 -29.36 -30.10
C LEU A 593 -5.45 -29.37 -28.59
N GLY A 594 -4.81 -30.33 -27.92
CA GLY A 594 -4.82 -30.33 -26.47
C GLY A 594 -4.17 -29.09 -25.89
N GLY A 595 -3.06 -28.66 -26.49
CA GLY A 595 -2.43 -27.43 -26.04
C GLY A 595 -3.32 -26.22 -26.20
N VAL A 596 -4.03 -26.13 -27.32
CA VAL A 596 -4.98 -25.02 -27.51
C VAL A 596 -6.07 -25.06 -26.44
N PHE A 597 -6.56 -26.25 -26.13
CA PHE A 597 -7.58 -26.38 -25.10
C PHE A 597 -7.07 -25.90 -23.77
N LEU A 598 -5.82 -26.24 -23.43
CA LEU A 598 -5.25 -25.77 -22.17
C LEU A 598 -5.11 -24.25 -22.17
N CYS A 599 -4.74 -23.67 -23.33
CA CYS A 599 -4.66 -22.22 -23.43
C CYS A 599 -5.98 -21.57 -23.06
N TYR A 600 -7.09 -22.12 -23.54
CA TYR A 600 -8.38 -21.58 -23.14
C TYR A 600 -8.67 -21.84 -21.66
N CYS A 601 -8.35 -23.03 -21.17
CA CYS A 601 -8.68 -23.39 -19.79
C CYS A 601 -7.97 -22.54 -18.76
N MET A 602 -6.84 -21.93 -19.12
CA MET A 602 -6.08 -21.15 -18.14
C MET A 602 -6.86 -20.02 -17.48
N THR A 603 -7.91 -19.52 -18.14
CA THR A 603 -8.66 -18.40 -17.58
C THR A 603 -9.34 -18.77 -16.26
N PHE A 604 -9.93 -19.96 -16.20
CA PHE A 604 -10.61 -20.38 -14.97
C PHE A 604 -9.65 -20.46 -13.80
N ILE A 605 -8.41 -20.90 -14.07
CA ILE A 605 -7.40 -20.87 -13.02
C ILE A 605 -7.11 -19.43 -12.62
N PHE A 606 -7.00 -18.53 -13.60
CA PHE A 606 -6.61 -17.17 -13.24
C PHE A 606 -7.72 -16.37 -12.57
N ILE A 607 -8.96 -16.84 -12.57
CA ILE A 607 -10.02 -16.13 -11.87
C ILE A 607 -10.36 -16.74 -10.51
N ALA A 608 -9.86 -17.93 -10.22
CA ALA A 608 -10.15 -18.56 -8.93
C ALA A 608 -9.47 -17.80 -7.80
N LYS A 609 -10.07 -17.86 -6.62
CA LYS A 609 -9.50 -17.18 -5.45
C LYS A 609 -8.14 -17.77 -5.10
N PRO A 610 -7.12 -16.94 -4.87
CA PRO A 610 -5.78 -17.47 -4.60
C PRO A 610 -5.77 -18.36 -3.37
N SER A 611 -5.00 -19.44 -3.44
CA SER A 611 -4.88 -20.38 -2.35
C SER A 611 -3.46 -20.93 -2.34
N THR A 612 -3.24 -22.00 -1.57
CA THR A 612 -1.94 -22.65 -1.57
C THR A 612 -1.72 -23.47 -2.83
N ALA A 613 -2.80 -23.90 -3.48
CA ALA A 613 -2.69 -24.70 -4.70
C ALA A 613 -2.89 -23.88 -5.96
N VAL A 614 -3.74 -22.86 -5.93
CA VAL A 614 -4.07 -22.12 -7.14
C VAL A 614 -2.84 -21.41 -7.68
N CYS A 615 -2.00 -20.87 -6.79
CA CYS A 615 -0.81 -20.19 -7.27
C CYS A 615 0.12 -21.15 -8.01
N THR A 616 0.19 -22.40 -7.58
CA THR A 616 1.01 -23.38 -8.27
C THR A 616 0.52 -23.63 -9.69
N LEU A 617 -0.80 -23.79 -9.85
CA LEU A 617 -1.36 -23.95 -11.18
C LEU A 617 -1.10 -22.72 -12.04
N ARG A 618 -1.24 -21.54 -11.44
CA ARG A 618 -0.94 -20.31 -12.15
C ARG A 618 0.48 -20.30 -12.64
N ARG A 619 1.41 -20.83 -11.85
CA ARG A 619 2.80 -20.83 -12.27
C ARG A 619 3.10 -21.88 -13.33
N LEU A 620 2.40 -23.01 -13.30
CA LEU A 620 2.72 -24.10 -14.24
C LEU A 620 2.04 -23.91 -15.59
N GLY A 621 0.70 -23.83 -15.59
CA GLY A 621 -0.03 -23.94 -16.83
C GLY A 621 0.30 -22.86 -17.82
N LEU A 622 0.58 -21.65 -17.33
CA LEU A 622 0.82 -20.51 -18.22
C LEU A 622 1.95 -20.79 -19.19
N GLY A 623 3.09 -21.26 -18.68
CA GLY A 623 4.18 -21.65 -19.56
C GLY A 623 3.90 -22.95 -20.29
N THR A 624 3.25 -23.90 -19.61
CA THR A 624 3.10 -25.24 -20.17
C THR A 624 2.29 -25.24 -21.46
N ALA A 625 1.22 -24.45 -21.52
CA ALA A 625 0.37 -24.47 -22.71
C ALA A 625 1.13 -24.00 -23.95
N PHE A 626 1.82 -22.87 -23.84
CA PHE A 626 2.60 -22.36 -24.96
C PHE A 626 3.68 -23.36 -25.36
N SER A 627 4.34 -23.96 -24.37
CA SER A 627 5.38 -24.93 -24.68
C SER A 627 4.81 -26.11 -25.46
N VAL A 628 3.64 -26.59 -25.06
CA VAL A 628 3.02 -27.72 -25.75
C VAL A 628 2.77 -27.38 -27.21
N CYS A 629 2.11 -26.24 -27.46
CA CYS A 629 1.76 -25.90 -28.83
C CYS A 629 3.00 -25.77 -29.71
N TYR A 630 4.00 -25.03 -29.23
CA TYR A 630 5.16 -24.77 -30.08
C TYR A 630 6.02 -26.01 -30.28
N SER A 631 6.12 -26.88 -29.26
CA SER A 631 6.85 -28.13 -29.45
C SER A 631 6.18 -29.00 -30.50
N ALA A 632 4.85 -29.09 -30.47
CA ALA A 632 4.16 -29.87 -31.48
C ALA A 632 4.45 -29.35 -32.88
N LEU A 633 4.36 -28.03 -33.06
CA LEU A 633 4.65 -27.46 -34.38
C LEU A 633 6.07 -27.78 -34.81
N LEU A 634 7.04 -27.62 -33.90
CA LEU A 634 8.44 -27.82 -34.27
C LEU A 634 8.67 -29.24 -34.77
N THR A 635 8.23 -30.24 -34.01
CA THR A 635 8.49 -31.61 -34.45
C THR A 635 7.75 -31.93 -35.74
N LYS A 636 6.50 -31.47 -35.87
CA LYS A 636 5.73 -31.78 -37.07
C LYS A 636 6.39 -31.24 -38.32
N THR A 637 6.87 -30.00 -38.28
CA THR A 637 7.56 -29.47 -39.45
C THR A 637 8.91 -30.13 -39.65
N ASN A 638 9.57 -30.50 -38.55
CA ASN A 638 10.91 -31.04 -38.66
C ASN A 638 10.92 -32.37 -39.42
N ARG A 639 9.96 -33.26 -39.12
CA ARG A 639 10.08 -34.56 -39.77
C ARG A 639 9.84 -34.45 -41.27
N ILE A 640 8.93 -33.57 -41.70
CA ILE A 640 8.70 -33.38 -43.13
C ILE A 640 9.92 -32.77 -43.79
N ALA A 641 10.54 -31.78 -43.14
CA ALA A 641 11.74 -31.18 -43.71
C ALA A 641 12.82 -32.24 -43.89
N ARG A 642 13.03 -33.08 -42.88
CA ARG A 642 14.06 -34.10 -42.99
C ARG A 642 13.71 -35.16 -44.02
N ILE A 643 12.44 -35.52 -44.13
CA ILE A 643 12.04 -36.53 -45.13
C ILE A 643 12.33 -36.02 -46.53
N PHE A 644 11.96 -34.77 -46.82
CA PHE A 644 12.20 -34.26 -48.15
C PHE A 644 13.65 -33.89 -48.39
N GLY A 645 14.45 -33.74 -47.32
CA GLY A 645 15.86 -33.49 -47.48
C GLY A 645 16.70 -34.75 -47.60
N GLY A 646 16.15 -35.88 -47.14
CA GLY A 646 16.91 -37.11 -47.10
C GLY A 646 17.15 -37.74 -48.45
N ALA A 647 16.37 -37.37 -49.46
CA ALA A 647 16.57 -37.93 -50.80
C ALA A 647 17.93 -37.59 -51.37
N ARG A 648 18.58 -36.53 -50.88
CA ARG A 648 19.94 -36.23 -51.32
C ARG A 648 20.90 -37.35 -50.96
N GLU A 649 20.79 -37.90 -49.75
CA GLU A 649 21.62 -39.04 -49.38
C GLU A 649 21.31 -40.25 -50.25
N GLY A 650 20.07 -40.75 -50.18
CA GLY A 650 19.63 -41.79 -51.08
C GLY A 650 19.26 -43.11 -50.45
N ALA A 651 17.98 -43.48 -50.56
CA ALA A 651 17.48 -44.80 -50.16
C ALA A 651 17.87 -45.15 -48.73
N GLN A 652 17.79 -44.16 -47.83
CA GLN A 652 18.11 -44.36 -46.43
C GLN A 652 16.91 -43.93 -45.61
N ARG A 653 16.36 -44.84 -44.83
CA ARG A 653 15.22 -44.53 -43.99
C ARG A 653 15.63 -43.57 -42.89
N PRO A 654 15.02 -42.39 -42.79
CA PRO A 654 15.44 -41.42 -41.78
C PRO A 654 15.24 -41.97 -40.38
N ARG A 655 16.12 -41.56 -39.46
CA ARG A 655 16.03 -42.00 -38.09
C ARG A 655 14.97 -41.21 -37.34
N PHE A 656 14.17 -41.92 -36.56
CA PHE A 656 13.14 -41.34 -35.69
C PHE A 656 12.09 -40.57 -36.51
N ILE A 657 11.44 -41.28 -37.43
CA ILE A 657 10.28 -40.72 -38.11
C ILE A 657 9.04 -41.58 -37.92
N SER A 658 9.08 -42.52 -36.98
CA SER A 658 7.93 -43.35 -36.70
C SER A 658 6.85 -42.54 -36.00
N PRO A 659 5.60 -43.01 -36.06
CA PRO A 659 4.53 -42.31 -35.34
C PRO A 659 4.72 -42.31 -33.83
N ALA A 660 5.68 -43.06 -33.30
CA ALA A 660 5.93 -43.10 -31.86
C ALA A 660 7.14 -42.29 -31.45
N SER A 661 8.18 -42.22 -32.28
CA SER A 661 9.37 -41.43 -31.93
C SER A 661 9.03 -39.95 -31.81
N GLN A 662 8.14 -39.46 -32.68
CA GLN A 662 7.73 -38.06 -32.62
C GLN A 662 7.07 -37.72 -31.30
N VAL A 663 6.21 -38.61 -30.78
CA VAL A 663 5.61 -38.36 -29.47
C VAL A 663 6.68 -38.24 -28.40
N ALA A 664 7.68 -39.12 -28.45
CA ALA A 664 8.74 -39.05 -27.46
C ALA A 664 9.48 -37.72 -27.53
N ILE A 665 9.80 -37.26 -28.75
CA ILE A 665 10.52 -36.00 -28.89
C ILE A 665 9.70 -34.83 -28.37
N CYS A 666 8.40 -34.78 -28.72
CA CYS A 666 7.54 -33.71 -28.25
C CYS A 666 7.44 -33.69 -26.72
N LEU A 667 7.28 -34.87 -26.12
CA LEU A 667 7.19 -34.93 -24.66
C LEU A 667 8.50 -34.52 -24.00
N ALA A 668 9.64 -34.86 -24.59
CA ALA A 668 10.91 -34.39 -24.02
C ALA A 668 11.00 -32.87 -24.06
N LEU A 669 10.60 -32.27 -25.18
CA LEU A 669 10.66 -30.82 -25.28
C LEU A 669 9.74 -30.14 -24.27
N ILE A 670 8.56 -30.71 -24.02
CA ILE A 670 7.69 -30.16 -22.98
C ILE A 670 8.29 -30.36 -21.59
N SER A 671 8.89 -31.53 -21.35
CA SER A 671 9.43 -31.84 -20.05
C SER A 671 10.56 -30.90 -19.66
N GLY A 672 11.28 -30.37 -20.64
CA GLY A 672 12.30 -29.37 -20.31
C GLY A 672 11.71 -28.15 -19.63
N GLN A 673 10.62 -27.62 -20.19
CA GLN A 673 9.94 -26.48 -19.57
C GLN A 673 9.37 -26.85 -18.21
N LEU A 674 8.80 -28.05 -18.10
CA LEU A 674 8.29 -28.49 -16.79
C LEU A 674 9.39 -28.52 -15.76
N LEU A 675 10.57 -28.99 -16.14
CA LEU A 675 11.71 -29.03 -15.23
C LEU A 675 12.08 -27.63 -14.76
N ILE A 676 12.17 -26.67 -15.69
CA ILE A 676 12.53 -25.31 -15.29
C ILE A 676 11.52 -24.76 -14.28
N VAL A 677 10.23 -24.94 -14.58
CA VAL A 677 9.20 -24.39 -13.72
C VAL A 677 9.22 -25.03 -12.35
N VAL A 678 9.40 -26.35 -12.29
CA VAL A 678 9.41 -27.03 -11.00
C VAL A 678 10.63 -26.64 -10.17
N ALA A 679 11.78 -26.45 -10.81
CA ALA A 679 12.95 -25.99 -10.07
C ALA A 679 12.70 -24.62 -9.45
N TRP A 680 12.20 -23.68 -10.25
CA TRP A 680 11.94 -22.36 -9.68
C TRP A 680 10.84 -22.39 -8.65
N LEU A 681 9.89 -23.32 -8.78
CA LEU A 681 8.87 -23.48 -7.75
C LEU A 681 9.47 -23.97 -6.44
N VAL A 682 10.46 -24.86 -6.52
CA VAL A 682 11.13 -25.31 -5.31
C VAL A 682 11.93 -24.18 -4.67
N VAL A 683 12.53 -23.30 -5.49
CA VAL A 683 13.35 -22.23 -4.92
C VAL A 683 12.48 -21.29 -4.07
N GLU A 684 11.34 -20.84 -4.62
CA GLU A 684 10.40 -20.00 -3.87
C GLU A 684 9.08 -20.75 -3.77
N ALA A 685 8.70 -21.11 -2.55
CA ALA A 685 7.48 -21.86 -2.36
C ALA A 685 6.26 -21.00 -2.67
N PRO A 686 5.16 -21.61 -3.09
CA PRO A 686 3.93 -20.84 -3.31
C PRO A 686 3.40 -20.30 -2.00
N GLY A 687 2.74 -19.16 -2.10
CA GLY A 687 2.14 -18.54 -0.92
C GLY A 687 1.08 -17.55 -1.32
N THR A 688 0.17 -17.29 -0.39
CA THR A 688 -0.95 -16.39 -0.61
C THR A 688 -0.85 -15.22 0.37
N GLY A 689 -0.14 -14.18 -0.05
CA GLY A 689 0.00 -13.02 0.79
C GLY A 689 -1.19 -12.10 0.69
N LYS A 690 -1.35 -11.24 1.68
CA LYS A 690 -2.37 -10.20 1.68
C LYS A 690 -1.66 -8.87 1.65
N GLU A 691 -1.67 -8.23 0.48
CA GLU A 691 -0.89 -7.04 0.21
C GLU A 691 -1.73 -5.78 0.36
N THR A 692 -1.16 -4.79 1.03
CA THR A 692 -1.82 -3.48 1.20
C THR A 692 -0.74 -2.45 0.85
N ALA A 693 -1.08 -1.23 0.45
CA ALA A 693 -0.03 -0.32 -0.07
C ALA A 693 0.08 0.99 0.72
N PRO A 694 1.09 1.85 0.49
CA PRO A 694 1.33 3.10 1.23
C PRO A 694 0.13 4.03 1.17
N GLU A 695 -0.63 3.95 0.09
CA GLU A 695 -1.91 4.69 0.13
C GLU A 695 -2.69 3.79 1.08
N ARG A 696 -2.93 4.21 2.33
CA ARG A 696 -3.57 3.37 3.38
C ARG A 696 -4.96 2.94 2.95
N ARG A 697 -5.47 3.62 1.96
CA ARG A 697 -6.81 3.34 1.48
C ARG A 697 -6.90 1.91 0.96
N GLU A 698 -5.85 1.36 0.32
CA GLU A 698 -6.03 0.11 -0.46
C GLU A 698 -6.85 -0.94 0.27
N VAL A 699 -7.99 -1.34 -0.31
CA VAL A 699 -8.75 -2.45 0.30
C VAL A 699 -7.78 -3.58 0.15
N VAL A 700 -7.25 -4.08 1.24
CA VAL A 700 -6.15 -5.02 1.18
C VAL A 700 -6.41 -6.07 0.12
N THR A 701 -5.43 -6.26 -0.76
CA THR A 701 -5.54 -7.20 -1.86
C THR A 701 -4.98 -8.56 -1.45
N LEU A 702 -5.52 -9.61 -2.06
CA LEU A 702 -5.08 -10.98 -1.82
C LEU A 702 -4.33 -11.46 -3.06
N ARG A 703 -3.02 -11.67 -2.93
CA ARG A 703 -2.15 -11.94 -4.05
C ARG A 703 -1.31 -13.20 -3.80
N CYS A 704 -0.79 -13.77 -4.89
CA CYS A 704 0.13 -14.88 -4.78
C CYS A 704 1.50 -14.37 -4.33
N ASN A 705 2.37 -15.30 -3.97
CA ASN A 705 3.67 -14.95 -3.40
C ASN A 705 4.68 -14.41 -4.39
N HIS A 706 5.19 -15.26 -5.28
CA HIS A 706 6.26 -14.90 -6.20
C HIS A 706 5.83 -15.21 -7.63
N ARG A 707 4.99 -14.36 -8.20
CA ARG A 707 4.54 -14.57 -9.57
C ARG A 707 5.69 -14.48 -10.57
N ASP A 708 6.61 -13.54 -10.35
CA ASP A 708 7.70 -13.23 -11.28
C ASP A 708 8.92 -14.13 -11.14
N ALA A 709 8.94 -15.08 -10.21
CA ALA A 709 10.16 -15.85 -9.96
C ALA A 709 10.63 -16.64 -11.18
N SER A 710 9.71 -17.31 -11.88
CA SER A 710 10.09 -18.17 -12.99
C SER A 710 9.85 -17.57 -14.37
N MET A 711 9.40 -16.32 -14.46
CA MET A 711 9.02 -15.74 -15.74
C MET A 711 10.14 -15.72 -16.76
N LEU A 712 11.28 -15.12 -16.42
CA LEU A 712 12.34 -14.95 -17.42
C LEU A 712 12.85 -16.28 -17.98
N GLY A 713 12.97 -17.32 -17.15
CA GLY A 713 13.44 -18.59 -17.68
C GLY A 713 12.48 -19.19 -18.68
N SER A 714 11.19 -19.20 -18.32
CA SER A 714 10.21 -19.83 -19.20
C SER A 714 10.09 -19.03 -20.49
N LEU A 715 10.08 -17.70 -20.36
CA LEU A 715 9.93 -16.87 -21.54
C LEU A 715 11.09 -17.08 -22.49
N ALA A 716 12.31 -17.21 -21.94
CA ALA A 716 13.48 -17.38 -22.78
C ALA A 716 13.39 -18.71 -23.54
N TYR A 717 13.00 -19.76 -22.83
CA TYR A 717 12.84 -21.06 -23.47
C TYR A 717 11.83 -20.97 -24.61
N ASN A 718 10.67 -20.36 -24.34
CA ASN A 718 9.61 -20.30 -25.35
C ASN A 718 10.06 -19.51 -26.57
N VAL A 719 10.81 -18.42 -26.36
CA VAL A 719 11.31 -17.64 -27.48
C VAL A 719 12.26 -18.48 -28.33
N LEU A 720 13.10 -19.28 -27.68
CA LEU A 720 13.99 -20.15 -28.43
C LEU A 720 13.20 -21.14 -29.28
N LEU A 721 12.15 -21.73 -28.71
CA LEU A 721 11.31 -22.65 -29.48
C LEU A 721 10.66 -21.96 -30.67
N ILE A 722 10.16 -20.74 -30.47
CA ILE A 722 9.54 -20.01 -31.58
C ILE A 722 10.55 -19.74 -32.69
N ALA A 723 11.76 -19.34 -32.33
CA ALA A 723 12.77 -19.08 -33.35
C ALA A 723 13.08 -20.34 -34.16
N LEU A 724 13.22 -21.47 -33.47
CA LEU A 724 13.48 -22.72 -34.19
C LEU A 724 12.32 -23.10 -35.09
N CYS A 725 11.08 -22.89 -34.63
CA CYS A 725 9.92 -23.18 -35.45
C CYS A 725 9.91 -22.34 -36.71
N THR A 726 10.23 -21.05 -36.58
CA THR A 726 10.28 -20.19 -37.75
C THR A 726 11.37 -20.63 -38.74
N LEU A 727 12.54 -21.00 -38.22
CA LEU A 727 13.61 -21.47 -39.11
C LEU A 727 13.18 -22.70 -39.89
N TYR A 728 12.58 -23.67 -39.22
CA TYR A 728 12.19 -24.89 -39.90
C TYR A 728 10.99 -24.67 -40.81
N ALA A 729 10.17 -23.66 -40.54
CA ALA A 729 9.14 -23.27 -41.50
C ALA A 729 9.77 -22.69 -42.76
N PHE A 730 10.84 -21.91 -42.60
CA PHE A 730 11.52 -21.36 -43.77
C PHE A 730 12.15 -22.46 -44.61
N LYS A 731 12.76 -23.46 -43.96
CA LYS A 731 13.49 -24.47 -44.72
C LYS A 731 12.58 -25.25 -45.67
N THR A 732 11.31 -25.40 -45.32
CA THR A 732 10.41 -26.30 -46.03
C THR A 732 9.43 -25.58 -46.95
N ARG A 733 9.82 -24.42 -47.49
CA ARG A 733 8.86 -23.65 -48.28
C ARG A 733 8.63 -24.23 -49.67
N LYS A 734 9.52 -25.10 -50.16
CA LYS A 734 9.45 -25.61 -51.52
C LYS A 734 8.74 -26.96 -51.63
N CYS A 735 8.17 -27.46 -50.55
CA CYS A 735 7.52 -28.76 -50.56
C CYS A 735 6.19 -28.68 -51.32
N PRO A 736 5.64 -29.83 -51.73
CA PRO A 736 4.34 -29.84 -52.41
C PRO A 736 3.24 -29.19 -51.58
N GLU A 737 2.09 -29.01 -52.23
CA GLU A 737 1.04 -28.16 -51.68
C GLU A 737 0.52 -28.71 -50.34
N ASN A 738 0.17 -30.00 -50.31
CA ASN A 738 -0.44 -30.55 -49.12
C ASN A 738 0.54 -30.68 -47.96
N PHE A 739 1.83 -30.71 -48.23
CA PHE A 739 2.85 -30.87 -47.20
C PHE A 739 3.55 -29.56 -46.87
N ASN A 740 3.09 -28.44 -47.41
CA ASN A 740 3.73 -27.14 -47.20
C ASN A 740 2.81 -26.24 -46.42
N GLU A 741 3.30 -25.70 -45.31
CA GLU A 741 2.53 -24.81 -44.46
C GLU A 741 3.36 -23.65 -43.94
N ALA A 742 4.34 -23.20 -44.71
CA ALA A 742 5.21 -22.13 -44.24
C ALA A 742 4.44 -20.83 -44.05
N LYS A 743 3.51 -20.55 -44.95
CA LYS A 743 2.78 -19.28 -44.91
C LYS A 743 2.01 -19.14 -43.60
N PHE A 744 1.29 -20.19 -43.21
CA PHE A 744 0.47 -20.13 -42.02
C PHE A 744 1.33 -20.02 -40.77
N ILE A 745 2.47 -20.70 -40.73
CA ILE A 745 3.36 -20.60 -39.58
C ILE A 745 3.91 -19.18 -39.45
N GLY A 746 4.32 -18.59 -40.57
CA GLY A 746 4.80 -17.22 -40.52
C GLY A 746 3.74 -16.25 -40.00
N PHE A 747 2.51 -16.39 -40.52
CA PHE A 747 1.45 -15.49 -40.07
C PHE A 747 1.12 -15.71 -38.60
N THR A 748 1.14 -16.97 -38.14
CA THR A 748 0.87 -17.25 -36.73
C THR A 748 1.90 -16.59 -35.84
N MET A 749 3.18 -16.76 -36.15
CA MET A 749 4.22 -16.18 -35.32
C MET A 749 4.13 -14.66 -35.30
N TYR A 750 3.94 -14.05 -36.48
CA TYR A 750 3.87 -12.59 -36.55
C TYR A 750 2.70 -12.05 -35.74
N THR A 751 1.52 -12.66 -35.88
CA THR A 751 0.35 -12.15 -35.18
C THR A 751 0.50 -12.31 -33.67
N THR A 752 1.08 -13.43 -33.22
CA THR A 752 1.27 -13.61 -31.79
C THR A 752 2.22 -12.56 -31.22
N CYS A 753 3.33 -12.29 -31.92
CA CYS A 753 4.26 -11.27 -31.44
C CYS A 753 3.58 -9.91 -31.37
N ILE A 754 2.77 -9.59 -32.37
CA ILE A 754 2.06 -8.31 -32.36
C ILE A 754 1.13 -8.23 -31.15
N ILE A 755 0.42 -9.32 -30.85
CA ILE A 755 -0.51 -9.31 -29.74
C ILE A 755 0.21 -9.03 -28.42
N TRP A 756 1.35 -9.67 -28.20
CA TRP A 756 2.01 -9.45 -26.91
C TRP A 756 2.65 -8.06 -26.82
N LEU A 757 3.18 -7.56 -27.93
CA LEU A 757 3.67 -6.18 -27.93
C LEU A 757 2.55 -5.21 -27.60
N ALA A 758 1.34 -5.45 -28.13
CA ALA A 758 0.22 -4.60 -27.78
C ALA A 758 -0.19 -4.77 -26.33
N PHE A 759 0.02 -5.97 -25.77
CA PHE A 759 -0.33 -6.21 -24.37
C PHE A 759 0.50 -5.34 -23.44
N LEU A 760 1.80 -5.20 -23.73
CA LEU A 760 2.68 -4.51 -22.78
C LEU A 760 2.17 -3.16 -22.26
N PRO A 761 1.93 -2.15 -23.11
CA PRO A 761 1.60 -0.83 -22.57
C PRO A 761 0.30 -0.79 -21.78
N ILE A 762 -0.71 -1.56 -22.17
CA ILE A 762 -1.96 -1.57 -21.43
C ILE A 762 -1.74 -2.12 -20.04
N PHE A 763 -0.89 -3.14 -19.92
CA PHE A 763 -0.55 -3.65 -18.60
C PHE A 763 0.16 -2.59 -17.78
N TYR A 764 1.10 -1.86 -18.38
CA TYR A 764 1.83 -0.86 -17.60
C TYR A 764 0.91 0.25 -17.12
N VAL A 765 0.05 0.77 -17.99
CA VAL A 765 -0.71 1.97 -17.63
C VAL A 765 -1.76 1.68 -16.58
N THR A 766 -2.21 0.44 -16.45
CA THR A 766 -3.30 0.06 -15.55
C THR A 766 -2.78 -0.62 -14.29
N SER A 767 -1.68 -0.12 -13.72
CA SER A 767 -1.17 -0.68 -12.48
C SER A 767 -2.23 -0.64 -11.38
N SER A 768 -3.01 0.42 -11.34
CA SER A 768 -4.16 0.47 -10.45
C SER A 768 -5.29 -0.37 -11.02
N ASP A 769 -6.22 -0.76 -10.14
CA ASP A 769 -7.38 -1.58 -10.52
C ASP A 769 -6.94 -2.89 -11.17
N TYR A 770 -6.27 -3.71 -10.36
CA TYR A 770 -5.76 -5.02 -10.75
C TYR A 770 -6.71 -5.83 -11.61
N ARG A 771 -8.02 -5.69 -11.36
CA ARG A 771 -9.01 -6.42 -12.15
C ARG A 771 -8.82 -6.20 -13.64
N VAL A 772 -8.51 -4.98 -14.03
CA VAL A 772 -8.27 -4.68 -15.43
C VAL A 772 -7.06 -5.47 -15.94
N GLN A 773 -6.02 -5.55 -15.14
CA GLN A 773 -4.83 -6.30 -15.54
C GLN A 773 -5.18 -7.77 -15.77
N THR A 774 -5.95 -8.36 -14.86
CA THR A 774 -6.32 -9.76 -15.03
C THR A 774 -7.15 -9.97 -16.28
N THR A 775 -8.12 -9.09 -16.54
CA THR A 775 -8.90 -9.24 -17.76
C THR A 775 -8.04 -9.07 -19.00
N THR A 776 -7.01 -8.22 -18.94
CA THR A 776 -6.17 -7.98 -20.10
C THR A 776 -5.10 -9.04 -20.25
N MET A 777 -5.08 -10.01 -19.35
CA MET A 777 -4.25 -11.19 -19.53
C MET A 777 -5.05 -12.40 -19.95
N CYS A 778 -6.29 -12.49 -19.50
CA CYS A 778 -7.14 -13.59 -19.95
C CYS A 778 -7.49 -13.42 -21.41
N VAL A 779 -7.83 -12.19 -21.81
CA VAL A 779 -8.17 -11.96 -23.21
C VAL A 779 -6.98 -12.22 -24.12
N SER A 780 -5.78 -11.80 -23.70
CA SER A 780 -4.60 -12.03 -24.52
C SER A 780 -4.29 -13.51 -24.70
N VAL A 781 -4.39 -14.30 -23.63
CA VAL A 781 -4.14 -15.73 -23.75
C VAL A 781 -5.14 -16.38 -24.68
N SER A 782 -6.42 -16.05 -24.51
CA SER A 782 -7.44 -16.63 -25.38
C SER A 782 -7.22 -16.24 -26.83
N LEU A 783 -6.81 -15.00 -27.08
CA LEU A 783 -6.55 -14.55 -28.44
C LEU A 783 -5.41 -15.31 -29.07
N SER A 784 -4.34 -15.57 -28.30
CA SER A 784 -3.23 -16.35 -28.84
C SER A 784 -3.69 -17.76 -29.25
N GLY A 785 -4.44 -18.41 -28.38
CA GLY A 785 -4.97 -19.72 -28.73
C GLY A 785 -5.83 -19.69 -29.98
N SER A 786 -6.67 -18.67 -30.09
CA SER A 786 -7.56 -18.57 -31.26
C SER A 786 -6.77 -18.33 -32.53
N VAL A 787 -5.70 -17.53 -32.46
CA VAL A 787 -4.86 -17.33 -33.64
C VAL A 787 -4.28 -18.64 -34.12
N VAL A 788 -3.75 -19.44 -33.19
CA VAL A 788 -3.18 -20.73 -33.60
C VAL A 788 -4.24 -21.60 -34.26
N LEU A 789 -5.42 -21.68 -33.63
CA LEU A 789 -6.47 -22.55 -34.17
C LEU A 789 -6.90 -22.10 -35.56
N GLY A 790 -7.11 -20.79 -35.73
CA GLY A 790 -7.60 -20.29 -37.00
C GLY A 790 -6.59 -20.44 -38.11
N CYS A 791 -5.31 -20.19 -37.82
CA CYS A 791 -4.32 -20.26 -38.88
C CYS A 791 -4.10 -21.71 -39.30
N LEU A 792 -4.01 -22.63 -38.34
CA LEU A 792 -3.57 -23.97 -38.70
C LEU A 792 -4.69 -24.90 -39.13
N PHE A 793 -5.90 -24.81 -38.58
CA PHE A 793 -6.87 -25.85 -38.84
C PHE A 793 -8.01 -25.46 -39.76
N ALA A 794 -8.33 -24.19 -39.89
CA ALA A 794 -9.49 -23.81 -40.70
C ALA A 794 -9.39 -24.21 -42.17
N PRO A 795 -8.28 -23.99 -42.89
CA PRO A 795 -8.26 -24.41 -44.30
C PRO A 795 -8.47 -25.90 -44.51
N LYS A 796 -7.87 -26.73 -43.66
CA LYS A 796 -8.04 -28.16 -43.79
C LYS A 796 -9.49 -28.55 -43.53
N LEU A 797 -10.11 -27.91 -42.54
CA LEU A 797 -11.52 -28.17 -42.27
C LEU A 797 -12.37 -27.72 -43.44
N HIS A 798 -11.97 -26.62 -44.09
CA HIS A 798 -12.68 -26.15 -45.27
C HIS A 798 -12.67 -27.20 -46.37
N ILE A 799 -11.52 -27.82 -46.60
CA ILE A 799 -11.45 -28.86 -47.63
C ILE A 799 -12.24 -30.08 -47.20
N ILE A 800 -12.16 -30.45 -45.92
CA ILE A 800 -12.81 -31.67 -45.45
C ILE A 800 -14.32 -31.56 -45.62
N LEU A 801 -14.89 -30.42 -45.24
CA LEU A 801 -16.35 -30.31 -45.22
C LEU A 801 -16.90 -29.73 -46.52
N PHE A 802 -16.48 -28.51 -46.88
CA PHE A 802 -17.19 -27.80 -47.94
C PHE A 802 -16.83 -28.29 -49.33
N GLN A 803 -15.61 -28.74 -49.55
CA GLN A 803 -15.15 -29.14 -50.88
C GLN A 803 -14.55 -30.55 -50.83
N PRO A 804 -15.39 -31.58 -50.65
CA PRO A 804 -14.86 -32.95 -50.68
C PRO A 804 -14.33 -33.35 -52.04
N GLN A 805 -14.73 -32.64 -53.10
CA GLN A 805 -14.30 -33.00 -54.45
C GLN A 805 -12.81 -32.76 -54.62
N LYS A 806 -12.26 -31.74 -53.97
CA LYS A 806 -10.85 -31.39 -54.08
C LYS A 806 -10.01 -32.03 -52.99
N ASN A 807 -10.48 -33.13 -52.41
CA ASN A 807 -9.73 -33.87 -51.40
C ASN A 807 -8.81 -34.85 -52.12
N VAL A 808 -7.52 -34.56 -52.14
CA VAL A 808 -6.53 -35.43 -52.77
C VAL A 808 -5.16 -35.00 -52.28
N VAL A 809 -4.18 -35.89 -52.38
CA VAL A 809 -2.81 -35.61 -52.00
C VAL A 809 -1.88 -36.13 -53.09
N SER A 810 -0.85 -35.34 -53.41
CA SER A 810 0.17 -35.75 -54.36
C SER A 810 1.54 -35.36 -53.83
N HIS A 811 2.55 -36.13 -54.21
CA HIS A 811 3.90 -35.95 -53.68
C HIS A 811 4.90 -35.48 -54.73
N ARG A 812 4.47 -35.23 -55.97
CA ARG A 812 5.36 -34.68 -56.99
C ARG A 812 5.25 -33.18 -57.12
N ALA A 813 4.04 -32.64 -57.03
CA ALA A 813 3.84 -31.20 -57.15
C ALA A 813 3.26 -30.62 -55.87
N LYS B 6 1.28 51.61 76.33
CA LYS B 6 0.97 52.18 77.63
C LYS B 6 1.90 53.33 77.98
N LYS B 7 2.92 53.55 77.15
CA LYS B 7 3.91 54.59 77.37
C LYS B 7 3.78 55.69 76.34
N VAL B 8 4.01 56.92 76.77
CA VAL B 8 3.86 58.12 75.96
C VAL B 8 5.09 58.99 76.13
N LEU B 9 5.55 59.60 75.06
CA LEU B 9 6.68 60.52 75.10
C LEU B 9 6.14 61.95 75.13
N THR B 10 6.49 62.71 76.16
CA THR B 10 5.93 64.03 76.39
C THR B 10 7.03 65.05 76.58
N LEU B 11 6.94 66.15 75.85
CA LEU B 11 7.83 67.30 76.01
C LEU B 11 6.99 68.56 76.08
N GLU B 12 7.24 69.40 77.08
CA GLU B 12 6.43 70.59 77.30
C GLU B 12 6.74 71.67 76.26
N GLY B 13 5.76 72.52 76.01
CA GLY B 13 5.94 73.62 75.08
C GLY B 13 4.71 74.49 75.06
N ASP B 14 4.81 75.59 74.30
CA ASP B 14 3.65 76.46 74.12
C ASP B 14 2.62 75.85 73.19
N LEU B 15 3.07 75.21 72.11
CA LEU B 15 2.21 74.46 71.23
C LEU B 15 2.71 73.03 71.14
N VAL B 16 1.79 72.09 70.99
CA VAL B 16 2.11 70.67 71.06
C VAL B 16 1.79 70.02 69.72
N LEU B 17 2.73 69.23 69.21
CA LEU B 17 2.56 68.44 67.99
C LEU B 17 2.50 66.97 68.35
N GLY B 18 1.55 66.26 67.76
CA GLY B 18 1.46 64.83 67.96
C GLY B 18 2.36 64.06 67.03
N GLY B 19 2.52 62.77 67.33
CA GLY B 19 3.36 61.92 66.52
C GLY B 19 2.84 60.50 66.56
N LEU B 20 3.19 59.73 65.54
CA LEU B 20 2.72 58.36 65.42
C LEU B 20 3.76 57.55 64.66
N PHE B 21 4.47 56.67 65.35
CA PHE B 21 5.52 55.87 64.74
C PHE B 21 5.33 54.40 65.08
N PRO B 22 5.75 53.50 64.18
CA PRO B 22 5.65 52.05 64.45
C PRO B 22 6.87 51.53 65.20
N VAL B 23 6.93 51.85 66.50
CA VAL B 23 8.09 51.51 67.30
C VAL B 23 8.21 49.99 67.46
N HIS B 24 7.08 49.30 67.58
CA HIS B 24 7.05 47.86 67.81
C HIS B 24 6.45 47.15 66.62
N GLN B 25 6.96 45.95 66.32
CA GLN B 25 6.38 45.15 65.27
C GLN B 25 5.03 44.60 65.70
N LYS B 26 4.23 44.22 64.71
CA LYS B 26 2.92 43.68 64.98
C LYS B 26 3.04 42.36 65.72
N GLY B 27 2.34 42.24 66.83
CA GLY B 27 2.35 41.01 67.59
C GLY B 27 1.43 39.97 67.00
N GLY B 28 1.59 38.74 67.48
CA GLY B 28 0.75 37.66 67.03
C GLY B 28 -0.58 37.64 67.74
N PRO B 29 -1.37 36.59 67.53
CA PRO B 29 -2.61 36.44 68.29
C PRO B 29 -2.45 36.57 69.79
N ALA B 30 -1.30 36.18 70.33
CA ALA B 30 -1.13 36.15 71.78
C ALA B 30 -1.04 37.56 72.37
N GLU B 31 -0.24 38.43 71.78
CA GLU B 31 0.05 39.74 72.35
C GLU B 31 -0.17 40.83 71.31
N ASP B 32 -0.35 42.06 71.81
CA ASP B 32 -0.63 43.18 70.91
C ASP B 32 0.61 43.62 70.14
N CYS B 33 1.75 43.75 70.83
CA CYS B 33 2.96 44.29 70.23
C CYS B 33 4.11 43.30 70.37
N GLY B 34 4.89 43.15 69.30
CA GLY B 34 5.98 42.21 69.27
C GLY B 34 7.32 42.86 69.58
N PRO B 35 8.37 42.42 68.91
CA PRO B 35 9.70 42.96 69.17
C PRO B 35 9.88 44.36 68.60
N VAL B 36 10.91 45.04 69.09
CA VAL B 36 11.14 46.43 68.73
C VAL B 36 11.62 46.53 67.29
N ASN B 37 11.18 47.58 66.60
CA ASN B 37 11.56 47.85 65.23
C ASN B 37 12.70 48.87 65.24
N GLU B 38 13.84 48.51 64.65
CA GLU B 38 15.06 49.28 64.88
C GLU B 38 15.25 50.42 63.87
N HIS B 39 15.01 50.19 62.59
CA HIS B 39 15.30 51.18 61.57
C HIS B 39 14.11 52.08 61.28
N ARG B 40 12.97 51.50 60.92
CA ARG B 40 11.76 52.26 60.68
C ARG B 40 11.02 52.62 61.96
N GLY B 41 11.63 52.35 63.11
CA GLY B 41 11.10 52.63 64.42
C GLY B 41 11.90 53.71 65.11
N ILE B 42 12.87 53.25 65.90
CA ILE B 42 13.66 54.12 66.76
C ILE B 42 14.34 55.21 65.95
N GLN B 43 14.86 54.89 64.76
CA GLN B 43 15.60 55.88 64.00
C GLN B 43 14.69 57.04 63.57
N ARG B 44 13.49 56.74 63.09
CA ARG B 44 12.58 57.80 62.67
C ARG B 44 12.09 58.61 63.86
N LEU B 45 11.82 57.95 64.99
CA LEU B 45 11.42 58.70 66.18
C LEU B 45 12.52 59.64 66.63
N GLU B 46 13.76 59.18 66.62
CA GLU B 46 14.87 60.05 67.00
C GLU B 46 15.08 61.16 65.98
N ALA B 47 14.77 60.92 64.71
CA ALA B 47 14.83 61.98 63.71
C ALA B 47 13.84 63.08 64.04
N MET B 48 12.62 62.72 64.44
CA MET B 48 11.66 63.75 64.85
C MET B 48 12.18 64.53 66.06
N LEU B 49 12.73 63.83 67.05
CA LEU B 49 13.23 64.52 68.24
C LEU B 49 14.39 65.45 67.89
N PHE B 50 15.29 65.01 67.01
CA PHE B 50 16.42 65.81 66.58
C PHE B 50 15.96 67.06 65.82
N ALA B 51 14.97 66.90 64.94
CA ALA B 51 14.42 68.05 64.23
C ALA B 51 13.77 69.04 65.18
N LEU B 52 13.01 68.55 66.16
CA LEU B 52 12.40 69.46 67.13
C LEU B 52 13.46 70.21 67.91
N ASP B 53 14.52 69.52 68.32
CA ASP B 53 15.57 70.19 69.08
C ASP B 53 16.31 71.24 68.26
N ARG B 54 16.46 71.01 66.96
CA ARG B 54 17.11 72.02 66.12
C ARG B 54 16.24 73.26 65.92
N ILE B 55 14.93 73.08 65.78
CA ILE B 55 14.04 74.23 65.63
C ILE B 55 14.02 75.07 66.89
N ASN B 56 14.02 74.43 68.07
CA ASN B 56 13.94 75.16 69.32
C ASN B 56 15.18 75.99 69.61
N ARG B 57 16.25 75.81 68.85
CA ARG B 57 17.45 76.61 68.98
C ARG B 57 17.59 77.58 67.82
N ASP B 58 16.67 77.51 66.85
CA ASP B 58 16.74 78.33 65.65
C ASP B 58 16.34 79.77 65.97
N PRO B 59 17.18 80.76 65.69
CA PRO B 59 16.80 82.16 65.92
C PRO B 59 15.97 82.78 64.82
N HIS B 60 15.67 82.05 63.74
CA HIS B 60 14.90 82.58 62.64
C HIS B 60 13.54 81.92 62.46
N LEU B 61 13.30 80.78 63.10
CA LEU B 61 12.02 80.08 62.99
C LEU B 61 11.41 79.97 64.38
N LEU B 62 10.30 80.67 64.60
CA LEU B 62 9.62 80.73 65.88
C LEU B 62 10.55 81.11 67.04
N PRO B 63 11.15 82.30 67.00
CA PRO B 63 12.10 82.67 68.06
C PRO B 63 11.50 82.77 69.45
N GLY B 64 10.20 82.97 69.58
CA GLY B 64 9.61 83.16 70.89
C GLY B 64 8.63 82.10 71.36
N VAL B 65 8.40 81.08 70.55
CA VAL B 65 7.44 80.03 70.85
C VAL B 65 8.19 78.70 70.92
N ARG B 66 7.97 77.95 71.99
CA ARG B 66 8.60 76.65 72.18
C ARG B 66 7.61 75.55 71.82
N LEU B 67 8.01 74.68 70.89
CA LEU B 67 7.16 73.59 70.46
C LEU B 67 7.33 72.37 71.36
N GLY B 68 6.21 71.73 71.70
CA GLY B 68 6.20 70.53 72.48
C GLY B 68 5.90 69.32 71.63
N ALA B 69 5.81 68.17 72.29
CA ALA B 69 5.59 66.91 71.57
C ALA B 69 4.79 65.96 72.45
N HIS B 70 3.91 65.19 71.80
CA HIS B 70 3.12 64.14 72.44
C HIS B 70 3.11 62.98 71.45
N ILE B 71 4.09 62.08 71.58
CA ILE B 71 4.35 61.04 70.60
C ILE B 71 3.83 59.71 71.09
N LEU B 72 3.17 58.97 70.22
CA LEU B 72 2.54 57.70 70.54
C LEU B 72 3.13 56.59 69.69
N ASP B 73 2.71 55.37 69.98
CA ASP B 73 3.14 54.18 69.28
C ASP B 73 1.94 53.51 68.62
N SER B 74 2.11 53.08 67.38
CA SER B 74 1.02 52.44 66.66
C SER B 74 1.11 50.92 66.65
N CYS B 75 2.29 50.37 66.88
CA CYS B 75 2.51 48.92 66.88
C CYS B 75 2.07 48.28 65.57
N SER B 76 2.16 49.00 64.47
CA SER B 76 1.94 48.47 63.13
C SER B 76 0.52 47.98 62.91
N LYS B 77 -0.43 48.44 63.71
CA LYS B 77 -1.81 47.99 63.64
C LYS B 77 -2.75 49.18 63.66
N ASP B 78 -3.81 49.13 62.86
CA ASP B 78 -4.72 50.27 62.77
C ASP B 78 -5.64 50.36 63.98
N THR B 79 -6.11 49.22 64.50
CA THR B 79 -7.00 49.26 65.65
C THR B 79 -6.29 49.81 66.88
N HIS B 80 -5.04 49.39 67.11
CA HIS B 80 -4.26 49.93 68.21
C HIS B 80 -3.95 51.40 68.00
N ALA B 81 -3.65 51.79 66.76
CA ALA B 81 -3.32 53.17 66.47
C ALA B 81 -4.51 54.07 66.74
N LEU B 82 -5.71 53.59 66.37
CA LEU B 82 -6.92 54.37 66.59
C LEU B 82 -7.25 54.48 68.06
N GLU B 83 -7.09 53.40 68.82
CA GLU B 83 -7.32 53.48 70.26
C GLU B 83 -6.38 54.48 70.91
N GLN B 84 -5.13 54.52 70.45
CA GLN B 84 -4.17 55.50 70.95
C GLN B 84 -4.48 56.92 70.49
N ALA B 85 -4.97 57.08 69.27
CA ALA B 85 -5.20 58.42 68.71
C ALA B 85 -6.36 59.16 69.36
N LEU B 86 -7.16 58.51 70.21
CA LEU B 86 -8.14 59.24 71.00
C LEU B 86 -7.51 60.33 71.86
N ASP B 87 -6.22 60.21 72.20
CA ASP B 87 -5.60 61.23 73.04
C ASP B 87 -5.55 62.57 72.33
N PHE B 88 -5.47 62.57 71.00
CA PHE B 88 -5.35 63.83 70.29
C PHE B 88 -6.65 64.63 70.37
N VAL B 89 -7.80 63.95 70.35
CA VAL B 89 -9.09 64.62 70.25
C VAL B 89 -9.84 64.67 71.57
N ARG B 90 -9.29 64.12 72.65
CA ARG B 90 -10.01 64.14 73.91
C ARG B 90 -10.09 65.54 74.51
N ALA B 91 -9.24 66.46 74.08
CA ALA B 91 -9.30 67.82 74.61
C ALA B 91 -10.57 68.53 74.18
N SER B 92 -11.04 68.28 72.95
CA SER B 92 -12.26 68.90 72.45
C SER B 92 -13.49 68.30 73.10
N THR B 117 -4.02 68.33 77.13
CA THR B 117 -3.76 69.57 76.41
C THR B 117 -4.24 69.48 74.97
N ALA B 118 -4.35 70.63 74.31
CA ALA B 118 -4.79 70.69 72.93
C ALA B 118 -3.64 70.35 71.99
N ILE B 119 -3.94 69.57 70.95
CA ILE B 119 -2.97 69.14 69.96
C ILE B 119 -3.19 69.97 68.70
N THR B 120 -2.17 70.73 68.31
CA THR B 120 -2.30 71.61 67.15
C THR B 120 -2.27 70.84 65.84
N GLY B 121 -1.36 69.88 65.71
CA GLY B 121 -1.24 69.12 64.48
C GLY B 121 -0.64 67.77 64.77
N VAL B 122 -0.68 66.90 63.77
CA VAL B 122 -0.20 65.53 63.89
C VAL B 122 0.82 65.25 62.80
N ILE B 123 2.00 64.80 63.19
CA ILE B 123 3.02 64.36 62.25
C ILE B 123 3.11 62.85 62.35
N GLY B 124 2.39 62.12 61.51
CA GLY B 124 2.43 60.69 61.67
C GLY B 124 1.73 59.94 60.56
N GLY B 125 1.94 58.62 60.59
CA GLY B 125 1.38 57.71 59.62
C GLY B 125 2.45 57.09 58.74
N SER B 126 2.87 55.87 59.05
CA SER B 126 3.84 55.17 58.22
C SER B 126 3.16 54.20 57.26
N TYR B 127 2.24 53.39 57.76
CA TYR B 127 1.45 52.52 56.90
C TYR B 127 0.23 53.28 56.41
N SER B 128 -0.18 52.98 55.18
CA SER B 128 -1.32 53.69 54.60
C SER B 128 -2.60 53.40 55.36
N ASP B 129 -2.75 52.17 55.87
CA ASP B 129 -3.95 51.81 56.61
C ASP B 129 -4.09 52.66 57.87
N VAL B 130 -3.00 52.82 58.60
CA VAL B 130 -3.02 53.62 59.83
C VAL B 130 -3.36 55.07 59.49
N SER B 131 -2.76 55.61 58.43
CA SER B 131 -3.02 56.99 58.05
C SER B 131 -4.48 57.20 57.69
N ILE B 132 -5.06 56.28 56.92
CA ILE B 132 -6.47 56.42 56.53
C ILE B 132 -7.37 56.35 57.75
N GLN B 133 -7.13 55.39 58.63
CA GLN B 133 -7.98 55.26 59.82
C GLN B 133 -7.89 56.49 60.70
N VAL B 134 -6.69 57.05 60.86
CA VAL B 134 -6.52 58.23 61.70
C VAL B 134 -7.15 59.45 61.04
N ALA B 135 -7.03 59.56 59.72
CA ALA B 135 -7.59 60.70 59.01
C ALA B 135 -9.10 60.73 59.10
N ASN B 136 -9.75 59.57 59.03
CA ASN B 136 -11.20 59.54 59.17
C ASN B 136 -11.65 60.18 60.48
N LEU B 137 -10.92 59.94 61.56
CA LEU B 137 -11.28 60.51 62.86
C LEU B 137 -10.90 61.98 63.00
N LEU B 138 -9.75 62.40 62.47
CA LEU B 138 -9.28 63.76 62.72
C LEU B 138 -10.08 64.80 61.97
N ARG B 139 -10.65 64.44 60.81
CA ARG B 139 -11.41 65.41 60.05
C ARG B 139 -12.67 65.86 60.79
N LEU B 140 -13.12 65.10 61.79
CA LEU B 140 -14.32 65.49 62.52
C LEU B 140 -14.03 66.68 63.42
N PHE B 141 -12.82 66.77 63.97
CA PHE B 141 -12.45 67.81 64.91
C PHE B 141 -11.55 68.88 64.28
N GLN B 142 -11.32 68.83 62.97
CA GLN B 142 -10.55 69.84 62.24
C GLN B 142 -9.12 69.96 62.76
N ILE B 143 -8.37 68.87 62.66
CA ILE B 143 -6.98 68.82 63.08
C ILE B 143 -6.13 68.45 61.88
N PRO B 144 -5.17 69.29 61.47
CA PRO B 144 -4.35 68.98 60.30
C PRO B 144 -3.44 67.80 60.54
N GLN B 145 -3.08 67.12 59.45
CA GLN B 145 -2.21 65.95 59.53
C GLN B 145 -1.25 65.93 58.35
N ILE B 146 0.03 65.67 58.63
CA ILE B 146 1.05 65.52 57.60
C ILE B 146 1.73 64.18 57.80
N SER B 147 1.80 63.40 56.74
CA SER B 147 2.45 62.09 56.77
C SER B 147 3.85 62.16 56.19
N TYR B 148 4.60 61.09 56.40
CA TYR B 148 5.97 61.02 55.90
C TYR B 148 6.29 59.74 55.14
N ALA B 149 5.42 58.74 55.18
CA ALA B 149 5.70 57.50 54.46
C ALA B 149 4.49 56.87 53.78
N SER B 150 3.31 57.49 53.83
CA SER B 150 2.10 56.89 53.26
C SER B 150 1.97 57.29 51.81
N THR B 151 1.99 56.30 50.91
CA THR B 151 2.00 56.55 49.47
C THR B 151 0.77 56.02 48.75
N SER B 152 -0.30 55.70 49.47
CA SER B 152 -1.49 55.20 48.83
C SER B 152 -2.19 56.30 48.03
N ALA B 153 -2.80 55.90 46.91
CA ALA B 153 -3.46 56.85 46.03
C ALA B 153 -4.80 57.32 46.58
N LYS B 154 -5.48 56.51 47.40
CA LYS B 154 -6.80 56.87 47.89
C LYS B 154 -6.80 58.19 48.64
N LEU B 155 -5.69 58.55 49.27
CA LEU B 155 -5.64 59.76 50.08
C LEU B 155 -5.67 61.05 49.27
N SER B 156 -5.60 60.97 47.94
CA SER B 156 -5.64 62.17 47.10
C SER B 156 -7.05 62.70 46.87
N ASP B 157 -8.08 62.00 47.34
CA ASP B 157 -9.46 62.45 47.15
C ASP B 157 -9.83 63.39 48.28
N LYS B 158 -9.82 64.70 47.99
CA LYS B 158 -10.03 65.70 49.02
C LYS B 158 -11.48 65.87 49.42
N SER B 159 -12.41 65.18 48.75
CA SER B 159 -13.79 65.21 49.21
C SER B 159 -13.97 64.41 50.48
N ARG B 160 -13.04 63.51 50.78
CA ARG B 160 -13.11 62.62 51.94
C ARG B 160 -12.04 62.91 52.97
N TYR B 161 -10.79 63.06 52.54
CA TYR B 161 -9.68 63.40 53.41
C TYR B 161 -9.31 64.86 53.14
N ASP B 162 -10.11 65.77 53.68
CA ASP B 162 -9.93 67.19 53.42
C ASP B 162 -9.06 67.88 54.44
N TYR B 163 -8.27 67.13 55.21
CA TYR B 163 -7.32 67.73 56.15
C TYR B 163 -5.99 67.00 56.14
N PHE B 164 -5.64 66.33 55.05
CA PHE B 164 -4.48 65.46 54.98
C PHE B 164 -3.48 65.98 53.96
N ALA B 165 -2.20 65.92 54.31
CA ALA B 165 -1.11 66.25 53.39
C ALA B 165 0.04 65.28 53.63
N ARG B 166 0.96 65.23 52.68
CA ARG B 166 2.11 64.35 52.81
C ARG B 166 3.28 64.91 52.02
N THR B 167 4.49 64.48 52.37
CA THR B 167 5.70 64.90 51.68
C THR B 167 6.25 63.82 50.76
N VAL B 168 5.42 62.84 50.38
CA VAL B 168 5.84 61.76 49.50
C VAL B 168 4.87 61.65 48.33
N PRO B 169 5.32 61.20 47.16
CA PRO B 169 4.43 61.07 46.02
C PRO B 169 3.47 59.91 46.19
N PRO B 170 2.34 59.93 45.48
CA PRO B 170 1.41 58.78 45.53
C PRO B 170 1.93 57.59 44.76
N ASP B 171 1.23 56.47 44.90
CA ASP B 171 1.60 55.23 44.23
C ASP B 171 1.13 55.18 42.78
N PHE B 172 0.69 56.31 42.24
CA PHE B 172 0.25 56.33 40.84
C PHE B 172 1.42 56.28 39.88
N PHE B 173 2.60 56.72 40.31
CA PHE B 173 3.80 56.75 39.46
C PHE B 173 4.70 55.55 39.66
N GLN B 174 4.63 54.91 40.83
CA GLN B 174 5.44 53.73 41.09
C GLN B 174 5.04 52.58 40.16
N ALA B 175 3.73 52.46 39.89
CA ALA B 175 3.27 51.45 38.95
C ALA B 175 3.82 51.70 37.56
N LYS B 176 3.85 52.96 37.12
CA LYS B 176 4.44 53.27 35.83
C LYS B 176 5.91 52.88 35.79
N ALA B 177 6.65 53.20 36.84
CA ALA B 177 8.07 52.86 36.87
C ALA B 177 8.28 51.34 36.79
N MET B 178 7.51 50.58 37.56
CA MET B 178 7.66 49.12 37.54
C MET B 178 7.29 48.53 36.19
N ALA B 179 6.18 49.01 35.60
CA ALA B 179 5.76 48.52 34.30
C ALA B 179 6.80 48.83 33.23
N GLU B 180 7.40 50.02 33.28
CA GLU B 180 8.41 50.36 32.29
C GLU B 180 9.68 49.55 32.49
N ILE B 181 10.01 49.19 33.73
CA ILE B 181 11.14 48.30 33.95
C ILE B 181 10.89 46.94 33.31
N LEU B 182 9.68 46.40 33.46
CA LEU B 182 9.37 45.12 32.82
C LEU B 182 9.43 45.21 31.29
N ARG B 183 8.92 46.30 30.71
CA ARG B 183 8.93 46.44 29.26
C ARG B 183 10.36 46.50 28.72
N PHE B 184 11.27 47.12 29.44
CA PHE B 184 12.65 47.27 28.98
C PHE B 184 13.30 45.92 28.75
N PHE B 185 12.92 44.91 29.53
CA PHE B 185 13.57 43.60 29.47
C PHE B 185 12.76 42.58 28.70
N ASN B 186 11.66 43.00 28.06
CA ASN B 186 10.85 42.08 27.23
C ASN B 186 10.23 40.97 28.08
N TRP B 187 9.85 41.27 29.32
CA TRP B 187 9.16 40.32 30.18
C TRP B 187 7.66 40.58 30.05
N THR B 188 6.95 39.70 29.35
CA THR B 188 5.50 39.96 29.03
C THR B 188 4.53 39.03 29.77
N TYR B 189 5.00 37.92 30.34
CA TYR B 189 4.08 37.06 31.15
C TYR B 189 4.56 37.18 32.60
N VAL B 190 3.74 37.69 33.51
CA VAL B 190 4.26 37.95 34.89
C VAL B 190 3.24 37.54 35.95
N SER B 191 3.71 37.20 37.15
CA SER B 191 2.80 36.94 38.26
C SER B 191 2.90 38.04 39.29
N THR B 192 1.81 38.30 39.99
CA THR B 192 1.73 39.39 40.96
C THR B 192 1.33 38.87 42.33
N VAL B 193 1.88 39.47 43.37
CA VAL B 193 1.54 39.17 44.75
C VAL B 193 1.25 40.49 45.47
N ALA B 194 0.17 40.52 46.24
CA ALA B 194 -0.28 41.74 46.90
C ALA B 194 -0.54 41.48 48.38
N SER B 195 -0.55 42.55 49.16
CA SER B 195 -0.91 42.50 50.57
C SER B 195 -2.33 43.01 50.75
N GLU B 196 -3.08 42.35 51.62
CA GLU B 196 -4.45 42.78 51.89
C GLU B 196 -4.43 44.13 52.58
N GLY B 197 -5.26 45.05 52.09
CA GLY B 197 -5.30 46.38 52.66
C GLY B 197 -5.38 47.44 51.59
N ASP B 198 -5.36 48.72 51.98
CA ASP B 198 -5.44 49.78 50.99
C ASP B 198 -4.20 49.84 50.11
N TYR B 199 -3.01 49.80 50.74
CA TYR B 199 -1.76 50.00 50.02
C TYR B 199 -1.59 48.98 48.90
N GLY B 200 -1.54 47.70 49.27
CA GLY B 200 -1.25 46.67 48.29
C GLY B 200 -2.31 46.54 47.21
N GLU B 201 -3.59 46.59 47.60
CA GLU B 201 -4.66 46.43 46.63
C GLU B 201 -4.70 47.58 45.63
N THR B 202 -4.62 48.82 46.11
CA THR B 202 -4.63 49.94 45.18
C THR B 202 -3.40 49.93 44.28
N GLY B 203 -2.23 49.59 44.84
CA GLY B 203 -1.04 49.53 44.02
C GLY B 203 -1.13 48.48 42.93
N ILE B 204 -1.65 47.30 43.25
CA ILE B 204 -1.76 46.25 42.25
C ILE B 204 -2.79 46.62 41.19
N GLU B 205 -3.88 47.28 41.58
CA GLU B 205 -4.84 47.73 40.57
C GLU B 205 -4.20 48.72 39.61
N ALA B 206 -3.44 49.68 40.14
CA ALA B 206 -2.78 50.65 39.27
C ALA B 206 -1.78 49.96 38.36
N PHE B 207 -1.02 49.00 38.89
CA PHE B 207 -0.04 48.30 38.06
C PHE B 207 -0.70 47.50 36.95
N GLU B 208 -1.81 46.83 37.25
CA GLU B 208 -2.51 46.08 36.22
C GLU B 208 -3.03 46.99 35.13
N LEU B 209 -3.57 48.16 35.51
CA LEU B 209 -4.00 49.11 34.48
C LEU B 209 -2.83 49.55 33.61
N GLU B 210 -1.71 49.94 34.24
CA GLU B 210 -0.56 50.41 33.47
C GLU B 210 0.06 49.32 32.61
N ALA B 211 0.04 48.07 33.07
CA ALA B 211 0.64 46.96 32.33
C ALA B 211 -0.15 46.62 31.06
N ARG B 212 -1.48 46.60 31.14
CA ARG B 212 -2.29 46.35 29.95
C ARG B 212 -1.94 47.32 28.84
N ALA B 213 -1.70 48.59 29.18
CA ALA B 213 -1.39 49.60 28.19
C ALA B 213 -0.19 49.21 27.34
N ARG B 214 0.71 48.38 27.87
CA ARG B 214 1.97 48.06 27.21
C ARG B 214 2.01 46.62 26.69
N ASN B 215 0.85 46.00 26.50
CA ASN B 215 0.75 44.62 26.03
C ASN B 215 1.50 43.65 26.93
N ILE B 216 1.32 43.79 28.24
CA ILE B 216 1.87 42.85 29.21
C ILE B 216 0.71 42.13 29.89
N CYS B 217 0.85 40.82 30.06
CA CYS B 217 -0.23 39.98 30.56
C CYS B 217 0.15 39.37 31.90
N VAL B 218 -0.85 39.15 32.77
CA VAL B 218 -0.60 38.59 34.13
C VAL B 218 -1.02 37.13 34.20
N ALA B 219 -0.06 36.22 34.41
CA ALA B 219 -0.36 34.77 34.49
C ALA B 219 -1.21 34.43 35.72
N THR B 220 -0.86 34.96 36.90
CA THR B 220 -1.59 34.57 38.13
C THR B 220 -1.54 35.70 39.16
N SER B 221 -2.55 35.79 40.03
CA SER B 221 -2.61 36.82 41.05
C SER B 221 -2.82 36.19 42.42
N GLU B 222 -2.01 36.60 43.40
CA GLU B 222 -2.08 36.09 44.75
C GLU B 222 -2.30 37.23 45.74
N LYS B 223 -2.91 36.91 46.88
CA LYS B 223 -3.13 37.87 47.95
C LYS B 223 -2.65 37.31 49.27
N VAL B 224 -2.17 38.19 50.14
CA VAL B 224 -1.64 37.82 51.44
C VAL B 224 -2.48 38.49 52.51
N GLY B 225 -3.00 37.69 53.44
CA GLY B 225 -3.87 38.20 54.48
C GLY B 225 -3.12 38.81 55.65
N ARG B 226 -3.91 39.34 56.60
CA ARG B 226 -3.33 39.97 57.77
C ARG B 226 -2.70 38.95 58.71
N ALA B 227 -3.30 37.77 58.81
CA ALA B 227 -2.78 36.69 59.65
C ALA B 227 -2.55 35.47 58.76
N MET B 228 -1.30 35.20 58.42
CA MET B 228 -0.93 34.11 57.54
C MET B 228 0.08 33.22 58.25
N SER B 229 -0.16 31.91 58.22
CA SER B 229 0.76 30.96 58.79
C SER B 229 1.80 30.57 57.76
N ARG B 230 2.79 29.79 58.18
CA ARG B 230 3.85 29.38 57.28
C ARG B 230 3.32 28.51 56.15
N ALA B 231 2.35 27.64 56.46
CA ALA B 231 1.76 26.80 55.43
C ALA B 231 1.05 27.64 54.38
N ALA B 232 0.46 28.76 54.77
CA ALA B 232 -0.18 29.64 53.80
C ALA B 232 0.84 30.27 52.86
N PHE B 233 1.99 30.70 53.38
CA PHE B 233 3.03 31.24 52.52
C PHE B 233 3.57 30.19 51.58
N GLU B 234 3.77 28.97 52.06
CA GLU B 234 4.23 27.90 51.19
C GLU B 234 3.20 27.59 50.10
N GLY B 235 1.91 27.67 50.44
CA GLY B 235 0.89 27.50 49.44
C GLY B 235 0.92 28.59 48.39
N VAL B 236 1.19 29.83 48.81
CA VAL B 236 1.32 30.93 47.86
C VAL B 236 2.50 30.68 46.93
N VAL B 237 3.63 30.22 47.48
CA VAL B 237 4.79 29.92 46.65
C VAL B 237 4.48 28.82 45.65
N ARG B 238 3.80 27.75 46.10
CA ARG B 238 3.47 26.66 45.20
C ARG B 238 2.52 27.10 44.10
N ALA B 239 1.55 27.97 44.42
CA ALA B 239 0.65 28.49 43.40
C ALA B 239 1.36 29.27 42.32
N LEU B 240 2.43 29.99 42.66
CA LEU B 240 3.22 30.68 41.65
C LEU B 240 3.87 29.70 40.68
N LEU B 241 4.31 28.56 41.18
CA LEU B 241 5.04 27.59 40.36
C LEU B 241 4.14 26.81 39.41
N GLN B 242 2.82 26.97 39.51
CA GLN B 242 1.92 26.25 38.61
C GLN B 242 2.12 26.70 37.17
N LYS B 243 2.36 27.99 36.95
CA LYS B 243 2.63 28.54 35.64
C LYS B 243 4.15 28.67 35.43
N PRO B 244 4.84 27.64 34.95
CA PRO B 244 6.29 27.71 34.83
C PRO B 244 6.78 28.68 33.76
N SER B 245 5.90 29.16 32.88
CA SER B 245 6.32 30.13 31.87
C SER B 245 6.62 31.49 32.47
N ALA B 246 5.89 31.88 33.51
CA ALA B 246 6.06 33.17 34.16
C ALA B 246 7.07 33.03 35.29
N ARG B 247 8.31 33.41 35.02
CA ARG B 247 9.39 33.30 35.99
C ARG B 247 9.67 34.60 36.73
N VAL B 248 8.86 35.62 36.53
CA VAL B 248 9.05 36.91 37.17
C VAL B 248 7.86 37.19 38.07
N ALA B 249 8.14 37.52 39.33
CA ALA B 249 7.12 37.79 40.33
C ALA B 249 7.17 39.26 40.72
N VAL B 250 6.03 39.93 40.64
CA VAL B 250 5.90 41.34 40.97
C VAL B 250 5.24 41.45 42.34
N LEU B 251 5.98 41.91 43.33
CA LEU B 251 5.48 42.04 44.69
C LEU B 251 5.15 43.49 44.99
N PHE B 252 3.94 43.72 45.50
CA PHE B 252 3.56 45.05 45.97
C PHE B 252 3.01 44.82 47.37
N THR B 253 3.91 44.73 48.37
CA THR B 253 3.58 44.17 49.67
C THR B 253 4.32 44.91 50.78
N ARG B 254 3.88 44.67 52.01
CA ARG B 254 4.56 45.18 53.19
C ARG B 254 5.84 44.39 53.45
N SER B 255 6.68 44.94 54.34
CA SER B 255 8.01 44.39 54.54
C SER B 255 7.96 43.00 55.19
N GLU B 256 7.09 42.81 56.18
CA GLU B 256 7.04 41.52 56.88
C GLU B 256 6.58 40.41 55.94
N ASP B 257 5.60 40.70 55.08
CA ASP B 257 5.14 39.73 54.10
C ASP B 257 6.26 39.36 53.15
N ALA B 258 7.04 40.35 52.72
CA ALA B 258 8.17 40.06 51.85
C ALA B 258 9.20 39.16 52.53
N ARG B 259 9.50 39.44 53.80
CA ARG B 259 10.45 38.60 54.52
C ARG B 259 9.97 37.16 54.62
N GLU B 260 8.69 36.98 54.96
CA GLU B 260 8.16 35.63 55.11
C GLU B 260 8.10 34.90 53.78
N LEU B 261 7.73 35.59 52.70
CA LEU B 261 7.70 34.95 51.39
C LEU B 261 9.10 34.54 50.93
N LEU B 262 10.11 35.38 51.20
CA LEU B 262 11.47 35.02 50.85
C LEU B 262 11.92 33.78 51.63
N ALA B 263 11.58 33.72 52.92
CA ALA B 263 11.93 32.54 53.71
C ALA B 263 11.25 31.29 53.16
N ALA B 264 9.97 31.41 52.80
CA ALA B 264 9.28 30.25 52.24
C ALA B 264 9.91 29.79 50.94
N SER B 265 10.30 30.72 50.07
CA SER B 265 10.96 30.33 48.82
C SER B 265 12.29 29.66 49.09
N GLN B 266 13.03 30.13 50.10
CA GLN B 266 14.28 29.48 50.46
C GLN B 266 14.06 28.06 50.94
N ARG B 267 12.98 27.83 51.72
CA ARG B 267 12.73 26.49 52.25
C ARG B 267 12.40 25.48 51.15
N LEU B 268 11.62 25.88 50.16
CA LEU B 268 11.19 24.96 49.11
C LEU B 268 12.14 24.91 47.93
N ASN B 269 13.28 25.59 48.02
CA ASN B 269 14.29 25.58 46.97
C ASN B 269 13.71 26.02 45.63
N ALA B 270 13.08 27.19 45.63
CA ALA B 270 12.45 27.76 44.45
C ALA B 270 13.18 29.02 44.02
N SER B 271 13.19 29.28 42.72
CA SER B 271 13.95 30.40 42.14
C SER B 271 13.05 31.25 41.28
N PHE B 272 12.93 32.54 41.62
CA PHE B 272 12.23 33.53 40.83
C PHE B 272 13.11 34.74 40.65
N THR B 273 12.67 35.65 39.78
CA THR B 273 13.25 36.98 39.64
C THR B 273 12.29 37.99 40.25
N TRP B 274 12.72 38.65 41.32
CA TRP B 274 11.85 39.50 42.11
C TRP B 274 11.88 40.93 41.62
N VAL B 275 10.71 41.54 41.51
CA VAL B 275 10.58 42.98 41.29
C VAL B 275 9.66 43.52 42.38
N ALA B 276 10.20 44.36 43.26
CA ALA B 276 9.50 44.78 44.46
C ALA B 276 9.36 46.30 44.52
N SER B 277 8.40 46.75 45.31
CA SER B 277 8.12 48.17 45.50
C SER B 277 8.89 48.68 46.71
N ASP B 278 8.53 49.87 47.20
CA ASP B 278 9.24 50.48 48.30
C ASP B 278 8.93 49.86 49.65
N GLY B 279 7.94 48.97 49.74
CA GLY B 279 7.74 48.24 50.98
C GLY B 279 8.95 47.39 51.34
N TRP B 280 9.47 46.63 50.36
CA TRP B 280 10.76 45.99 50.51
C TRP B 280 11.88 47.01 50.58
N GLY B 281 11.92 47.92 49.62
CA GLY B 281 12.94 48.97 49.63
C GLY B 281 14.33 48.40 49.56
N ALA B 282 15.18 48.83 50.49
CA ALA B 282 16.55 48.36 50.60
C ALA B 282 16.88 48.01 52.04
N LEU B 283 15.97 47.29 52.69
CA LEU B 283 16.19 46.87 54.07
C LEU B 283 17.03 45.61 54.11
N GLU B 284 18.00 45.56 55.02
CA GLU B 284 18.77 44.35 55.22
C GLU B 284 18.03 43.29 56.02
N SER B 285 17.02 43.70 56.80
CA SER B 285 16.29 42.76 57.64
C SER B 285 15.45 41.79 56.81
N VAL B 286 14.97 42.25 55.65
CA VAL B 286 14.12 41.41 54.82
C VAL B 286 14.89 40.21 54.29
N VAL B 287 16.15 40.41 53.94
CA VAL B 287 16.95 39.39 53.26
C VAL B 287 17.96 38.75 54.21
N ALA B 288 17.71 38.77 55.51
CA ALA B 288 18.63 38.19 56.48
C ALA B 288 18.43 36.68 56.53
N GLY B 289 19.46 35.92 56.14
CA GLY B 289 19.39 34.49 56.15
C GLY B 289 18.78 33.86 54.92
N SER B 290 18.23 34.66 54.02
CA SER B 290 17.66 34.17 52.77
C SER B 290 18.40 34.77 51.59
N GLU B 291 19.73 34.83 51.70
CA GLU B 291 20.54 35.46 50.66
C GLU B 291 20.45 34.71 49.34
N GLY B 292 20.42 33.38 49.39
CA GLY B 292 20.38 32.61 48.17
C GLY B 292 19.12 32.85 47.36
N ALA B 293 17.98 32.96 48.03
CA ALA B 293 16.73 33.18 47.31
C ALA B 293 16.58 34.61 46.83
N ALA B 294 17.14 35.57 47.55
CA ALA B 294 16.97 36.98 47.25
C ALA B 294 17.96 37.51 46.24
N GLU B 295 19.01 36.77 45.92
CA GLU B 295 20.04 37.26 45.02
C GLU B 295 19.46 37.56 43.64
N GLY B 296 19.87 38.70 43.08
CA GLY B 296 19.44 39.11 41.76
C GLY B 296 18.14 39.88 41.70
N ALA B 297 17.56 40.24 42.83
CA ALA B 297 16.29 40.95 42.83
C ALA B 297 16.46 42.41 42.45
N ILE B 298 15.36 43.02 42.05
CA ILE B 298 15.31 44.45 41.69
C ILE B 298 14.23 45.12 42.52
N THR B 299 14.58 46.19 43.22
CA THR B 299 13.66 46.89 44.10
C THR B 299 13.70 48.39 43.82
N ILE B 300 12.67 49.09 44.28
CA ILE B 300 12.51 50.51 44.06
C ILE B 300 12.45 51.21 45.41
N GLU B 301 13.13 52.34 45.52
CA GLU B 301 13.10 53.17 46.72
C GLU B 301 12.92 54.63 46.31
N LEU B 302 12.35 55.41 47.21
CA LEU B 302 12.22 56.85 46.98
C LEU B 302 13.60 57.49 46.92
N ALA B 303 13.74 58.47 46.04
CA ALA B 303 15.01 59.17 45.89
C ALA B 303 15.24 60.10 47.07
N SER B 304 16.42 60.00 47.67
CA SER B 304 16.73 60.76 48.89
C SER B 304 18.24 60.84 49.03
N TYR B 305 18.67 61.56 50.07
CA TYR B 305 20.07 61.71 50.42
C TYR B 305 20.18 61.58 51.93
N PRO B 306 21.36 61.23 52.44
CA PRO B 306 21.55 61.17 53.89
C PRO B 306 22.05 62.48 54.46
N ILE B 307 21.52 62.86 55.62
CA ILE B 307 21.93 64.09 56.30
C ILE B 307 23.00 63.73 57.32
N SER B 308 23.99 64.60 57.48
CA SER B 308 25.20 64.24 58.21
C SER B 308 25.17 64.61 59.69
N ASP B 309 24.32 65.55 60.10
CA ASP B 309 24.24 65.87 61.52
C ASP B 309 23.59 64.74 62.30
N PHE B 310 22.63 64.04 61.69
CA PHE B 310 21.92 62.99 62.38
C PHE B 310 22.82 61.83 62.71
N ALA B 311 23.81 61.55 61.87
CA ALA B 311 24.74 60.46 62.15
C ALA B 311 25.50 60.72 63.45
N SER B 312 26.09 61.90 63.58
CA SER B 312 26.83 62.21 64.79
C SER B 312 25.90 62.34 65.99
N TYR B 313 24.66 62.78 65.76
CA TYR B 313 23.69 62.84 66.85
C TYR B 313 23.32 61.44 67.35
N PHE B 314 22.96 60.54 66.45
CA PHE B 314 22.49 59.22 66.84
C PHE B 314 23.60 58.41 67.49
N GLN B 315 24.81 58.46 66.95
CA GLN B 315 25.88 57.59 67.43
C GLN B 315 26.36 57.95 68.82
N SER B 316 25.97 59.10 69.36
CA SER B 316 26.39 59.50 70.70
C SER B 316 25.40 59.12 71.79
N LEU B 317 24.27 58.51 71.44
CA LEU B 317 23.25 58.21 72.43
C LEU B 317 23.60 56.93 73.18
N ASP B 318 23.35 56.94 74.48
CA ASP B 318 23.47 55.75 75.33
C ASP B 318 22.36 55.80 76.37
N PRO B 319 21.98 54.65 76.94
CA PRO B 319 20.79 54.62 77.80
C PRO B 319 20.91 55.41 79.08
N TRP B 320 22.11 55.77 79.52
CA TRP B 320 22.23 56.47 80.79
C TRP B 320 21.87 57.95 80.69
N ASN B 321 22.06 58.57 79.54
CA ASN B 321 21.69 59.97 79.38
C ASN B 321 20.43 60.19 78.56
N ASN B 322 20.10 59.27 77.65
CA ASN B 322 18.89 59.39 76.83
C ASN B 322 17.69 58.87 77.60
N SER B 323 17.34 59.58 78.66
CA SER B 323 16.27 59.15 79.55
C SER B 323 14.90 59.64 79.13
N ARG B 324 14.81 60.60 78.21
CA ARG B 324 13.51 61.11 77.79
C ARG B 324 12.80 60.18 76.83
N ASN B 325 13.51 59.23 76.22
CA ASN B 325 12.90 58.25 75.33
C ASN B 325 12.59 57.00 76.15
N PRO B 326 11.31 56.65 76.34
CA PRO B 326 10.99 55.48 77.17
C PRO B 326 11.31 54.15 76.50
N TRP B 327 11.50 54.13 75.18
CA TRP B 327 11.71 52.89 74.45
C TRP B 327 13.17 52.61 74.14
N PHE B 328 14.10 53.39 74.68
CA PHE B 328 15.49 53.26 74.27
C PHE B 328 16.18 52.06 74.92
N ARG B 329 15.83 51.72 76.16
CA ARG B 329 16.53 50.65 76.85
C ARG B 329 16.19 49.29 76.25
N GLU B 330 14.95 49.10 75.82
CA GLU B 330 14.58 47.87 75.14
C GLU B 330 15.35 47.71 73.84
N PHE B 331 15.49 48.79 73.08
CA PHE B 331 16.28 48.74 71.85
C PHE B 331 17.73 48.44 72.14
N TRP B 332 18.27 49.04 73.21
CA TRP B 332 19.67 48.78 73.57
C TRP B 332 19.88 47.31 73.88
N GLU B 333 18.97 46.72 74.66
CA GLU B 333 19.10 45.31 75.00
C GLU B 333 19.01 44.43 73.76
N GLN B 334 18.05 44.69 72.89
CA GLN B 334 17.94 43.88 71.68
C GLN B 334 19.15 44.04 70.78
N ARG B 335 19.67 45.27 70.66
CA ARG B 335 20.76 45.55 69.73
C ARG B 335 22.07 44.93 70.21
N PHE B 336 22.43 45.14 71.47
CA PHE B 336 23.72 44.69 71.96
C PHE B 336 23.66 43.37 72.73
N ARG B 337 22.47 42.79 72.90
CA ARG B 337 22.28 41.51 73.57
C ARG B 337 22.85 41.54 75.00
N CYS B 338 22.26 42.40 75.81
CA CYS B 338 22.67 42.53 77.21
C CYS B 338 21.42 42.77 78.07
N SER B 339 21.60 42.68 79.38
CA SER B 339 20.52 42.84 80.34
C SER B 339 20.95 43.83 81.42
N PHE B 340 20.14 44.86 81.64
CA PHE B 340 20.50 45.87 82.62
C PHE B 340 20.42 45.36 84.05
N ARG B 341 19.86 44.18 84.26
CA ARG B 341 19.65 43.65 85.60
C ARG B 341 20.81 42.79 86.10
N ARG B 343 24.09 42.69 84.48
CA ARG B 343 24.60 44.02 84.12
C ARG B 343 25.19 44.08 82.71
N ASP B 344 26.53 44.05 82.63
CA ASP B 344 27.29 43.94 81.39
C ASP B 344 26.70 44.68 80.20
N CYS B 345 26.18 45.89 80.42
CA CYS B 345 25.65 46.68 79.32
C CYS B 345 26.49 47.90 79.00
N ALA B 346 27.42 48.29 79.87
CA ALA B 346 28.16 49.53 79.71
C ALA B 346 29.41 49.39 78.85
N ALA B 347 29.77 48.17 78.45
CA ALA B 347 30.95 48.00 77.61
C ALA B 347 30.66 48.42 76.16
N HIS B 348 29.42 48.26 75.72
CA HIS B 348 29.06 48.53 74.34
C HIS B 348 28.87 50.03 74.08
N SER B 349 29.06 50.41 72.83
CA SER B 349 28.83 51.78 72.39
C SER B 349 28.38 51.74 70.94
N LEU B 350 27.60 52.74 70.55
CA LEU B 350 27.11 52.80 69.18
C LEU B 350 28.15 53.35 68.22
N ARG B 351 29.19 54.00 68.75
CA ARG B 351 30.24 54.53 67.88
C ARG B 351 31.11 53.44 67.30
N ALA B 352 31.37 52.37 68.08
CA ALA B 352 32.26 51.32 67.62
C ALA B 352 31.69 50.56 66.44
N VAL B 353 30.39 50.29 66.46
CA VAL B 353 29.72 49.57 65.36
C VAL B 353 29.47 50.55 64.22
N PRO B 354 29.40 50.09 62.97
CA PRO B 354 29.05 50.99 61.86
C PRO B 354 27.59 51.41 61.90
N PHE B 355 27.31 52.55 61.28
CA PHE B 355 25.99 53.14 61.25
C PHE B 355 25.52 53.27 59.80
N GLU B 356 24.34 52.74 59.52
CA GLU B 356 23.73 52.83 58.20
C GLU B 356 22.40 53.58 58.33
N GLN B 357 22.33 54.76 57.76
CA GLN B 357 21.14 55.59 57.90
C GLN B 357 20.00 55.05 57.05
N GLU B 358 18.79 55.13 57.57
CA GLU B 358 17.61 54.63 56.88
C GLU B 358 17.17 55.63 55.80
N SER B 359 16.40 55.15 54.83
CA SER B 359 16.18 55.92 53.61
C SER B 359 15.32 57.16 53.87
N LYS B 360 14.24 57.03 54.65
CA LYS B 360 13.24 58.08 54.75
C LYS B 360 13.44 58.98 55.96
N ILE B 361 14.69 59.21 56.36
CA ILE B 361 14.95 60.21 57.39
C ILE B 361 14.65 61.60 56.86
N MET B 362 14.95 61.85 55.60
CA MET B 362 14.76 63.17 55.01
C MET B 362 13.30 63.61 55.07
N PHE B 363 12.38 62.68 54.80
CA PHE B 363 10.97 63.02 54.77
C PHE B 363 10.41 63.39 56.14
N VAL B 364 10.84 62.73 57.20
CA VAL B 364 10.38 63.07 58.55
C VAL B 364 10.80 64.48 58.91
N VAL B 365 12.06 64.82 58.67
CA VAL B 365 12.57 66.16 58.95
C VAL B 365 11.80 67.19 58.12
N ASN B 366 11.54 66.87 56.85
CA ASN B 366 10.82 67.79 56.00
C ASN B 366 9.41 68.03 56.50
N ALA B 367 8.73 66.98 56.97
CA ALA B 367 7.38 67.15 57.48
C ALA B 367 7.34 68.01 58.72
N VAL B 368 8.26 67.77 59.66
CA VAL B 368 8.29 68.57 60.89
C VAL B 368 8.57 70.04 60.56
N TYR B 369 9.52 70.29 59.65
CA TYR B 369 9.84 71.67 59.28
C TYR B 369 8.69 72.33 58.54
N ALA B 370 7.94 71.59 57.73
CA ALA B 370 6.79 72.15 57.06
C ALA B 370 5.73 72.59 58.06
N MET B 371 5.44 71.77 59.06
CA MET B 371 4.49 72.18 60.08
C MET B 371 4.98 73.40 60.83
N ALA B 372 6.27 73.43 61.17
CA ALA B 372 6.82 74.58 61.88
C ALA B 372 6.68 75.85 61.05
N HIS B 373 6.96 75.77 59.75
CA HIS B 373 6.87 76.96 58.89
C HIS B 373 5.44 77.43 58.75
N ALA B 374 4.48 76.50 58.65
CA ALA B 374 3.08 76.89 58.59
C ALA B 374 2.68 77.66 59.84
N LEU B 375 3.07 77.15 61.01
CA LEU B 375 2.74 77.85 62.25
C LEU B 375 3.44 79.21 62.32
N HIS B 376 4.68 79.29 61.86
CA HIS B 376 5.39 80.56 61.87
C HIS B 376 4.71 81.61 60.99
N ASN B 377 4.31 81.22 59.78
CA ASN B 377 3.63 82.16 58.90
C ASN B 377 2.29 82.57 59.48
N MET B 378 1.55 81.63 60.07
CA MET B 378 0.29 81.98 60.70
C MET B 378 0.49 82.98 61.83
N HIS B 379 1.51 82.77 62.64
CA HIS B 379 1.80 83.70 63.73
C HIS B 379 2.15 85.07 63.20
N ARG B 380 2.93 85.13 62.12
CA ARG B 380 3.28 86.43 61.53
C ARG B 380 2.05 87.15 61.00
N ALA B 381 1.08 86.39 60.49
CA ALA B 381 -0.14 87.02 60.00
C ALA B 381 -1.01 87.53 61.15
N LEU B 382 -1.14 86.74 62.22
CA LEU B 382 -2.15 87.04 63.23
C LEU B 382 -1.63 87.83 64.44
N CYS B 383 -0.35 87.74 64.78
CA CYS B 383 0.20 88.44 65.94
C CYS B 383 1.36 89.30 65.46
N PRO B 384 1.07 90.44 64.84
CA PRO B 384 2.13 91.20 64.17
C PRO B 384 3.09 91.91 65.11
N ASN B 385 2.67 92.24 66.33
CA ASN B 385 3.44 93.12 67.18
C ASN B 385 4.19 92.41 68.30
N THR B 386 4.10 91.08 68.38
CA THR B 386 4.70 90.34 69.48
C THR B 386 5.29 89.02 68.98
N THR B 387 6.28 88.51 69.73
CA THR B 387 6.86 87.22 69.42
C THR B 387 6.19 86.10 70.20
N ARG B 388 5.62 86.41 71.36
CA ARG B 388 4.89 85.44 72.14
C ARG B 388 3.49 85.26 71.57
N LEU B 389 2.87 84.14 71.90
CA LEU B 389 1.51 83.88 71.41
C LEU B 389 0.57 85.00 71.82
N CYS B 390 -0.31 85.39 70.90
CA CYS B 390 -1.30 86.41 71.18
C CYS B 390 -2.65 85.72 71.37
N ASP B 391 -3.67 86.50 71.74
CA ASP B 391 -4.96 85.89 72.04
C ASP B 391 -5.64 85.33 70.80
N ALA B 392 -5.35 85.90 69.63
CA ALA B 392 -6.00 85.43 68.41
C ALA B 392 -5.60 84.00 68.10
N MET B 393 -4.35 83.66 68.32
CA MET B 393 -3.79 82.36 68.00
C MET B 393 -3.94 81.35 69.14
N ARG B 394 -4.61 81.72 70.24
CA ARG B 394 -4.61 80.84 71.42
C ARG B 394 -5.13 79.44 71.12
N PRO B 395 -6.27 79.24 70.46
CA PRO B 395 -6.68 77.88 70.06
C PRO B 395 -6.19 77.48 68.68
N VAL B 396 -5.42 78.34 68.02
CA VAL B 396 -4.84 78.14 66.68
C VAL B 396 -5.89 77.65 65.70
N ASN B 397 -7.15 78.08 65.86
CA ASN B 397 -8.20 77.79 64.89
C ASN B 397 -8.07 76.34 64.41
N GLY B 398 -7.83 76.14 63.12
CA GLY B 398 -7.63 74.80 62.59
C GLY B 398 -8.11 74.59 61.17
N ARG B 399 -9.24 75.17 60.78
CA ARG B 399 -9.60 75.13 59.37
C ARG B 399 -8.71 76.08 58.58
N ARG B 400 -8.40 77.24 59.17
CA ARG B 400 -7.60 78.24 58.49
C ARG B 400 -6.18 77.77 58.25
N LEU B 401 -5.57 77.15 59.26
CA LEU B 401 -4.19 76.71 59.13
C LEU B 401 -4.00 75.74 57.97
N TYR B 402 -4.92 74.80 57.80
CA TYR B 402 -4.81 73.88 56.68
C TYR B 402 -5.22 74.52 55.37
N LYS B 403 -6.29 75.31 55.35
CA LYS B 403 -6.77 75.74 54.05
C LYS B 403 -5.92 76.86 53.47
N ASP B 404 -5.24 77.63 54.32
CA ASP B 404 -4.48 78.78 53.88
C ASP B 404 -2.97 78.59 54.00
N PHE B 405 -2.48 78.09 55.15
CA PHE B 405 -1.04 78.14 55.41
C PHE B 405 -0.30 76.84 55.15
N VAL B 406 -0.91 75.68 55.42
CA VAL B 406 -0.20 74.42 55.25
C VAL B 406 0.13 74.19 53.78
N LEU B 407 -0.82 74.43 52.89
CA LEU B 407 -0.64 74.11 51.48
C LEU B 407 0.16 75.14 50.71
N ASN B 408 0.56 76.25 51.32
CA ASN B 408 1.26 77.32 50.64
C ASN B 408 2.71 77.48 51.08
N VAL B 409 3.26 76.51 51.80
CA VAL B 409 4.62 76.62 52.30
C VAL B 409 5.60 76.33 51.18
N LYS B 410 6.73 77.05 51.21
CA LYS B 410 7.80 76.82 50.25
C LYS B 410 9.09 77.36 50.84
N PHE B 411 10.12 76.53 50.91
CA PHE B 411 11.38 76.90 51.54
C PHE B 411 12.46 75.92 51.12
N ASP B 412 13.70 76.27 51.43
CA ASP B 412 14.82 75.38 51.16
C ASP B 412 14.80 74.20 52.12
N ALA B 413 14.97 73.00 51.60
CA ALA B 413 14.99 71.83 52.45
C ALA B 413 16.24 71.86 53.34
N PRO B 414 16.09 71.66 54.65
CA PRO B 414 17.24 71.84 55.54
C PRO B 414 18.21 70.68 55.47
N PHE B 415 19.45 70.96 55.86
CA PHE B 415 20.51 69.96 55.95
C PHE B 415 20.78 69.25 54.63
N ARG B 416 20.38 69.84 53.53
CA ARG B 416 20.63 69.26 52.22
C ARG B 416 22.07 69.53 51.80
N PRO B 417 22.62 68.69 50.92
CA PRO B 417 23.94 68.99 50.35
C PRO B 417 23.89 70.28 49.54
N ALA B 418 25.01 71.01 49.54
CA ALA B 418 25.01 72.35 48.99
C ALA B 418 24.70 72.38 47.50
N ASP B 419 25.13 71.36 46.75
CA ASP B 419 24.90 71.37 45.31
C ASP B 419 23.42 71.23 44.97
N THR B 420 22.66 70.48 45.75
CA THR B 420 21.27 70.20 45.44
C THR B 420 20.41 71.46 45.57
N HIS B 421 19.22 71.40 44.98
CA HIS B 421 18.25 72.49 45.02
C HIS B 421 16.88 72.03 45.53
N ASN B 422 16.82 71.03 46.40
CA ASN B 422 15.54 70.50 46.84
C ASN B 422 14.74 71.56 47.59
N GLU B 423 13.43 71.56 47.35
CA GLU B 423 12.49 72.48 48.01
C GLU B 423 11.30 71.68 48.51
N VAL B 424 10.61 72.23 49.50
CA VAL B 424 9.46 71.59 50.12
C VAL B 424 8.20 72.35 49.72
N ARG B 425 7.25 71.65 49.11
CA ARG B 425 6.01 72.27 48.67
C ARG B 425 4.98 71.19 48.40
N PHE B 426 3.71 71.59 48.37
CA PHE B 426 2.58 70.70 48.12
C PHE B 426 1.80 71.19 46.90
N ASP B 427 1.23 70.24 46.16
CA ASP B 427 0.37 70.58 45.03
C ASP B 427 -1.07 70.71 45.51
N ARG B 428 -2.02 70.76 44.56
CA ARG B 428 -3.43 70.96 44.90
C ARG B 428 -3.99 69.83 45.76
N PHE B 429 -3.43 68.64 45.66
CA PHE B 429 -3.89 67.50 46.45
C PHE B 429 -3.04 67.25 47.68
N GLY B 430 -2.07 68.12 47.97
CA GLY B 430 -1.21 67.91 49.10
C GLY B 430 -0.30 66.70 48.97
N ASP B 431 0.37 66.57 47.83
CA ASP B 431 1.25 65.45 47.54
C ASP B 431 2.66 65.97 47.28
N GLY B 432 3.59 65.02 47.11
CA GLY B 432 4.97 65.33 46.78
C GLY B 432 5.26 65.06 45.31
N ILE B 433 6.54 65.14 44.98
CA ILE B 433 7.01 64.94 43.61
C ILE B 433 7.52 63.51 43.45
N GLY B 434 7.33 62.96 42.25
CA GLY B 434 7.68 61.57 42.01
C GLY B 434 9.02 61.33 41.34
N ARG B 435 10.02 60.93 42.13
CA ARG B 435 11.33 60.51 41.64
C ARG B 435 11.78 59.30 42.43
N TYR B 436 12.38 58.32 41.76
CA TYR B 436 12.74 57.05 42.38
C TYR B 436 14.13 56.59 41.96
N ASN B 437 14.74 55.77 42.83
CA ASN B 437 15.99 55.08 42.56
C ASN B 437 15.74 53.58 42.47
N ILE B 438 16.59 52.88 41.73
CA ILE B 438 16.43 51.46 41.47
C ILE B 438 17.69 50.72 41.91
N PHE B 439 17.50 49.63 42.65
CA PHE B 439 18.59 48.86 43.24
C PHE B 439 18.53 47.40 42.81
N THR B 440 19.69 46.74 42.86
CA THR B 440 19.79 45.30 42.67
C THR B 440 20.55 44.69 43.84
N TYR B 441 20.28 43.43 44.11
CA TYR B 441 20.91 42.71 45.21
C TYR B 441 21.89 41.71 44.63
N LEU B 442 23.15 41.77 45.07
CA LEU B 442 24.19 40.96 44.48
C LEU B 442 25.18 40.51 45.54
N ARG B 443 26.07 39.61 45.13
CA ARG B 443 27.15 39.11 45.97
C ARG B 443 28.47 39.69 45.49
N ALA B 444 29.26 40.22 46.43
CA ALA B 444 30.54 40.82 46.09
C ALA B 444 31.65 39.78 46.19
N GLY B 447 32.99 37.94 49.71
CA GLY B 447 31.78 37.18 49.41
C GLY B 447 30.51 37.74 50.04
N ARG B 448 30.61 38.95 50.57
CA ARG B 448 29.47 39.58 51.22
C ARG B 448 28.43 40.02 50.18
N TYR B 449 27.19 40.18 50.64
CA TYR B 449 26.09 40.65 49.82
C TYR B 449 25.83 42.13 50.10
N ARG B 450 25.30 42.82 49.10
CA ARG B 450 25.05 44.25 49.24
C ARG B 450 24.03 44.70 48.20
N TYR B 451 23.45 45.87 48.45
CA TYR B 451 22.54 46.50 47.51
C TYR B 451 23.32 47.48 46.64
N GLN B 452 22.97 47.53 45.35
CA GLN B 452 23.69 48.36 44.38
C GLN B 452 22.70 49.16 43.55
N LYS B 453 22.95 50.45 43.39
CA LYS B 453 22.06 51.30 42.60
C LYS B 453 22.40 51.21 41.11
N VAL B 454 21.37 51.05 40.28
CA VAL B 454 21.58 50.81 38.86
C VAL B 454 20.84 51.80 37.96
N GLY B 455 20.00 52.67 38.52
CA GLY B 455 19.31 53.63 37.69
C GLY B 455 18.26 54.39 38.46
N TYR B 456 17.50 55.21 37.72
CA TYR B 456 16.49 56.07 38.31
C TYR B 456 15.33 56.26 37.35
N TRP B 457 14.23 56.81 37.87
CA TRP B 457 13.04 57.10 37.08
C TRP B 457 12.49 58.45 37.46
N ALA B 458 12.39 59.34 36.49
CA ALA B 458 11.73 60.65 36.66
C ALA B 458 11.17 61.02 35.28
N GLU B 459 9.91 60.67 35.06
CA GLU B 459 9.26 60.82 33.76
C GLU B 459 10.05 60.10 32.67
N GLY B 460 10.56 58.91 32.98
CA GLY B 460 11.33 58.15 32.02
C GLY B 460 12.41 57.32 32.69
N LEU B 461 12.61 56.10 32.20
CA LEU B 461 13.52 55.16 32.83
C LEU B 461 14.93 55.33 32.29
N THR B 462 15.89 55.32 33.20
CA THR B 462 17.31 55.28 32.86
C THR B 462 17.99 54.26 33.75
N LEU B 463 18.79 53.38 33.15
CA LEU B 463 19.50 52.40 33.96
C LEU B 463 20.76 51.94 33.24
N ASP B 464 21.78 51.62 34.03
CA ASP B 464 23.06 51.13 33.54
C ASP B 464 23.07 49.61 33.66
N THR B 465 23.09 48.92 32.52
CA THR B 465 23.08 47.47 32.50
C THR B 465 24.45 46.86 32.75
N SER B 466 25.51 47.68 32.83
CA SER B 466 26.83 47.13 33.15
C SER B 466 26.91 46.65 34.58
N LEU B 467 26.21 47.32 35.49
CA LEU B 467 26.31 47.00 36.91
C LEU B 467 25.55 45.73 37.28
N ILE B 468 24.49 45.41 36.56
CA ILE B 468 23.73 44.19 36.88
C ILE B 468 24.53 42.98 36.46
N PRO B 469 24.73 42.00 37.34
CA PRO B 469 25.55 40.84 36.98
C PRO B 469 24.95 39.97 35.88
N TRP B 470 23.68 39.57 36.02
CA TRP B 470 23.11 38.66 35.05
C TRP B 470 22.82 39.34 33.71
N ALA B 471 22.78 40.67 33.68
CA ALA B 471 22.60 41.40 32.44
C ALA B 471 23.90 41.63 31.69
N SER B 472 25.04 41.33 32.30
CA SER B 472 26.32 41.51 31.67
C SER B 472 26.55 40.45 30.59
N PRO B 473 27.35 40.75 29.58
CA PRO B 473 27.68 39.73 28.59
C PRO B 473 28.56 38.66 29.20
N SER B 474 28.61 37.51 28.53
CA SER B 474 29.37 36.33 28.94
C SER B 474 28.79 35.68 30.19
N ALA B 475 27.77 36.26 30.80
CA ALA B 475 27.06 35.59 31.89
C ALA B 475 26.10 34.54 31.35
N GLY B 476 25.52 34.77 30.18
CA GLY B 476 24.58 33.87 29.59
C GLY B 476 23.38 34.61 29.03
N PRO B 477 22.38 33.87 28.58
CA PRO B 477 21.16 34.50 28.09
C PRO B 477 20.40 35.18 29.21
N LEU B 478 19.66 36.23 28.84
CA LEU B 478 18.88 36.96 29.82
C LEU B 478 17.75 36.08 30.35
N PRO B 479 17.34 36.28 31.60
CA PRO B 479 16.15 35.58 32.10
C PRO B 479 14.94 35.91 31.24
N ALA B 480 14.11 34.92 30.99
CA ALA B 480 12.99 35.03 30.07
C ALA B 480 11.68 34.81 30.79
N SER B 481 10.65 35.53 30.34
CA SER B 481 9.31 35.37 30.90
C SER B 481 8.31 35.72 29.80
N ARG B 482 7.79 34.71 29.11
CA ARG B 482 6.88 34.93 27.99
C ARG B 482 5.92 33.76 27.86
N CYS B 483 4.73 34.02 27.29
CA CYS B 483 3.67 32.97 27.18
C CYS B 483 3.94 32.03 26.01
N SER B 484 4.38 32.57 24.86
CA SER B 484 4.54 31.70 23.67
C SER B 484 5.85 31.98 22.93
N GLU B 485 6.61 30.94 22.58
CA GLU B 485 7.79 31.11 21.77
C GLU B 485 7.40 31.44 20.33
N PRO B 486 8.24 32.18 19.61
CA PRO B 486 7.87 32.59 18.25
C PRO B 486 7.59 31.40 17.34
N CYS B 487 6.80 31.66 16.30
CA CYS B 487 6.44 30.65 15.33
C CYS B 487 7.56 30.44 14.32
N LEU B 488 7.45 29.36 13.55
CA LEU B 488 8.49 28.99 12.60
C LEU B 488 8.35 29.80 11.32
N GLN B 489 9.30 29.60 10.40
CA GLN B 489 9.32 30.35 9.14
C GLN B 489 8.08 30.07 8.31
N ASN B 490 7.66 28.81 8.24
CA ASN B 490 6.54 28.40 7.41
C ASN B 490 5.20 28.48 8.12
N GLU B 491 5.18 28.73 9.41
CA GLU B 491 3.95 28.70 10.20
C GLU B 491 3.35 30.09 10.36
N VAL B 492 2.08 30.13 10.76
CA VAL B 492 1.36 31.37 10.99
C VAL B 492 0.73 31.36 12.39
N LYS B 493 0.69 32.53 13.00
CA LYS B 493 0.11 32.71 14.31
C LYS B 493 -1.40 32.76 14.24
N SER B 494 -2.07 32.15 15.22
CA SER B 494 -3.52 32.20 15.30
C SER B 494 -3.91 32.50 16.74
N VAL B 495 -4.58 33.64 16.92
CA VAL B 495 -5.01 34.08 18.28
C VAL B 495 -6.53 34.20 18.30
N GLN B 496 -7.16 33.94 19.44
CA GLN B 496 -8.62 34.18 19.52
C GLN B 496 -8.74 35.70 19.52
N PRO B 497 -9.83 36.30 19.00
CA PRO B 497 -9.87 37.75 18.87
C PRO B 497 -9.54 38.49 20.17
N GLY B 498 -8.65 39.48 20.09
CA GLY B 498 -8.33 40.29 21.27
C GLY B 498 -7.28 39.67 22.18
N GLU B 499 -6.60 38.61 21.75
CA GLU B 499 -5.50 38.04 22.56
C GLU B 499 -4.19 38.63 22.09
N VAL B 500 -3.59 39.52 22.87
CA VAL B 500 -2.37 40.15 22.37
C VAL B 500 -1.08 39.41 22.75
N CYS B 501 -1.10 38.57 23.79
CA CYS B 501 0.15 37.95 24.23
C CYS B 501 0.35 36.53 23.70
N CYS B 502 -0.65 35.67 23.79
CA CYS B 502 -0.48 34.27 23.45
C CYS B 502 -0.96 33.99 22.03
N TRP B 503 -0.42 32.95 21.41
CA TRP B 503 -0.78 32.59 20.05
C TRP B 503 -0.55 31.10 19.83
N LEU B 504 -1.05 30.61 18.70
CA LEU B 504 -0.86 29.23 18.27
C LEU B 504 -0.26 29.22 16.87
N CYS B 505 0.72 28.35 16.65
CA CYS B 505 1.39 28.23 15.36
C CYS B 505 0.67 27.19 14.50
N ILE B 506 0.23 27.61 13.32
CA ILE B 506 -0.41 26.72 12.35
C ILE B 506 0.42 26.71 11.07
N PRO B 507 0.94 25.57 10.63
CA PRO B 507 1.76 25.56 9.42
C PRO B 507 0.94 25.85 8.18
N CYS B 508 1.58 26.53 7.22
CA CYS B 508 0.94 26.79 5.94
C CYS B 508 0.96 25.54 5.07
N GLN B 509 0.18 25.60 3.98
CA GLN B 509 0.16 24.51 3.02
C GLN B 509 1.49 24.46 2.27
N PRO B 510 1.86 23.29 1.75
CA PRO B 510 3.14 23.19 1.03
C PRO B 510 3.24 24.09 -0.18
N TYR B 511 2.12 24.42 -0.83
CA TYR B 511 2.09 25.29 -1.99
C TYR B 511 1.67 26.71 -1.65
N GLU B 512 1.57 27.06 -0.37
CA GLU B 512 1.21 28.40 0.05
C GLU B 512 2.36 29.06 0.77
N TYR B 513 2.49 30.38 0.59
CA TYR B 513 3.58 31.13 1.19
C TYR B 513 3.01 32.15 2.18
N ARG B 514 3.77 32.39 3.24
CA ARG B 514 3.32 33.20 4.37
C ARG B 514 3.25 34.66 3.94
N LEU B 515 2.03 35.14 3.65
CA LEU B 515 1.87 36.53 3.25
C LEU B 515 2.14 37.47 4.43
N ASP B 516 1.51 37.20 5.57
CA ASP B 516 1.80 37.92 6.80
C ASP B 516 1.58 36.95 7.96
N GLU B 517 1.44 37.50 9.18
CA GLU B 517 1.35 36.66 10.37
C GLU B 517 0.16 35.72 10.31
N PHE B 518 -1.02 36.24 9.99
CA PHE B 518 -2.24 35.45 10.10
C PHE B 518 -2.76 34.94 8.76
N THR B 519 -2.00 35.09 7.68
CA THR B 519 -2.46 34.73 6.34
C THR B 519 -1.43 33.88 5.61
N CYS B 520 -1.87 32.73 5.09
CA CYS B 520 -1.07 31.89 4.21
C CYS B 520 -1.65 32.07 2.81
N ALA B 521 -0.88 32.67 1.92
CA ALA B 521 -1.37 33.00 0.58
C ALA B 521 -0.97 31.93 -0.41
N ASP B 522 -1.93 31.53 -1.24
CA ASP B 522 -1.68 30.56 -2.28
C ASP B 522 -0.62 31.08 -3.24
N CYS B 523 0.41 30.27 -3.49
CA CYS B 523 1.49 30.73 -4.35
C CYS B 523 1.02 30.93 -5.78
N GLY B 524 0.21 30.00 -6.29
CA GLY B 524 -0.32 30.13 -7.64
C GLY B 524 -0.25 28.83 -8.42
N LEU B 525 -0.81 28.84 -9.63
CA LEU B 525 -0.78 27.66 -10.49
C LEU B 525 0.55 27.59 -11.22
N GLY B 526 1.19 26.42 -11.16
CA GLY B 526 2.50 26.29 -11.76
C GLY B 526 3.58 27.04 -11.02
N TYR B 527 3.32 27.47 -9.79
CA TYR B 527 4.27 28.24 -9.01
C TYR B 527 4.57 27.53 -7.70
N TRP B 528 5.78 27.76 -7.19
CA TRP B 528 6.26 27.21 -5.94
C TRP B 528 6.69 28.34 -5.02
N PRO B 529 6.41 28.27 -3.68
CA PRO B 529 6.88 29.30 -2.76
C PRO B 529 8.41 29.43 -2.71
N ASN B 530 8.90 30.65 -2.48
CA ASN B 530 10.36 30.91 -2.39
C ASN B 530 10.87 30.35 -1.07
N ALA B 531 12.19 30.24 -0.90
CA ALA B 531 12.78 29.77 0.37
C ALA B 531 12.38 30.72 1.49
N SER B 532 12.32 32.02 1.22
CA SER B 532 11.86 33.03 2.21
C SER B 532 10.40 32.78 2.58
N LEU B 533 9.65 32.08 1.72
CA LEU B 533 8.21 31.81 1.96
C LEU B 533 7.46 33.14 1.86
N THR B 534 8.06 34.14 1.22
CA THR B 534 7.35 35.39 1.00
C THR B 534 7.27 35.75 -0.48
N GLY B 535 7.51 34.79 -1.36
CA GLY B 535 7.47 35.04 -2.79
C GLY B 535 7.24 33.75 -3.54
N CYS B 536 7.09 33.88 -4.86
CA CYS B 536 6.76 32.75 -5.72
C CYS B 536 7.70 32.71 -6.92
N PHE B 537 8.06 31.51 -7.34
CA PHE B 537 8.86 31.31 -8.55
C PHE B 537 8.24 30.19 -9.38
N GLU B 538 8.34 30.34 -10.71
CA GLU B 538 7.68 29.41 -11.62
C GLU B 538 8.42 28.08 -11.67
N LEU B 539 7.65 27.00 -11.74
CA LEU B 539 8.25 25.67 -11.82
C LEU B 539 8.83 25.41 -13.20
N PRO B 540 9.91 24.62 -13.27
CA PRO B 540 10.44 24.24 -14.59
C PRO B 540 9.52 23.27 -15.28
N GLN B 541 9.46 23.35 -16.61
CA GLN B 541 8.65 22.43 -17.38
C GLN B 541 9.36 21.10 -17.54
N GLU B 542 8.62 20.09 -18.01
CA GLU B 542 9.16 18.76 -18.22
C GLU B 542 8.81 18.26 -19.61
N TYR B 543 9.74 17.53 -20.22
CA TYR B 543 9.55 16.89 -21.50
C TYR B 543 10.31 15.57 -21.52
N ILE B 544 10.22 14.85 -22.63
CA ILE B 544 10.97 13.62 -22.84
C ILE B 544 12.33 13.98 -23.44
N ARG B 545 13.36 13.98 -22.61
CA ARG B 545 14.69 14.37 -23.06
C ARG B 545 15.30 13.28 -23.94
N TRP B 546 16.24 13.70 -24.80
CA TRP B 546 16.87 12.77 -25.74
C TRP B 546 17.63 11.64 -25.06
N GLY B 547 17.97 11.79 -23.78
CA GLY B 547 18.77 10.81 -23.09
C GLY B 547 18.04 9.82 -22.22
N ASP B 548 16.72 9.93 -22.09
CA ASP B 548 15.97 9.06 -21.20
C ASP B 548 16.00 7.62 -21.70
N ALA B 549 15.75 6.70 -20.77
CA ALA B 549 15.65 5.30 -21.16
C ALA B 549 14.42 5.06 -22.03
N TRP B 550 13.44 5.95 -21.97
CA TRP B 550 12.24 5.84 -22.78
C TRP B 550 12.46 6.32 -24.21
N ALA B 551 13.63 6.87 -24.51
CA ALA B 551 13.91 7.41 -25.83
C ALA B 551 15.07 6.72 -26.53
N VAL B 552 15.89 5.95 -25.82
CA VAL B 552 17.05 5.35 -26.46
C VAL B 552 16.66 4.26 -27.45
N GLY B 553 15.64 3.47 -27.11
CA GLY B 553 15.20 2.38 -27.94
C GLY B 553 14.72 2.80 -29.31
N PRO B 554 13.70 3.66 -29.34
CA PRO B 554 13.19 4.14 -30.64
C PRO B 554 14.26 4.80 -31.49
N VAL B 555 15.24 5.45 -30.87
CA VAL B 555 16.34 6.03 -31.64
C VAL B 555 17.13 4.94 -32.35
N THR B 556 17.42 3.85 -31.65
CA THR B 556 18.13 2.74 -32.27
C THR B 556 17.32 2.14 -33.41
N ILE B 557 16.01 1.97 -33.20
CA ILE B 557 15.16 1.40 -34.25
C ILE B 557 15.14 2.31 -35.46
N ALA B 558 15.06 3.62 -35.24
CA ALA B 558 15.07 4.57 -36.35
C ALA B 558 16.39 4.51 -37.13
N CYS B 559 17.51 4.41 -36.41
CA CYS B 559 18.79 4.33 -37.10
C CYS B 559 18.86 3.07 -37.96
N LEU B 560 18.43 1.93 -37.42
CA LEU B 560 18.44 0.70 -38.20
C LEU B 560 17.54 0.81 -39.42
N GLY B 561 16.35 1.37 -39.26
CA GLY B 561 15.45 1.51 -40.39
C GLY B 561 16.02 2.41 -41.48
N ALA B 562 16.63 3.53 -41.08
CA ALA B 562 17.24 4.41 -42.07
C ALA B 562 18.36 3.71 -42.82
N LEU B 563 19.21 2.95 -42.11
CA LEU B 563 20.28 2.22 -42.78
C LEU B 563 19.73 1.20 -43.77
N ALA B 564 18.70 0.45 -43.37
CA ALA B 564 18.13 -0.55 -44.27
C ALA B 564 17.51 0.10 -45.50
N THR B 565 16.81 1.22 -45.32
CA THR B 565 16.21 1.88 -46.46
C THR B 565 17.29 2.39 -47.41
N LEU B 566 18.38 2.92 -46.88
CA LEU B 566 19.47 3.37 -47.73
C LEU B 566 20.08 2.21 -48.50
N PHE B 567 20.23 1.06 -47.85
CA PHE B 567 20.76 -0.13 -48.51
C PHE B 567 19.88 -0.49 -49.71
N VAL B 568 18.58 -0.67 -49.45
CA VAL B 568 17.65 -1.07 -50.51
C VAL B 568 17.66 -0.06 -51.65
N LEU B 569 17.66 1.23 -51.31
CA LEU B 569 17.70 2.27 -52.34
C LEU B 569 18.95 2.17 -53.20
N GLY B 570 20.11 1.95 -52.57
CA GLY B 570 21.33 1.81 -53.36
C GLY B 570 21.26 0.63 -54.31
N VAL B 571 20.78 -0.52 -53.80
CA VAL B 571 20.71 -1.72 -54.64
C VAL B 571 19.78 -1.50 -55.83
N PHE B 572 18.61 -0.91 -55.57
CA PHE B 572 17.69 -0.69 -56.69
C PHE B 572 18.17 0.41 -57.63
N VAL B 573 18.97 1.36 -57.13
CA VAL B 573 19.48 2.39 -58.01
C VAL B 573 20.53 1.82 -58.96
N ARG B 574 21.42 0.97 -58.44
CA ARG B 574 22.49 0.44 -59.28
C ARG B 574 21.92 -0.46 -60.38
N HIS B 575 21.07 -1.41 -60.00
CA HIS B 575 20.55 -2.40 -60.94
C HIS B 575 19.25 -1.92 -61.59
N ASN B 576 19.34 -0.81 -62.31
CA ASN B 576 18.18 -0.35 -63.08
C ASN B 576 18.01 -1.13 -64.38
N ALA B 577 19.06 -1.80 -64.85
CA ALA B 577 19.00 -2.49 -66.13
C ALA B 577 18.24 -3.81 -66.07
N THR B 578 18.17 -4.45 -64.92
CA THR B 578 17.54 -5.76 -64.81
C THR B 578 16.06 -5.64 -65.17
N PRO B 579 15.53 -6.54 -65.99
CA PRO B 579 14.13 -6.38 -66.45
C PRO B 579 13.10 -6.36 -65.34
N VAL B 580 13.34 -7.05 -64.23
CA VAL B 580 12.36 -7.04 -63.16
C VAL B 580 12.22 -5.64 -62.58
N VAL B 581 13.32 -4.90 -62.50
CA VAL B 581 13.26 -3.52 -62.02
C VAL B 581 12.53 -2.65 -63.03
N LYS B 582 12.80 -2.85 -64.33
CA LYS B 582 12.22 -1.98 -65.35
C LYS B 582 10.72 -2.22 -65.50
N ALA B 583 10.26 -3.45 -65.33
CA ALA B 583 8.85 -3.75 -65.60
C ALA B 583 7.94 -3.15 -64.54
N SER B 584 8.31 -3.27 -63.27
CA SER B 584 7.44 -2.88 -62.15
C SER B 584 7.61 -1.39 -61.87
N GLY B 585 7.15 -0.57 -62.82
CA GLY B 585 7.09 0.86 -62.63
C GLY B 585 8.45 1.54 -62.65
N ARG B 586 9.34 1.14 -61.74
CA ARG B 586 10.72 1.62 -61.61
C ARG B 586 10.79 3.07 -61.15
N GLU B 587 9.66 3.74 -60.99
CA GLU B 587 9.57 5.09 -60.45
C GLU B 587 8.71 5.13 -59.20
N LEU B 588 7.53 4.52 -59.25
CA LEU B 588 6.70 4.38 -58.07
C LEU B 588 7.46 3.65 -56.97
N CYS B 589 8.39 2.79 -57.36
CA CYS B 589 9.29 2.18 -56.38
C CYS B 589 10.13 3.22 -55.66
N TYR B 590 10.67 4.17 -56.40
CA TYR B 590 11.46 5.24 -55.78
C TYR B 590 10.60 6.12 -54.89
N ILE B 591 9.38 6.41 -55.32
CA ILE B 591 8.47 7.21 -54.49
C ILE B 591 8.16 6.46 -53.18
N LEU B 592 7.88 5.17 -53.28
CA LEU B 592 7.60 4.38 -52.08
C LEU B 592 8.80 4.33 -51.15
N LEU B 593 10.00 4.17 -51.70
CA LEU B 593 11.19 4.12 -50.87
C LEU B 593 11.44 5.45 -50.16
N GLY B 594 11.20 6.56 -50.85
CA GLY B 594 11.31 7.86 -50.19
C GLY B 594 10.31 8.00 -49.05
N GLY B 595 9.07 7.56 -49.27
CA GLY B 595 8.08 7.61 -48.21
C GLY B 595 8.48 6.78 -47.00
N VAL B 596 9.03 5.59 -47.25
CA VAL B 596 9.49 4.74 -46.14
C VAL B 596 10.60 5.44 -45.36
N PHE B 597 11.53 6.09 -46.07
CA PHE B 597 12.60 6.81 -45.37
C PHE B 597 12.05 7.92 -44.50
N LEU B 598 11.07 8.67 -45.01
CA LEU B 598 10.46 9.71 -44.20
C LEU B 598 9.76 9.12 -42.97
N CYS B 599 9.11 7.97 -43.16
CA CYS B 599 8.45 7.29 -42.04
C CYS B 599 9.43 7.00 -40.92
N TYR B 600 10.60 6.49 -41.28
CA TYR B 600 11.60 6.23 -40.24
C TYR B 600 12.14 7.52 -39.64
N CYS B 601 12.32 8.56 -40.45
CA CYS B 601 12.92 9.78 -39.93
C CYS B 601 11.99 10.54 -38.98
N MET B 602 10.69 10.28 -39.03
CA MET B 602 9.77 11.10 -38.24
C MET B 602 9.91 10.86 -36.73
N THR B 603 10.20 9.63 -36.32
CA THR B 603 10.34 9.40 -34.89
C THR B 603 11.54 10.14 -34.31
N PHE B 604 12.44 10.67 -35.15
CA PHE B 604 13.45 11.59 -34.66
C PHE B 604 12.82 12.89 -34.20
N ILE B 605 11.81 13.38 -34.93
CA ILE B 605 11.26 14.69 -34.60
C ILE B 605 10.16 14.60 -33.57
N PHE B 606 9.59 13.42 -33.34
CA PHE B 606 8.58 13.36 -32.28
C PHE B 606 9.20 13.49 -30.89
N ILE B 607 10.33 12.83 -30.64
CA ILE B 607 11.00 12.95 -29.36
C ILE B 607 11.89 14.18 -29.36
N ALA B 608 11.29 15.36 -29.28
CA ALA B 608 12.06 16.60 -29.30
C ALA B 608 11.37 17.62 -28.40
N LYS B 609 12.09 18.69 -28.08
CA LYS B 609 11.51 19.75 -27.26
C LYS B 609 10.47 20.50 -28.06
N PRO B 610 9.22 20.56 -27.62
CA PRO B 610 8.18 21.18 -28.45
C PRO B 610 8.39 22.67 -28.62
N SER B 611 7.93 23.15 -29.77
CA SER B 611 7.90 24.57 -30.11
C SER B 611 6.78 24.75 -31.13
N THR B 612 6.71 25.94 -31.72
CA THR B 612 5.73 26.15 -32.79
C THR B 612 6.17 25.43 -34.06
N ALA B 613 7.44 25.55 -34.42
CA ALA B 613 7.93 24.86 -35.61
C ALA B 613 7.83 23.35 -35.48
N VAL B 614 8.20 22.82 -34.31
CA VAL B 614 8.07 21.38 -34.08
C VAL B 614 6.61 20.95 -34.11
N CYS B 615 5.71 21.79 -33.59
CA CYS B 615 4.30 21.45 -33.64
C CYS B 615 3.79 21.39 -35.07
N THR B 616 4.21 22.34 -35.91
CA THR B 616 3.80 22.31 -37.32
C THR B 616 4.32 21.05 -38.01
N LEU B 617 5.61 20.76 -37.82
CA LEU B 617 6.18 19.55 -38.41
C LEU B 617 5.43 18.30 -37.95
N ARG B 618 5.05 18.27 -36.67
CA ARG B 618 4.33 17.12 -36.14
C ARG B 618 2.94 17.00 -36.74
N ARG B 619 2.27 18.13 -36.99
CA ARG B 619 0.94 18.04 -37.55
C ARG B 619 0.92 17.85 -39.06
N LEU B 620 2.06 18.00 -39.74
CA LEU B 620 2.09 17.74 -41.18
C LEU B 620 2.69 16.38 -41.54
N GLY B 621 3.89 16.09 -41.00
CA GLY B 621 4.67 14.99 -41.51
C GLY B 621 4.05 13.63 -41.31
N LEU B 622 3.30 13.42 -40.23
CA LEU B 622 2.72 12.11 -39.98
C LEU B 622 1.78 11.71 -41.12
N GLY B 623 0.80 12.57 -41.38
CA GLY B 623 -0.12 12.33 -42.48
C GLY B 623 0.61 12.24 -43.81
N THR B 624 1.59 13.14 -44.02
CA THR B 624 2.32 13.11 -45.28
C THR B 624 2.99 11.75 -45.49
N ALA B 625 3.66 11.25 -44.46
CA ALA B 625 4.44 10.03 -44.60
C ALA B 625 3.56 8.82 -44.85
N PHE B 626 2.43 8.70 -44.13
CA PHE B 626 1.57 7.57 -44.45
C PHE B 626 0.92 7.71 -45.83
N SER B 627 0.49 8.92 -46.18
CA SER B 627 -0.26 9.08 -47.43
C SER B 627 0.61 8.84 -48.65
N VAL B 628 1.90 9.20 -48.59
CA VAL B 628 2.77 8.96 -49.73
C VAL B 628 2.83 7.46 -50.05
N CYS B 629 3.12 6.66 -49.02
CA CYS B 629 3.26 5.22 -49.21
C CYS B 629 1.96 4.59 -49.69
N TYR B 630 0.86 4.94 -49.04
CA TYR B 630 -0.38 4.24 -49.38
C TYR B 630 -0.93 4.68 -50.73
N SER B 631 -0.69 5.94 -51.14
CA SER B 631 -1.06 6.34 -52.49
C SER B 631 -0.22 5.61 -53.54
N ALA B 632 1.08 5.44 -53.27
CA ALA B 632 1.91 4.68 -54.21
C ALA B 632 1.40 3.25 -54.34
N LEU B 633 1.08 2.61 -53.22
CA LEU B 633 0.57 1.24 -53.29
C LEU B 633 -0.74 1.18 -54.07
N LEU B 634 -1.65 2.13 -53.83
CA LEU B 634 -2.92 2.09 -54.55
C LEU B 634 -2.72 2.27 -56.05
N THR B 635 -1.81 3.17 -56.45
CA THR B 635 -1.57 3.34 -57.88
C THR B 635 -0.96 2.08 -58.48
N LYS B 636 -0.09 1.38 -57.74
CA LYS B 636 0.54 0.23 -58.34
C LYS B 636 -0.47 -0.89 -58.48
N THR B 637 -1.32 -1.06 -57.46
CA THR B 637 -2.29 -2.13 -57.52
C THR B 637 -3.24 -1.88 -58.69
N ASN B 638 -3.61 -0.62 -58.91
CA ASN B 638 -4.51 -0.31 -60.02
C ASN B 638 -3.84 -0.63 -61.35
N ARG B 639 -2.55 -0.29 -61.48
CA ARG B 639 -1.84 -0.57 -62.72
C ARG B 639 -1.78 -2.08 -62.98
N ILE B 640 -1.51 -2.87 -61.94
CA ILE B 640 -1.53 -4.32 -62.14
C ILE B 640 -2.94 -4.77 -62.48
N ALA B 641 -3.94 -4.16 -61.85
CA ALA B 641 -5.33 -4.55 -62.06
C ALA B 641 -5.76 -4.32 -63.50
N ARG B 642 -5.06 -3.43 -64.20
CA ARG B 642 -5.45 -3.11 -65.58
C ARG B 642 -5.47 -4.36 -66.43
N ILE B 643 -4.52 -5.26 -66.22
CA ILE B 643 -4.47 -6.55 -66.91
C ILE B 643 -4.96 -7.62 -65.94
N PHE B 644 -6.02 -8.33 -66.33
CA PHE B 644 -6.62 -9.42 -65.55
C PHE B 644 -6.59 -9.19 -64.04
N PHE B 656 -6.13 6.29 -71.04
CA PHE B 656 -6.00 4.94 -70.49
C PHE B 656 -4.79 4.83 -69.58
N ILE B 657 -4.27 3.61 -69.42
CA ILE B 657 -3.10 3.40 -68.59
C ILE B 657 -1.87 3.86 -69.34
N SER B 658 -1.10 4.75 -68.74
CA SER B 658 0.09 5.33 -69.33
C SER B 658 1.15 5.46 -68.25
N PRO B 659 2.42 5.58 -68.64
CA PRO B 659 3.46 5.83 -67.62
C PRO B 659 3.25 7.14 -66.86
N ALA B 660 2.50 8.09 -67.42
CA ALA B 660 2.30 9.38 -66.78
C ALA B 660 0.97 9.50 -66.04
N SER B 661 -0.07 8.79 -66.47
CA SER B 661 -1.36 8.90 -65.79
C SER B 661 -1.29 8.39 -64.36
N GLN B 662 -0.56 7.30 -64.14
CA GLN B 662 -0.40 6.77 -62.78
C GLN B 662 0.33 7.76 -61.88
N VAL B 663 1.36 8.44 -62.39
CA VAL B 663 2.08 9.41 -61.58
C VAL B 663 1.18 10.58 -61.25
N ALA B 664 0.35 11.01 -62.20
CA ALA B 664 -0.59 12.08 -61.92
C ALA B 664 -1.58 11.66 -60.84
N ILE B 665 -2.06 10.42 -60.89
CA ILE B 665 -2.98 9.94 -59.86
C ILE B 665 -2.30 9.93 -58.50
N CYS B 666 -1.04 9.46 -58.44
CA CYS B 666 -0.31 9.45 -57.18
C CYS B 666 -0.17 10.86 -56.61
N LEU B 667 0.20 11.82 -57.47
CA LEU B 667 0.40 13.18 -57.00
C LEU B 667 -0.91 13.81 -56.56
N ALA B 668 -2.01 13.51 -57.25
CA ALA B 668 -3.31 14.02 -56.82
C ALA B 668 -3.69 13.49 -55.45
N LEU B 669 -3.50 12.18 -55.23
CA LEU B 669 -3.82 11.60 -53.93
C LEU B 669 -2.97 12.21 -52.82
N ILE B 670 -1.70 12.46 -53.09
CA ILE B 670 -0.83 13.11 -52.10
C ILE B 670 -1.32 14.53 -51.82
N SER B 671 -1.63 15.28 -52.89
CA SER B 671 -2.00 16.68 -52.70
C SER B 671 -3.30 16.80 -51.93
N GLY B 672 -4.15 15.78 -51.99
CA GLY B 672 -5.34 15.80 -51.13
C GLY B 672 -4.98 15.92 -49.66
N GLN B 673 -4.00 15.12 -49.22
CA GLN B 673 -3.57 15.17 -47.83
C GLN B 673 -2.90 16.50 -47.52
N LEU B 674 -2.10 17.03 -48.46
CA LEU B 674 -1.51 18.34 -48.22
C LEU B 674 -2.58 19.41 -48.04
N LEU B 675 -3.62 19.36 -48.86
CA LEU B 675 -4.76 20.26 -48.70
C LEU B 675 -5.35 20.14 -47.30
N ILE B 676 -5.65 18.91 -46.87
CA ILE B 676 -6.30 18.73 -45.58
C ILE B 676 -5.44 19.30 -44.46
N VAL B 677 -4.15 18.97 -44.47
CA VAL B 677 -3.31 19.36 -43.34
C VAL B 677 -3.08 20.86 -43.32
N VAL B 678 -2.89 21.48 -44.50
CA VAL B 678 -2.69 22.93 -44.51
C VAL B 678 -3.96 23.66 -44.08
N ALA B 679 -5.13 23.20 -44.53
CA ALA B 679 -6.37 23.84 -44.10
C ALA B 679 -6.55 23.72 -42.60
N TRP B 680 -6.32 22.52 -42.04
CA TRP B 680 -6.50 22.30 -40.61
C TRP B 680 -5.46 23.03 -39.78
N LEU B 681 -4.25 23.22 -40.31
CA LEU B 681 -3.24 24.00 -39.59
C LEU B 681 -3.49 25.50 -39.68
N VAL B 682 -4.04 25.98 -40.79
CA VAL B 682 -4.37 27.40 -40.89
C VAL B 682 -5.54 27.75 -39.98
N VAL B 683 -6.54 26.87 -39.92
CA VAL B 683 -7.69 27.15 -39.05
C VAL B 683 -7.25 27.18 -37.59
N GLU B 684 -6.52 26.15 -37.15
CA GLU B 684 -6.08 26.04 -35.76
C GLU B 684 -4.57 26.27 -35.70
N ALA B 685 -4.17 27.44 -35.22
CA ALA B 685 -2.77 27.78 -35.18
C ALA B 685 -2.03 26.84 -34.21
N PRO B 686 -0.79 26.46 -34.52
CA PRO B 686 -0.04 25.60 -33.61
C PRO B 686 0.55 26.40 -32.46
N GLY B 687 0.35 25.89 -31.23
CA GLY B 687 0.87 26.52 -30.05
C GLY B 687 1.34 25.51 -29.04
N THR B 688 2.05 25.99 -28.02
CA THR B 688 2.58 25.16 -26.96
C THR B 688 1.98 25.58 -25.63
N GLY B 689 1.66 24.60 -24.78
CA GLY B 689 1.09 24.87 -23.47
C GLY B 689 1.79 24.06 -22.39
N LYS B 690 1.39 24.33 -21.15
CA LYS B 690 1.93 23.67 -19.97
C LYS B 690 0.79 23.06 -19.16
N GLU B 691 0.94 21.79 -18.78
CA GLU B 691 -0.05 21.05 -18.01
C GLU B 691 0.42 20.96 -16.56
N THR B 692 0.06 21.97 -15.76
CA THR B 692 0.44 22.00 -14.35
C THR B 692 -0.65 21.47 -13.43
N ALA B 693 -1.76 20.99 -13.99
CA ALA B 693 -2.89 20.53 -13.19
C ALA B 693 -2.68 19.31 -12.29
N PRO B 694 -1.93 18.26 -12.69
CA PRO B 694 -2.00 17.01 -11.91
C PRO B 694 -1.64 17.05 -10.43
N GLU B 695 -0.54 17.67 -10.02
CA GLU B 695 -0.18 17.66 -8.60
C GLU B 695 -0.40 18.99 -7.93
N ARG B 696 -1.08 19.92 -8.59
CA ARG B 696 -1.39 21.26 -8.10
C ARG B 696 -0.12 22.10 -7.99
N ARG B 697 0.90 21.55 -7.32
CA ARG B 697 2.14 22.27 -7.13
C ARG B 697 3.34 21.52 -7.70
N GLU B 698 3.12 20.44 -8.45
CA GLU B 698 4.22 19.74 -9.07
C GLU B 698 3.78 19.18 -10.41
N VAL B 699 4.68 18.42 -11.03
CA VAL B 699 4.43 17.70 -12.28
C VAL B 699 3.88 18.60 -13.38
N VAL B 700 4.55 19.72 -13.63
CA VAL B 700 4.21 20.58 -14.76
C VAL B 700 5.04 20.16 -15.96
N THR B 701 4.39 19.99 -17.10
CA THR B 701 5.03 19.49 -18.31
C THR B 701 4.83 20.47 -19.45
N LEU B 702 5.54 20.25 -20.54
CA LEU B 702 5.43 21.07 -21.74
C LEU B 702 4.71 20.27 -22.82
N ARG B 703 3.63 20.84 -23.35
CA ARG B 703 2.79 20.13 -24.30
C ARG B 703 2.38 21.08 -25.42
N CYS B 704 2.00 20.50 -26.55
CA CYS B 704 1.51 21.27 -27.69
C CYS B 704 0.05 21.65 -27.47
N ASN B 705 -0.30 22.88 -27.86
CA ASN B 705 -1.63 23.39 -27.57
C ASN B 705 -2.71 22.61 -28.29
N HIS B 706 -2.40 22.04 -29.45
CA HIS B 706 -3.38 21.25 -30.17
C HIS B 706 -3.67 19.96 -29.42
N ARG B 707 -4.95 19.62 -29.35
CA ARG B 707 -5.37 18.37 -28.73
C ARG B 707 -5.12 17.19 -29.67
N ASP B 708 -5.04 16.00 -29.08
CA ASP B 708 -4.76 14.80 -29.87
C ASP B 708 -5.89 14.50 -30.85
N ALA B 709 -7.14 14.60 -30.41
CA ALA B 709 -8.27 14.20 -31.23
C ALA B 709 -8.37 15.01 -32.53
N SER B 710 -7.85 16.24 -32.53
CA SER B 710 -7.89 17.06 -33.75
C SER B 710 -7.10 16.43 -34.88
N MET B 711 -6.06 15.65 -34.56
CA MET B 711 -5.29 14.94 -35.58
C MET B 711 -6.13 13.95 -36.37
N LEU B 712 -7.20 13.43 -35.77
CA LEU B 712 -7.93 12.28 -36.32
C LEU B 712 -8.30 12.46 -37.78
N GLY B 713 -8.75 13.66 -38.16
CA GLY B 713 -9.20 13.89 -39.52
C GLY B 713 -8.19 13.45 -40.57
N SER B 714 -6.93 13.84 -40.39
CA SER B 714 -5.90 13.46 -41.35
C SER B 714 -5.78 11.94 -41.46
N LEU B 715 -5.72 11.25 -40.32
CA LEU B 715 -5.63 9.79 -40.31
C LEU B 715 -6.79 9.14 -41.06
N ALA B 716 -7.99 9.73 -40.97
CA ALA B 716 -9.15 9.17 -41.66
C ALA B 716 -8.87 8.92 -43.13
N TYR B 717 -8.27 9.91 -43.80
CA TYR B 717 -7.87 9.81 -45.20
C TYR B 717 -7.10 8.52 -45.44
N ASN B 718 -5.97 8.36 -44.74
CA ASN B 718 -5.12 7.19 -44.93
C ASN B 718 -5.88 5.90 -44.66
N VAL B 719 -6.73 5.91 -43.63
CA VAL B 719 -7.49 4.70 -43.32
C VAL B 719 -8.31 4.28 -44.53
N LEU B 720 -9.01 5.24 -45.14
CA LEU B 720 -9.82 4.91 -46.31
C LEU B 720 -8.92 4.41 -47.44
N LEU B 721 -7.77 5.06 -47.65
CA LEU B 721 -6.84 4.61 -48.68
C LEU B 721 -6.53 3.13 -48.51
N ILE B 722 -6.18 2.72 -47.29
CA ILE B 722 -5.89 1.31 -47.04
C ILE B 722 -7.11 0.46 -47.32
N ALA B 723 -8.29 0.90 -46.87
CA ALA B 723 -9.50 0.11 -47.05
C ALA B 723 -9.80 -0.14 -48.51
N LEU B 724 -9.29 0.70 -49.42
CA LEU B 724 -9.42 0.40 -50.85
C LEU B 724 -8.26 -0.49 -51.31
N CYS B 725 -7.03 -0.11 -50.96
CA CYS B 725 -5.85 -0.76 -51.51
C CYS B 725 -5.88 -2.25 -51.21
N THR B 726 -6.06 -2.61 -49.93
CA THR B 726 -6.14 -4.02 -49.56
C THR B 726 -7.17 -4.76 -50.42
N LEU B 727 -8.36 -4.19 -50.57
CA LEU B 727 -9.41 -4.82 -51.37
C LEU B 727 -8.92 -5.14 -52.77
N TYR B 728 -8.35 -4.15 -53.45
CA TYR B 728 -7.89 -4.40 -54.81
C TYR B 728 -6.75 -5.40 -54.85
N ALA B 729 -5.83 -5.34 -53.87
CA ALA B 729 -4.78 -6.34 -53.81
C ALA B 729 -5.35 -7.73 -53.58
N PHE B 730 -6.55 -7.80 -53.00
CA PHE B 730 -7.22 -9.08 -52.82
C PHE B 730 -7.84 -9.58 -54.11
N LYS B 731 -8.31 -8.68 -54.96
CA LYS B 731 -9.02 -9.14 -56.15
C LYS B 731 -8.07 -9.61 -57.25
N THR B 732 -6.79 -9.27 -57.17
CA THR B 732 -5.81 -9.58 -58.21
C THR B 732 -4.74 -10.53 -57.69
N ARG B 733 -5.06 -11.36 -56.70
CA ARG B 733 -4.05 -12.23 -56.09
C ARG B 733 -3.52 -13.26 -57.08
N LYS B 734 -4.37 -13.82 -57.92
CA LYS B 734 -3.97 -14.88 -58.85
C LYS B 734 -3.59 -14.29 -60.20
N CYS B 735 -2.51 -13.51 -60.19
CA CYS B 735 -2.03 -12.83 -61.40
C CYS B 735 -0.52 -12.76 -61.35
N PRO B 736 0.19 -13.67 -62.02
CA PRO B 736 1.66 -13.62 -62.06
C PRO B 736 2.16 -12.67 -63.13
N GLU B 737 2.79 -11.59 -62.70
CA GLU B 737 3.32 -10.60 -63.63
C GLU B 737 4.84 -10.52 -63.59
N ASN B 738 5.43 -10.26 -62.42
CA ASN B 738 6.88 -10.21 -62.24
C ASN B 738 7.20 -11.06 -61.03
N PHE B 739 7.36 -12.36 -61.26
CA PHE B 739 7.61 -13.31 -60.18
C PHE B 739 6.49 -13.26 -59.14
N ASN B 740 5.29 -12.96 -59.60
CA ASN B 740 4.07 -13.02 -58.80
C ASN B 740 4.11 -12.03 -57.63
N GLU B 741 4.29 -10.75 -57.96
CA GLU B 741 4.36 -9.71 -56.95
C GLU B 741 3.02 -9.33 -56.36
N ALA B 742 1.91 -9.68 -57.04
CA ALA B 742 0.60 -9.27 -56.56
C ALA B 742 0.29 -9.88 -55.19
N LYS B 743 0.64 -11.15 -55.00
CA LYS B 743 0.39 -11.76 -53.70
C LYS B 743 1.29 -11.17 -52.62
N PHE B 744 2.48 -10.72 -52.97
CA PHE B 744 3.31 -10.02 -52.00
C PHE B 744 2.68 -8.70 -51.59
N ILE B 745 2.10 -7.97 -52.55
CA ILE B 745 1.39 -6.75 -52.21
C ILE B 745 0.22 -7.07 -51.28
N GLY B 746 -0.49 -8.16 -51.54
CA GLY B 746 -1.57 -8.56 -50.66
C GLY B 746 -1.08 -8.85 -49.25
N PHE B 747 0.04 -9.56 -49.12
CA PHE B 747 0.59 -9.84 -47.79
C PHE B 747 0.92 -8.56 -47.05
N THR B 748 1.54 -7.60 -47.75
CA THR B 748 1.86 -6.33 -47.13
C THR B 748 0.61 -5.61 -46.64
N MET B 749 -0.44 -5.60 -47.47
CA MET B 749 -1.67 -4.94 -47.06
C MET B 749 -2.28 -5.58 -45.82
N TYR B 750 -2.34 -6.92 -45.78
CA TYR B 750 -2.93 -7.58 -44.62
C TYR B 750 -2.15 -7.28 -43.35
N THR B 751 -0.83 -7.34 -43.42
CA THR B 751 -0.03 -7.08 -42.23
C THR B 751 -0.19 -5.65 -41.74
N THR B 752 -0.22 -4.69 -42.66
CA THR B 752 -0.41 -3.30 -42.25
C THR B 752 -1.78 -3.10 -41.60
N CYS B 753 -2.82 -3.74 -42.14
CA CYS B 753 -4.13 -3.66 -41.50
C CYS B 753 -4.08 -4.18 -40.08
N ILE B 754 -3.39 -5.30 -39.86
CA ILE B 754 -3.29 -5.86 -38.51
C ILE B 754 -2.59 -4.87 -37.57
N ILE B 755 -1.50 -4.27 -38.03
CA ILE B 755 -0.76 -3.34 -37.15
C ILE B 755 -1.63 -2.16 -36.78
N TRP B 756 -2.33 -1.59 -37.76
CA TRP B 756 -3.14 -0.41 -37.45
C TRP B 756 -4.28 -0.76 -36.50
N LEU B 757 -4.92 -1.92 -36.69
CA LEU B 757 -5.98 -2.33 -35.79
C LEU B 757 -5.46 -2.51 -34.37
N ALA B 758 -4.27 -3.10 -34.23
CA ALA B 758 -3.71 -3.26 -32.89
C ALA B 758 -3.40 -1.90 -32.27
N PHE B 759 -2.86 -0.97 -33.05
CA PHE B 759 -2.38 0.27 -32.47
C PHE B 759 -3.49 1.23 -32.07
N LEU B 760 -4.53 1.37 -32.90
CA LEU B 760 -5.46 2.47 -32.70
C LEU B 760 -6.03 2.59 -31.29
N PRO B 761 -6.54 1.52 -30.66
CA PRO B 761 -7.11 1.69 -29.31
C PRO B 761 -6.07 2.01 -28.24
N ILE B 762 -4.81 1.66 -28.46
CA ILE B 762 -3.79 1.83 -27.44
C ILE B 762 -3.59 3.30 -27.13
N PHE B 763 -3.70 4.14 -28.15
CA PHE B 763 -3.55 5.58 -27.95
C PHE B 763 -4.57 6.10 -26.94
N TYR B 764 -5.85 5.79 -27.17
CA TYR B 764 -6.89 6.23 -26.24
C TYR B 764 -6.71 5.62 -24.86
N VAL B 765 -6.36 4.33 -24.79
CA VAL B 765 -6.21 3.70 -23.49
C VAL B 765 -5.06 4.34 -22.72
N THR B 766 -3.99 4.72 -23.41
CA THR B 766 -2.81 5.30 -22.79
C THR B 766 -2.84 6.82 -22.82
N SER B 767 -4.00 7.40 -23.09
CA SER B 767 -4.12 8.86 -23.02
C SER B 767 -3.72 9.40 -21.65
N SER B 768 -3.84 8.58 -20.60
CA SER B 768 -3.54 9.04 -19.26
C SER B 768 -2.07 9.43 -19.10
N ASP B 769 -1.17 8.63 -19.68
CA ASP B 769 0.26 8.83 -19.54
C ASP B 769 0.88 9.19 -20.88
N TYR B 770 1.66 10.27 -20.90
CA TYR B 770 2.18 10.79 -22.16
C TYR B 770 3.43 10.07 -22.64
N ARG B 771 4.32 9.69 -21.72
CA ARG B 771 5.59 9.09 -22.11
C ARG B 771 5.37 7.79 -22.87
N VAL B 772 4.57 6.89 -22.31
CA VAL B 772 4.27 5.63 -22.96
C VAL B 772 3.55 5.88 -24.27
N GLN B 773 2.72 6.92 -24.32
CA GLN B 773 1.99 7.23 -25.55
C GLN B 773 2.94 7.56 -26.69
N THR B 774 3.92 8.44 -26.44
CA THR B 774 4.88 8.77 -27.48
C THR B 774 5.73 7.56 -27.84
N THR B 775 6.13 6.77 -26.85
CA THR B 775 6.94 5.60 -27.16
C THR B 775 6.20 4.62 -28.05
N THR B 776 4.92 4.36 -27.75
CA THR B 776 4.15 3.44 -28.58
C THR B 776 3.94 4.00 -29.98
N MET B 777 3.69 5.31 -30.09
CA MET B 777 3.53 5.89 -31.42
C MET B 777 4.79 5.72 -32.25
N CYS B 778 5.96 6.00 -31.65
CA CYS B 778 7.21 5.84 -32.38
C CYS B 778 7.43 4.40 -32.81
N VAL B 779 7.21 3.45 -31.89
CA VAL B 779 7.41 2.04 -32.22
C VAL B 779 6.47 1.60 -33.33
N SER B 780 5.20 2.02 -33.25
CA SER B 780 4.24 1.64 -34.27
C SER B 780 4.62 2.20 -35.64
N VAL B 781 5.09 3.44 -35.70
CA VAL B 781 5.48 4.00 -36.99
C VAL B 781 6.65 3.23 -37.58
N SER B 782 7.65 2.93 -36.76
CA SER B 782 8.80 2.20 -37.27
C SER B 782 8.41 0.82 -37.78
N LEU B 783 7.55 0.11 -37.04
CA LEU B 783 7.10 -1.20 -37.48
C LEU B 783 6.27 -1.11 -38.76
N SER B 784 5.45 -0.06 -38.89
CA SER B 784 4.64 0.09 -40.08
C SER B 784 5.49 0.29 -41.31
N GLY B 785 6.60 1.01 -41.19
CA GLY B 785 7.53 1.09 -42.31
C GLY B 785 8.24 -0.23 -42.59
N SER B 786 8.71 -0.89 -41.53
CA SER B 786 9.49 -2.11 -41.72
C SER B 786 8.68 -3.23 -42.34
N VAL B 787 7.39 -3.29 -42.06
CA VAL B 787 6.58 -4.34 -42.68
C VAL B 787 6.58 -4.19 -44.19
N VAL B 788 6.28 -3.00 -44.70
CA VAL B 788 6.25 -2.78 -46.15
C VAL B 788 7.61 -3.13 -46.73
N LEU B 789 8.67 -2.61 -46.13
CA LEU B 789 10.01 -2.86 -46.65
C LEU B 789 10.27 -4.36 -46.77
N GLY B 790 10.26 -5.07 -45.63
CA GLY B 790 10.63 -6.47 -45.64
C GLY B 790 9.68 -7.35 -46.43
N CYS B 791 8.39 -7.01 -46.44
CA CYS B 791 7.41 -7.87 -47.09
C CYS B 791 7.46 -7.74 -48.60
N LEU B 792 7.72 -6.54 -49.12
CA LEU B 792 7.63 -6.36 -50.57
C LEU B 792 8.98 -6.38 -51.26
N PHE B 793 10.01 -5.80 -50.66
CA PHE B 793 11.26 -5.64 -51.37
C PHE B 793 12.25 -6.77 -51.11
N ALA B 794 11.97 -7.66 -50.16
CA ALA B 794 12.89 -8.77 -49.91
C ALA B 794 12.95 -9.75 -51.08
N PRO B 795 11.84 -10.21 -51.67
CA PRO B 795 11.97 -11.16 -52.79
C PRO B 795 12.73 -10.62 -53.98
N LYS B 796 12.49 -9.37 -54.36
CA LYS B 796 13.21 -8.78 -55.48
C LYS B 796 14.69 -8.68 -55.19
N LEU B 797 15.05 -8.24 -53.98
CA LEU B 797 16.44 -8.18 -53.59
C LEU B 797 17.07 -9.57 -53.60
N HIS B 798 16.33 -10.57 -53.14
CA HIS B 798 16.84 -11.94 -53.11
C HIS B 798 17.15 -12.44 -54.51
N ILE B 799 16.21 -12.25 -55.44
CA ILE B 799 16.46 -12.75 -56.79
C ILE B 799 17.55 -11.94 -57.47
N ILE B 800 17.70 -10.66 -57.11
CA ILE B 800 18.74 -9.86 -57.71
C ILE B 800 20.12 -10.29 -57.22
N LEU B 801 20.27 -10.51 -55.92
CA LEU B 801 21.59 -10.76 -55.34
C LEU B 801 21.91 -12.26 -55.26
N PHE B 802 21.08 -13.01 -54.55
CA PHE B 802 21.40 -14.41 -54.26
C PHE B 802 21.39 -15.27 -55.52
N GLN B 803 20.46 -15.00 -56.45
CA GLN B 803 20.32 -15.78 -57.67
C GLN B 803 20.33 -14.84 -58.87
N PRO B 804 21.50 -14.30 -59.22
CA PRO B 804 21.57 -13.35 -60.34
C PRO B 804 21.21 -13.95 -61.68
N GLN B 805 21.27 -15.28 -61.82
CA GLN B 805 20.93 -15.90 -63.10
C GLN B 805 19.47 -15.65 -63.48
N LYS B 806 18.56 -15.74 -62.52
CA LYS B 806 17.15 -15.51 -62.79
C LYS B 806 16.86 -14.03 -62.97
N LEU C 5 35.45 -66.05 -16.21
CA LEU C 5 35.82 -65.51 -17.51
C LEU C 5 37.21 -64.92 -17.45
N SER C 6 38.23 -65.72 -17.74
CA SER C 6 39.60 -65.23 -17.71
C SER C 6 39.88 -64.49 -19.00
N ALA C 7 41.15 -64.22 -19.26
CA ALA C 7 41.49 -63.41 -20.42
C ALA C 7 41.01 -64.02 -21.72
N GLU C 8 40.79 -65.32 -21.78
CA GLU C 8 40.30 -65.89 -23.04
C GLU C 8 38.95 -65.30 -23.42
N ASP C 9 38.03 -65.26 -22.46
CA ASP C 9 36.72 -64.69 -22.73
C ASP C 9 36.82 -63.21 -23.04
N LYS C 10 37.69 -62.49 -22.35
CA LYS C 10 37.85 -61.06 -22.60
C LYS C 10 38.32 -60.79 -24.01
N ALA C 11 39.31 -61.55 -24.46
CA ALA C 11 39.77 -61.40 -25.83
C ALA C 11 38.67 -61.74 -26.82
N ALA C 12 37.91 -62.79 -26.53
CA ALA C 12 36.84 -63.17 -27.44
C ALA C 12 35.80 -62.07 -27.57
N VAL C 13 35.41 -61.46 -26.45
CA VAL C 13 34.39 -60.44 -26.54
C VAL C 13 34.92 -59.17 -27.18
N GLU C 14 36.20 -58.85 -26.98
CA GLU C 14 36.78 -57.70 -27.69
C GLU C 14 36.79 -57.91 -29.20
N ARG C 15 37.18 -59.11 -29.64
CA ARG C 15 37.17 -59.39 -31.07
C ARG C 15 35.75 -59.35 -31.63
N SER C 16 34.79 -59.88 -30.88
CA SER C 16 33.41 -59.83 -31.32
C SER C 16 32.91 -58.41 -31.46
N LYS C 17 33.30 -57.54 -30.54
CA LYS C 17 32.90 -56.14 -30.63
C LYS C 17 33.48 -55.49 -31.89
N MET C 18 34.74 -55.78 -32.20
CA MET C 18 35.31 -55.23 -33.43
C MET C 18 34.57 -55.72 -34.66
N ILE C 19 34.25 -57.01 -34.70
CA ILE C 19 33.51 -57.55 -35.83
C ILE C 19 32.15 -56.88 -35.96
N ASP C 20 31.47 -56.67 -34.84
CA ASP C 20 30.14 -56.06 -34.91
C ASP C 20 30.22 -54.60 -35.38
N ARG C 21 31.24 -53.86 -34.93
CA ARG C 21 31.38 -52.49 -35.41
C ARG C 21 31.64 -52.45 -36.91
N ASN C 22 32.50 -53.33 -37.41
CA ASN C 22 32.75 -53.37 -38.85
C ASN C 22 31.49 -53.73 -39.62
N LEU C 23 30.74 -54.71 -39.14
CA LEU C 23 29.51 -55.10 -39.82
C LEU C 23 28.49 -53.97 -39.85
N ARG C 24 28.32 -53.27 -38.74
CA ARG C 24 27.36 -52.16 -38.71
C ARG C 24 27.77 -51.06 -39.67
N GLU C 25 29.06 -50.71 -39.70
CA GLU C 25 29.50 -49.68 -40.63
C GLU C 25 29.26 -50.09 -42.07
N ASP C 26 29.61 -51.33 -42.42
CA ASP C 26 29.44 -51.78 -43.79
C ASP C 26 27.97 -51.81 -44.19
N GLY C 27 27.10 -52.27 -43.30
CA GLY C 27 25.69 -52.29 -43.61
C GLY C 27 25.08 -50.92 -43.77
N GLU C 28 25.48 -49.97 -42.91
CA GLU C 28 24.98 -48.61 -43.03
C GLU C 28 25.45 -47.99 -44.35
N LYS C 29 26.69 -48.24 -44.73
CA LYS C 29 27.17 -47.73 -46.00
C LYS C 29 26.44 -48.35 -47.17
N ALA C 30 26.16 -49.66 -47.08
CA ALA C 30 25.58 -50.38 -48.21
C ALA C 30 24.07 -50.25 -48.27
N ALA C 31 23.45 -49.58 -47.32
CA ALA C 31 22.01 -49.38 -47.37
C ALA C 31 21.64 -48.20 -48.24
N ARG C 32 22.65 -47.46 -48.73
CA ARG C 32 22.43 -46.28 -49.53
C ARG C 32 22.41 -46.59 -51.02
N GLU C 33 22.98 -47.72 -51.44
CA GLU C 33 23.00 -48.05 -52.84
C GLU C 33 21.60 -48.29 -53.35
N VAL C 34 21.34 -47.88 -54.59
CA VAL C 34 20.04 -48.03 -55.22
C VAL C 34 20.12 -49.17 -56.21
N LYS C 35 19.34 -50.21 -55.98
CA LYS C 35 19.38 -51.43 -56.78
C LYS C 35 18.28 -51.39 -57.83
N LEU C 36 18.63 -51.77 -59.06
CA LEU C 36 17.71 -51.75 -60.18
C LEU C 36 17.77 -53.08 -60.91
N LEU C 37 16.63 -53.75 -61.03
CA LEU C 37 16.58 -55.01 -61.75
C LEU C 37 16.28 -54.73 -63.21
N LEU C 38 16.84 -55.54 -64.10
CA LEU C 38 16.63 -55.38 -65.53
C LEU C 38 15.85 -56.56 -66.08
N LEU C 39 14.86 -56.28 -66.91
CA LEU C 39 14.06 -57.34 -67.51
C LEU C 39 13.64 -56.94 -68.92
N GLY C 40 13.13 -57.91 -69.64
CA GLY C 40 12.67 -57.70 -70.99
C GLY C 40 12.73 -59.00 -71.77
N ALA C 41 12.45 -58.90 -73.07
CA ALA C 41 12.53 -60.03 -73.96
C ALA C 41 13.88 -60.03 -74.68
N GLY C 42 14.20 -61.17 -75.29
CA GLY C 42 15.43 -61.27 -76.04
C GLY C 42 15.39 -60.44 -77.31
N GLU C 43 16.57 -59.94 -77.70
CA GLU C 43 16.72 -59.12 -78.91
C GLU C 43 15.81 -57.89 -78.87
N SER C 44 15.67 -57.32 -77.68
CA SER C 44 14.84 -56.13 -77.48
C SER C 44 15.65 -54.86 -77.32
N GLY C 45 16.94 -54.90 -77.64
CA GLY C 45 17.78 -53.73 -77.47
C GLY C 45 18.24 -53.48 -76.06
N LYS C 46 18.31 -54.53 -75.23
CA LYS C 46 18.77 -54.33 -73.86
C LYS C 46 20.24 -53.96 -73.81
N SER C 47 21.05 -54.46 -74.75
CA SER C 47 22.46 -54.11 -74.77
C SER C 47 22.66 -52.62 -75.01
N THR C 48 21.89 -52.05 -75.94
CA THR C 48 21.99 -50.62 -76.19
C THR C 48 21.55 -49.81 -74.98
N ILE C 49 20.50 -50.27 -74.29
CA ILE C 49 20.04 -49.57 -73.09
C ILE C 49 21.10 -49.60 -72.01
N VAL C 50 21.75 -50.76 -71.83
CA VAL C 50 22.80 -50.87 -70.82
C VAL C 50 23.98 -49.98 -71.18
N LYS C 51 24.38 -49.99 -72.45
CA LYS C 51 25.52 -49.19 -72.87
C LYS C 51 25.22 -47.70 -72.86
N GLN C 52 23.95 -47.32 -72.97
CA GLN C 52 23.59 -45.90 -72.97
C GLN C 52 23.84 -45.25 -71.62
N MET C 53 23.86 -46.02 -70.54
CA MET C 53 24.12 -45.51 -69.20
C MET C 53 25.55 -45.90 -68.82
N LYS C 54 26.49 -45.03 -69.19
CA LYS C 54 27.92 -45.24 -68.95
C LYS C 54 28.39 -46.57 -69.52
N THR C 182 27.19 -66.67 -68.74
CA THR C 182 27.64 -67.17 -67.45
C THR C 182 26.48 -67.22 -66.46
N GLY C 183 26.44 -66.23 -65.56
CA GLY C 183 25.40 -66.16 -64.56
C GLY C 183 24.71 -64.82 -64.56
N ILE C 184 24.72 -64.16 -63.43
CA ILE C 184 24.13 -62.83 -63.30
C ILE C 184 25.26 -61.84 -63.55
N VAL C 185 24.94 -60.76 -64.28
CA VAL C 185 25.92 -59.74 -64.60
C VAL C 185 25.52 -58.46 -63.88
N GLU C 186 26.52 -57.79 -63.32
CA GLU C 186 26.30 -56.63 -62.47
C GLU C 186 27.13 -55.46 -62.99
N THR C 187 26.63 -54.25 -62.77
CA THR C 187 27.31 -53.05 -63.23
C THR C 187 27.16 -51.93 -62.19
N HIS C 188 28.17 -51.08 -62.11
CA HIS C 188 28.16 -49.91 -61.24
C HIS C 188 28.14 -48.63 -62.07
N PHE C 189 27.37 -47.65 -61.63
CA PHE C 189 27.55 -46.30 -62.13
C PHE C 189 26.99 -45.31 -61.11
N THR C 190 27.61 -44.14 -61.05
CA THR C 190 27.26 -43.10 -60.09
C THR C 190 26.79 -41.87 -60.84
N PHE C 191 25.68 -41.29 -60.39
CA PHE C 191 25.14 -40.09 -61.01
C PHE C 191 24.63 -39.14 -59.94
N LYS C 192 25.06 -37.88 -60.02
CA LYS C 192 24.66 -36.85 -59.07
C LYS C 192 24.93 -37.28 -57.63
N ASP C 193 26.12 -37.85 -57.41
CA ASP C 193 26.53 -38.33 -56.09
C ASP C 193 25.54 -39.35 -55.54
N LEU C 194 25.06 -40.24 -56.40
CA LEU C 194 24.12 -41.28 -56.05
C LEU C 194 24.59 -42.61 -56.60
N HIS C 195 24.48 -43.66 -55.79
CA HIS C 195 25.00 -44.97 -56.15
C HIS C 195 23.90 -45.82 -56.78
N PHE C 196 24.25 -46.52 -57.86
CA PHE C 196 23.29 -47.30 -58.64
C PHE C 196 23.84 -48.69 -58.91
N LYS C 197 23.18 -49.70 -58.35
CA LYS C 197 23.45 -51.09 -58.67
C LYS C 197 22.57 -51.53 -59.83
N MET C 198 23.15 -52.22 -60.80
CA MET C 198 22.43 -52.59 -62.02
C MET C 198 22.56 -54.09 -62.23
N PHE C 199 21.45 -54.83 -62.11
CA PHE C 199 21.45 -56.29 -62.14
C PHE C 199 20.85 -56.78 -63.45
N ASP C 200 21.69 -57.31 -64.33
CA ASP C 200 21.22 -57.99 -65.53
C ASP C 200 21.04 -59.47 -65.20
N VAL C 201 19.85 -60.01 -65.48
CA VAL C 201 19.54 -61.36 -65.05
C VAL C 201 18.99 -62.18 -66.22
N GLY C 202 18.80 -61.53 -67.36
CA GLY C 202 18.12 -62.18 -68.47
C GLY C 202 18.79 -63.42 -69.03
N GLY C 203 20.07 -63.62 -68.73
CA GLY C 203 20.78 -64.77 -69.23
C GLY C 203 20.70 -66.03 -68.40
N GLN C 204 19.86 -66.05 -67.35
CA GLN C 204 19.84 -67.19 -66.43
C GLN C 204 19.46 -68.49 -67.13
N ARG C 205 18.39 -68.48 -67.92
CA ARG C 205 17.94 -69.65 -68.66
C ARG C 205 17.57 -70.82 -67.75
N SER C 206 16.67 -70.58 -66.80
CA SER C 206 16.16 -71.61 -65.90
C SER C 206 14.75 -71.23 -65.52
N GLU C 207 14.20 -71.86 -64.49
CA GLU C 207 12.85 -71.56 -64.06
C GLU C 207 12.84 -70.23 -63.31
N ARG C 208 12.12 -69.24 -63.85
CA ARG C 208 12.10 -67.92 -63.23
C ARG C 208 11.40 -67.94 -61.89
N LYS C 209 10.33 -68.75 -61.75
CA LYS C 209 9.52 -68.72 -60.55
C LYS C 209 10.24 -69.30 -59.34
N LYS C 210 11.30 -70.07 -59.54
CA LYS C 210 12.00 -70.68 -58.42
C LYS C 210 12.84 -69.66 -57.66
N TRP C 211 13.51 -68.75 -58.37
CA TRP C 211 14.42 -67.81 -57.74
C TRP C 211 13.99 -66.35 -57.86
N ILE C 212 12.81 -66.07 -58.41
CA ILE C 212 12.41 -64.68 -58.62
C ILE C 212 12.26 -63.92 -57.32
N HIS C 213 12.06 -64.62 -56.21
CA HIS C 213 11.80 -63.94 -54.95
C HIS C 213 13.06 -63.37 -54.32
N CYS C 214 14.24 -63.70 -54.82
CA CYS C 214 15.46 -63.13 -54.24
C CYS C 214 15.54 -61.63 -54.41
N PHE C 215 14.80 -61.07 -55.37
CA PHE C 215 14.90 -59.65 -55.70
C PHE C 215 13.78 -58.82 -55.09
N GLU C 216 13.04 -59.35 -54.15
CA GLU C 216 12.06 -58.54 -53.44
C GLU C 216 12.77 -57.40 -52.72
N GLY C 217 12.23 -56.20 -52.85
CA GLY C 217 12.84 -55.03 -52.26
C GLY C 217 13.71 -54.21 -53.20
N VAL C 218 13.90 -54.65 -54.45
CA VAL C 218 14.60 -53.82 -55.41
C VAL C 218 13.76 -52.57 -55.68
N THR C 219 14.43 -51.42 -55.71
CA THR C 219 13.71 -50.15 -55.77
C THR C 219 12.89 -50.01 -57.04
N ALA C 220 13.41 -50.46 -58.18
CA ALA C 220 12.72 -50.25 -59.44
C ALA C 220 12.99 -51.41 -60.39
N ILE C 221 12.02 -51.66 -61.28
CA ILE C 221 12.15 -52.66 -62.33
C ILE C 221 12.18 -51.94 -63.67
N ILE C 222 13.24 -52.17 -64.43
CA ILE C 222 13.45 -51.51 -65.72
C ILE C 222 13.08 -52.51 -66.81
N PHE C 223 12.03 -52.20 -67.56
CA PHE C 223 11.53 -53.06 -68.63
C PHE C 223 11.92 -52.47 -69.99
N CYS C 224 12.12 -53.35 -70.97
CA CYS C 224 12.47 -52.93 -72.32
C CYS C 224 11.56 -53.61 -73.33
N VAL C 225 10.93 -52.82 -74.20
CA VAL C 225 9.98 -53.31 -75.19
C VAL C 225 10.46 -52.92 -76.58
N ALA C 226 10.52 -53.90 -77.48
CA ALA C 226 10.95 -53.65 -78.85
C ALA C 226 9.75 -53.23 -79.69
N LEU C 227 9.83 -52.05 -80.30
CA LEU C 227 8.76 -51.54 -81.14
C LEU C 227 8.87 -52.04 -82.58
N SER C 228 10.08 -52.08 -83.13
CA SER C 228 10.28 -52.54 -84.49
C SER C 228 9.99 -54.03 -84.65
N ASP C 229 9.98 -54.77 -83.55
CA ASP C 229 9.59 -56.18 -83.57
C ASP C 229 8.11 -56.31 -83.21
N TYR C 230 7.27 -55.73 -84.06
CA TYR C 230 5.83 -55.68 -83.82
C TYR C 230 5.03 -56.63 -84.70
N ASP C 231 5.59 -57.12 -85.79
CA ASP C 231 4.87 -58.02 -86.67
C ASP C 231 5.69 -59.24 -87.07
N ASN C 241 3.09 -63.15 -83.46
CA ASN C 241 3.42 -61.76 -83.18
C ASN C 241 4.29 -61.65 -81.93
N ARG C 242 5.46 -61.03 -82.09
CA ARG C 242 6.37 -60.88 -80.96
C ARG C 242 5.77 -60.00 -79.87
N MET C 243 4.96 -59.01 -80.25
CA MET C 243 4.40 -58.10 -79.26
C MET C 243 3.42 -58.80 -78.33
N HIS C 244 2.71 -59.82 -78.82
CA HIS C 244 1.86 -60.59 -77.91
C HIS C 244 2.69 -61.27 -76.83
N GLU C 245 3.83 -61.85 -77.21
CA GLU C 245 4.71 -62.46 -76.21
C GLU C 245 5.24 -61.42 -75.24
N SER C 246 5.64 -60.26 -75.75
CA SER C 246 6.15 -59.21 -74.87
C SER C 246 5.08 -58.73 -73.91
N MET C 247 3.85 -58.56 -74.39
CA MET C 247 2.76 -58.13 -73.52
C MET C 247 2.43 -59.19 -72.47
N LYS C 248 2.45 -60.47 -72.84
CA LYS C 248 2.19 -61.51 -71.85
C LYS C 248 3.28 -61.51 -70.78
N LEU C 249 4.54 -61.37 -71.18
CA LEU C 249 5.63 -61.31 -70.22
C LEU C 249 5.45 -60.11 -69.29
N PHE C 250 5.07 -58.97 -69.85
CA PHE C 250 4.83 -57.80 -69.01
C PHE C 250 3.70 -58.07 -68.03
N ASP C 251 2.61 -58.67 -68.50
CA ASP C 251 1.47 -58.96 -67.64
C ASP C 251 1.91 -59.77 -66.44
N SER C 252 2.76 -60.77 -66.66
CA SER C 252 3.14 -61.66 -65.57
C SER C 252 3.89 -60.91 -64.47
N ILE C 253 4.79 -60.00 -64.85
CA ILE C 253 5.61 -59.30 -63.86
C ILE C 253 4.75 -58.41 -62.96
N CYS C 254 3.74 -57.77 -63.53
CA CYS C 254 2.87 -56.90 -62.74
C CYS C 254 2.11 -57.67 -61.67
N ASN C 255 1.64 -58.87 -61.98
CA ASN C 255 0.80 -59.62 -61.06
C ASN C 255 1.56 -60.53 -60.11
N ASN C 256 2.88 -60.63 -60.20
CA ASN C 256 3.62 -61.43 -59.23
C ASN C 256 3.38 -60.91 -57.82
N LYS C 257 3.32 -61.84 -56.87
CA LYS C 257 3.01 -61.46 -55.49
C LYS C 257 4.15 -60.69 -54.83
N TRP C 258 5.40 -61.01 -55.17
CA TRP C 258 6.52 -60.29 -54.57
C TRP C 258 6.56 -58.84 -54.99
N PHE C 259 6.07 -58.53 -56.19
CA PHE C 259 6.16 -57.21 -56.79
C PHE C 259 4.87 -56.43 -56.66
N THR C 260 4.19 -56.57 -55.52
CA THR C 260 2.92 -55.87 -55.32
C THR C 260 3.11 -54.36 -55.27
N ASP C 261 4.19 -53.89 -54.65
CA ASP C 261 4.40 -52.46 -54.45
C ASP C 261 5.58 -51.91 -55.23
N THR C 262 6.28 -52.72 -56.01
CA THR C 262 7.43 -52.24 -56.76
C THR C 262 7.00 -51.43 -57.98
N SER C 263 7.80 -50.42 -58.29
CA SER C 263 7.52 -49.51 -59.40
C SER C 263 8.19 -50.01 -60.66
N ILE C 264 7.61 -49.65 -61.80
CA ILE C 264 8.05 -50.15 -63.10
C ILE C 264 8.47 -48.95 -63.94
N ILE C 265 9.70 -48.99 -64.44
CA ILE C 265 10.21 -48.00 -65.39
C ILE C 265 10.29 -48.66 -66.74
N LEU C 266 9.54 -48.14 -67.70
CA LEU C 266 9.37 -48.77 -69.00
C LEU C 266 10.10 -47.96 -70.07
N PHE C 267 10.93 -48.63 -70.86
CA PHE C 267 11.65 -48.01 -71.96
C PHE C 267 11.18 -48.62 -73.27
N LEU C 268 10.62 -47.80 -74.14
CA LEU C 268 10.16 -48.24 -75.45
C LEU C 268 11.23 -47.91 -76.48
N ASN C 269 11.91 -48.94 -76.99
CA ASN C 269 13.03 -48.75 -77.90
C ASN C 269 12.61 -49.08 -79.33
N LYS C 270 13.57 -48.90 -80.26
CA LYS C 270 13.38 -49.18 -81.68
C LYS C 270 12.23 -48.38 -82.29
N LYS C 271 12.16 -47.09 -81.94
CA LYS C 271 11.17 -46.19 -82.53
C LYS C 271 11.64 -45.57 -83.84
N ASP C 272 12.96 -45.39 -84.00
CA ASP C 272 13.49 -44.82 -85.24
C ASP C 272 13.15 -45.69 -86.44
N LEU C 273 13.28 -47.01 -86.29
CA LEU C 273 12.83 -47.93 -87.32
C LEU C 273 11.31 -48.08 -87.34
N PHE C 274 10.67 -47.86 -86.19
CA PHE C 274 9.22 -48.02 -86.12
C PHE C 274 8.50 -46.99 -86.97
N GLU C 275 9.00 -45.75 -86.98
CA GLU C 275 8.34 -44.71 -87.76
C GLU C 275 8.26 -45.09 -89.23
N GLU C 276 9.34 -45.66 -89.76
CA GLU C 276 9.35 -46.11 -91.15
C GLU C 276 8.57 -47.40 -91.33
N LYS C 277 8.55 -48.27 -90.32
CA LYS C 277 7.83 -49.54 -90.46
C LYS C 277 6.31 -49.36 -90.45
N ILE C 278 5.81 -48.27 -89.85
CA ILE C 278 4.36 -48.05 -89.88
C ILE C 278 3.85 -48.01 -91.31
N LYS C 279 4.57 -47.33 -92.20
CA LYS C 279 4.12 -47.23 -93.59
C LYS C 279 4.09 -48.60 -94.27
N LYS C 280 5.12 -49.42 -94.04
CA LYS C 280 5.13 -50.74 -94.66
C LYS C 280 4.15 -51.67 -93.98
N SER C 281 4.09 -51.65 -92.66
CA SER C 281 3.17 -52.48 -91.88
C SER C 281 2.38 -51.57 -90.95
N PRO C 282 1.07 -51.40 -91.17
CA PRO C 282 0.28 -50.53 -90.29
C PRO C 282 0.22 -51.07 -88.87
N LEU C 283 0.00 -50.16 -87.92
CA LEU C 283 -0.03 -50.51 -86.51
C LEU C 283 -1.20 -51.42 -86.15
N THR C 284 -2.18 -51.58 -87.05
CA THR C 284 -3.26 -52.52 -86.82
C THR C 284 -2.80 -53.96 -86.92
N ILE C 285 -1.56 -54.20 -87.36
CA ILE C 285 -1.02 -55.55 -87.47
C ILE C 285 -0.45 -55.99 -86.12
N SER C 293 -6.48 -44.57 -88.28
CA SER C 293 -5.70 -43.39 -87.98
C SER C 293 -4.20 -43.71 -87.99
N ASN C 294 -3.69 -44.10 -89.15
CA ASN C 294 -2.28 -44.48 -89.26
C ASN C 294 -1.39 -43.25 -89.16
N THR C 295 -0.58 -43.19 -88.11
CA THR C 295 0.34 -42.09 -87.85
C THR C 295 1.30 -42.55 -86.75
N TYR C 296 2.36 -41.76 -86.54
CA TYR C 296 3.31 -42.09 -85.49
C TYR C 296 2.70 -41.85 -84.12
N GLU C 297 2.04 -40.70 -83.93
CA GLU C 297 1.47 -40.38 -82.63
C GLU C 297 0.38 -41.36 -82.23
N GLU C 298 -0.50 -41.72 -83.17
CA GLU C 298 -1.58 -42.65 -82.85
C GLU C 298 -1.03 -44.01 -82.46
N ALA C 299 -0.07 -44.53 -83.22
CA ALA C 299 0.49 -45.83 -82.88
C ALA C 299 1.19 -45.80 -81.54
N ALA C 300 1.95 -44.73 -81.27
CA ALA C 300 2.63 -44.64 -79.99
C ALA C 300 1.63 -44.59 -78.84
N ALA C 301 0.57 -43.79 -78.99
CA ALA C 301 -0.43 -43.69 -77.93
C ALA C 301 -1.14 -45.02 -77.72
N TYR C 302 -1.46 -45.72 -78.82
CA TYR C 302 -2.14 -47.00 -78.68
C TYR C 302 -1.26 -48.02 -77.97
N ILE C 303 0.03 -48.08 -78.33
CA ILE C 303 0.93 -49.02 -77.67
C ILE C 303 1.05 -48.68 -76.19
N GLN C 304 1.24 -47.40 -75.89
CA GLN C 304 1.39 -46.99 -74.50
C GLN C 304 0.14 -47.32 -73.69
N CYS C 305 -1.05 -47.13 -74.28
CA CYS C 305 -2.26 -47.42 -73.54
C CYS C 305 -2.46 -48.91 -73.36
N GLN C 306 -2.17 -49.71 -74.39
CA GLN C 306 -2.39 -51.15 -74.25
C GLN C 306 -1.41 -51.77 -73.26
N PHE C 307 -0.23 -51.19 -73.06
CA PHE C 307 0.61 -51.68 -71.96
C PHE C 307 0.21 -51.11 -70.61
N GLU C 308 0.07 -49.79 -70.51
CA GLU C 308 -0.17 -49.17 -69.22
C GLU C 308 -1.51 -49.56 -68.59
N ASP C 309 -2.42 -50.17 -69.36
CA ASP C 309 -3.70 -50.62 -68.82
C ASP C 309 -3.65 -52.04 -68.30
N LEU C 310 -2.48 -52.50 -67.84
CA LEU C 310 -2.31 -53.87 -67.38
C LEU C 310 -1.82 -53.94 -65.94
N ASN C 311 -2.13 -52.93 -65.11
CA ASN C 311 -1.85 -52.99 -63.68
C ASN C 311 -3.13 -52.69 -62.93
N LYS C 312 -3.62 -53.68 -62.19
CA LYS C 312 -4.87 -53.52 -61.45
C LYS C 312 -4.71 -52.57 -60.26
N ARG C 313 -3.67 -52.77 -59.47
CA ARG C 313 -3.44 -51.95 -58.26
C ARG C 313 -2.78 -50.66 -58.70
N LYS C 314 -3.60 -49.76 -59.26
CA LYS C 314 -3.08 -48.49 -59.73
C LYS C 314 -2.57 -47.64 -58.58
N ASP C 315 -3.25 -47.67 -57.44
CA ASP C 315 -2.82 -46.87 -56.30
C ASP C 315 -1.48 -47.34 -55.75
N THR C 316 -1.26 -48.66 -55.72
CA THR C 316 -0.09 -49.20 -55.06
C THR C 316 1.20 -48.80 -55.77
N LYS C 317 1.27 -48.98 -57.08
CA LYS C 317 2.51 -48.76 -57.82
C LYS C 317 2.22 -47.91 -59.06
N GLU C 318 3.29 -47.35 -59.62
CA GLU C 318 3.21 -46.50 -60.79
C GLU C 318 4.02 -47.10 -61.93
N ILE C 319 3.69 -46.68 -63.15
CA ILE C 319 4.37 -47.14 -64.35
C ILE C 319 4.92 -45.90 -65.04
N TYR C 320 6.16 -45.56 -64.76
CA TYR C 320 6.84 -44.54 -65.54
C TYR C 320 7.08 -45.06 -66.94
N THR C 321 6.89 -44.20 -67.93
CA THR C 321 7.01 -44.60 -69.33
C THR C 321 7.96 -43.64 -70.05
N HIS C 322 8.64 -44.15 -71.06
CA HIS C 322 9.62 -43.37 -71.78
C HIS C 322 9.74 -43.89 -73.21
N PHE C 323 10.20 -43.01 -74.10
CA PHE C 323 10.57 -43.35 -75.47
C PHE C 323 12.07 -43.14 -75.59
N THR C 324 12.82 -44.18 -75.92
CA THR C 324 14.26 -44.10 -76.01
C THR C 324 14.71 -44.32 -77.46
N CYS C 325 15.74 -43.59 -77.86
CA CYS C 325 16.34 -43.73 -79.18
C CYS C 325 17.74 -44.31 -79.02
N ALA C 326 18.41 -44.53 -80.16
CA ALA C 326 19.76 -45.07 -80.12
C ALA C 326 20.71 -44.12 -79.43
N THR C 327 20.59 -42.82 -79.70
CA THR C 327 21.45 -41.80 -79.11
C THR C 327 20.61 -40.82 -78.31
N ASP C 328 20.86 -40.77 -77.00
CA ASP C 328 20.20 -39.84 -76.11
C ASP C 328 20.94 -39.79 -74.79
N THR C 329 21.26 -38.58 -74.31
CA THR C 329 21.98 -38.43 -73.06
C THR C 329 21.08 -38.10 -71.88
N LYS C 330 19.78 -37.99 -72.10
CA LYS C 330 18.84 -37.65 -71.03
C LYS C 330 18.22 -38.87 -70.36
N ASN C 331 18.59 -40.08 -70.79
CA ASN C 331 18.02 -41.29 -70.19
C ASN C 331 18.38 -41.40 -68.72
N VAL C 332 19.64 -41.13 -68.39
CA VAL C 332 20.09 -41.24 -67.01
C VAL C 332 19.38 -40.22 -66.14
N GLN C 333 19.13 -39.03 -66.69
CA GLN C 333 18.37 -38.03 -65.95
C GLN C 333 16.95 -38.51 -65.67
N PHE C 334 16.34 -39.19 -66.64
CA PHE C 334 15.01 -39.76 -66.41
C PHE C 334 15.03 -40.81 -65.31
N VAL C 335 16.04 -41.69 -65.33
CA VAL C 335 16.16 -42.70 -64.28
C VAL C 335 16.33 -42.04 -62.93
N PHE C 336 17.18 -41.02 -62.85
CA PHE C 336 17.40 -40.31 -61.59
C PHE C 336 16.10 -39.69 -61.08
N ASP C 337 15.39 -38.97 -61.96
CA ASP C 337 14.18 -38.28 -61.56
C ASP C 337 13.05 -39.23 -61.21
N ALA C 338 13.06 -40.45 -61.76
CA ALA C 338 12.05 -41.43 -61.36
C ALA C 338 12.41 -42.10 -60.04
N VAL C 339 13.70 -42.43 -59.84
CA VAL C 339 14.11 -43.12 -58.63
C VAL C 339 13.91 -42.23 -57.41
N THR C 340 14.23 -40.94 -57.53
CA THR C 340 14.02 -40.05 -56.39
C THR C 340 12.55 -39.96 -56.00
N ASP C 341 11.66 -39.89 -56.99
CA ASP C 341 10.24 -39.85 -56.71
C ASP C 341 9.78 -41.13 -56.02
N VAL C 342 10.28 -42.28 -56.48
CA VAL C 342 9.93 -43.55 -55.84
C VAL C 342 10.40 -43.57 -54.39
N ILE C 343 11.61 -43.12 -54.15
CA ILE C 343 12.15 -43.10 -52.79
C ILE C 343 11.29 -42.24 -51.87
N ILE C 344 10.94 -41.04 -52.34
CA ILE C 344 10.14 -40.15 -51.52
C ILE C 344 8.77 -40.76 -51.24
N LYS C 345 8.15 -41.37 -52.25
CA LYS C 345 6.84 -41.98 -52.03
C LYS C 345 6.92 -43.10 -51.00
N ASN C 346 7.95 -43.94 -51.08
CA ASN C 346 8.09 -45.02 -50.11
C ASN C 346 8.31 -44.50 -48.70
N ASN C 347 9.17 -43.50 -48.54
CA ASN C 347 9.40 -42.95 -47.21
C ASN C 347 8.13 -42.33 -46.65
N LEU C 348 7.34 -41.67 -47.49
CA LEU C 348 6.09 -41.09 -47.01
C LEU C 348 5.10 -42.17 -46.62
N LYS C 349 5.00 -43.23 -47.41
CA LYS C 349 4.04 -44.29 -47.10
C LYS C 349 4.43 -45.04 -45.83
N ASP C 350 5.73 -45.18 -45.55
CA ASP C 350 6.16 -45.96 -44.40
C ASP C 350 5.73 -45.30 -43.09
N CYS C 351 5.83 -43.98 -42.99
CA CYS C 351 5.53 -43.27 -41.75
C CYS C 351 4.06 -42.96 -41.59
N GLY C 352 3.21 -43.35 -42.53
CA GLY C 352 1.80 -43.11 -42.45
C GLY C 352 1.33 -41.77 -42.99
N LEU C 353 2.25 -40.91 -43.41
CA LEU C 353 1.85 -39.61 -43.94
C LEU C 353 1.08 -39.75 -45.24
N PHE C 354 1.52 -40.62 -46.13
CA PHE C 354 0.85 -40.79 -47.42
C PHE C 354 -0.36 -41.71 -47.29
N GLU D 3 10.10 -96.99 -86.27
CA GLU D 3 8.84 -96.75 -85.57
C GLU D 3 9.09 -96.33 -84.13
N LEU D 4 9.15 -95.01 -83.92
CA LEU D 4 9.37 -94.48 -82.58
C LEU D 4 8.19 -94.81 -81.67
N ASP D 5 6.99 -94.94 -82.23
CA ASP D 5 5.85 -95.33 -81.43
C ASP D 5 6.05 -96.71 -80.81
N GLN D 6 6.74 -97.61 -81.50
CA GLN D 6 7.03 -98.91 -80.92
C GLN D 6 7.90 -98.78 -79.67
N LEU D 7 8.91 -97.91 -79.72
CA LEU D 7 9.75 -97.71 -78.53
C LEU D 7 8.95 -97.07 -77.41
N ARG D 8 8.07 -96.14 -77.74
CA ARG D 8 7.23 -95.55 -76.70
C ARG D 8 6.32 -96.61 -76.05
N GLN D 9 5.72 -97.48 -76.87
CA GLN D 9 4.87 -98.55 -76.33
C GLN D 9 5.66 -99.53 -75.49
N GLU D 10 6.88 -99.86 -75.91
CA GLU D 10 7.70 -100.76 -75.10
C GLU D 10 8.03 -100.14 -73.75
N ALA D 11 8.33 -98.83 -73.74
CA ALA D 11 8.59 -98.16 -72.48
C ALA D 11 7.35 -98.18 -71.60
N GLU D 12 6.18 -97.98 -72.20
CA GLU D 12 4.95 -98.03 -71.42
C GLU D 12 4.74 -99.42 -70.81
N GLN D 13 5.02 -100.48 -71.57
CA GLN D 13 4.87 -101.84 -71.04
C GLN D 13 5.84 -102.12 -69.90
N LEU D 14 7.09 -101.66 -70.04
CA LEU D 14 8.05 -101.85 -68.96
C LEU D 14 7.63 -101.11 -67.69
N LYS D 15 7.12 -99.88 -67.85
CA LYS D 15 6.61 -99.14 -66.71
C LYS D 15 5.43 -99.86 -66.07
N ASN D 16 4.55 -100.44 -66.90
CA ASN D 16 3.43 -101.21 -66.37
C ASN D 16 3.90 -102.42 -65.59
N GLN D 17 4.97 -103.08 -66.07
CA GLN D 17 5.55 -104.20 -65.34
C GLN D 17 6.04 -103.75 -63.98
N ILE D 18 6.75 -102.63 -63.94
CA ILE D 18 7.27 -102.13 -62.67
C ILE D 18 6.13 -101.81 -61.71
N ARG D 19 5.05 -101.20 -62.23
CA ARG D 19 3.92 -100.88 -61.37
C ARG D 19 3.25 -102.15 -60.83
N ASP D 20 3.11 -103.17 -61.66
CA ASP D 20 2.53 -104.42 -61.19
C ASP D 20 3.39 -105.08 -60.10
N ALA D 21 4.70 -105.10 -60.30
CA ALA D 21 5.60 -105.66 -59.29
C ALA D 21 5.55 -104.86 -57.99
N ARG D 22 5.52 -103.54 -58.10
CA ARG D 22 5.44 -102.70 -56.91
C ARG D 22 4.16 -102.96 -56.13
N LYS D 23 3.03 -103.08 -56.84
CA LYS D 23 1.77 -103.34 -56.16
C LYS D 23 1.78 -104.72 -55.50
N ALA D 24 2.35 -105.72 -56.17
CA ALA D 24 2.41 -107.06 -55.61
C ALA D 24 3.33 -107.14 -54.41
N CYS D 25 4.37 -106.32 -54.37
CA CYS D 25 5.30 -106.36 -53.24
C CYS D 25 4.68 -105.89 -51.94
N ALA D 26 3.56 -105.17 -52.00
CA ALA D 26 2.92 -104.69 -50.79
C ALA D 26 2.37 -105.84 -49.96
N ASP D 27 2.54 -105.75 -48.66
CA ASP D 27 2.05 -106.76 -47.74
C ASP D 27 1.14 -106.20 -46.67
N ALA D 28 1.42 -105.00 -46.19
CA ALA D 28 0.59 -104.36 -45.17
C ALA D 28 0.92 -102.87 -45.16
N THR D 29 0.23 -102.13 -44.29
CA THR D 29 0.46 -100.71 -44.13
C THR D 29 1.03 -100.44 -42.74
N LEU D 30 1.97 -99.48 -42.67
CA LEU D 30 2.52 -99.13 -41.37
C LEU D 30 1.46 -98.58 -40.46
N SER D 31 0.40 -98.00 -41.02
CA SER D 31 -0.72 -97.57 -40.21
C SER D 31 -1.47 -98.74 -39.58
N GLN D 32 -1.28 -99.96 -40.10
CA GLN D 32 -1.88 -101.15 -39.52
C GLN D 32 -0.94 -101.90 -38.60
N ILE D 33 0.34 -102.03 -38.99
CA ILE D 33 1.30 -102.71 -38.13
C ILE D 33 1.63 -101.87 -36.90
N THR D 34 1.80 -100.57 -37.07
CA THR D 34 2.14 -99.68 -35.96
C THR D 34 0.88 -99.21 -35.23
N ASN D 35 0.16 -100.17 -34.69
CA ASN D 35 -1.05 -99.91 -33.91
C ASN D 35 -0.85 -100.43 -32.50
N ASN D 36 -1.51 -99.77 -31.55
CA ASN D 36 -1.42 -100.14 -30.13
C ASN D 36 0.03 -100.14 -29.64
N ILE D 37 0.75 -99.07 -29.96
CA ILE D 37 2.13 -98.89 -29.51
C ILE D 37 2.18 -97.59 -28.72
N ASP D 38 3.16 -97.51 -27.81
CA ASP D 38 3.25 -96.37 -26.92
C ASP D 38 3.70 -95.12 -27.66
N PRO D 39 2.91 -94.06 -27.70
CA PRO D 39 3.35 -92.83 -28.37
C PRO D 39 4.35 -92.05 -27.52
N VAL D 40 4.97 -91.05 -28.16
CA VAL D 40 5.87 -90.17 -27.44
C VAL D 40 5.10 -89.25 -26.50
N GLY D 41 4.01 -88.69 -26.96
CA GLY D 41 3.21 -87.75 -26.19
C GLY D 41 3.41 -86.32 -26.68
N ARG D 42 2.57 -85.44 -26.14
CA ARG D 42 2.66 -84.04 -26.53
C ARG D 42 4.01 -83.47 -26.14
N ILE D 43 4.53 -82.58 -26.97
CA ILE D 43 5.87 -82.03 -26.82
C ILE D 43 5.74 -80.54 -26.55
N GLN D 44 6.43 -80.08 -25.52
CA GLN D 44 6.53 -78.67 -25.19
C GLN D 44 7.99 -78.26 -25.26
N MET D 45 8.30 -77.30 -26.12
CA MET D 45 9.67 -76.86 -26.29
C MET D 45 9.71 -75.34 -26.29
N ARG D 46 10.77 -74.78 -25.71
CA ARG D 46 10.90 -73.34 -25.56
C ARG D 46 12.24 -72.86 -26.08
N THR D 47 12.28 -71.61 -26.51
CA THR D 47 13.48 -71.03 -27.08
C THR D 47 14.58 -70.89 -26.04
N ARG D 48 15.82 -71.02 -26.48
CA ARG D 48 16.97 -70.88 -25.59
C ARG D 48 17.95 -69.80 -25.99
N ARG D 49 18.28 -69.66 -27.28
CA ARG D 49 19.25 -68.67 -27.75
C ARG D 49 18.63 -67.80 -28.82
N THR D 50 19.26 -66.65 -29.07
CA THR D 50 18.87 -65.75 -30.14
C THR D 50 20.11 -65.10 -30.72
N LEU D 51 20.25 -65.14 -32.03
CA LEU D 51 21.40 -64.57 -32.73
C LEU D 51 20.94 -63.42 -33.61
N ARG D 52 21.69 -62.31 -33.59
CA ARG D 52 21.19 -61.06 -34.14
C ARG D 52 22.14 -60.36 -35.11
N GLY D 53 23.16 -61.04 -35.60
CA GLY D 53 24.18 -60.34 -36.38
C GLY D 53 23.71 -59.82 -37.74
N HIS D 54 22.98 -60.62 -38.50
CA HIS D 54 22.69 -60.32 -39.90
C HIS D 54 21.78 -59.11 -40.03
N LEU D 55 21.55 -58.72 -41.28
CA LEU D 55 20.68 -57.60 -41.61
C LEU D 55 19.64 -57.89 -42.68
N ALA D 56 19.82 -58.93 -43.49
CA ALA D 56 18.88 -59.29 -44.54
C ALA D 56 18.45 -60.75 -44.38
N LYS D 57 17.73 -61.25 -45.37
CA LYS D 57 17.19 -62.61 -45.34
C LYS D 57 18.30 -63.66 -45.35
N ILE D 58 18.04 -64.77 -44.67
CA ILE D 58 18.99 -65.86 -44.47
C ILE D 58 18.49 -67.08 -45.21
N TYR D 59 19.38 -67.71 -45.97
CA TYR D 59 18.96 -68.72 -46.91
C TYR D 59 19.41 -70.14 -46.59
N ALA D 60 20.46 -70.31 -45.79
CA ALA D 60 20.95 -71.65 -45.51
C ALA D 60 21.71 -71.64 -44.18
N MET D 61 21.89 -72.84 -43.63
CA MET D 61 22.67 -73.02 -42.41
C MET D 61 23.17 -74.45 -42.37
N HIS D 62 24.17 -74.69 -41.54
CA HIS D 62 24.75 -76.03 -41.42
C HIS D 62 25.50 -76.15 -40.11
N TRP D 63 25.11 -77.13 -39.29
CA TRP D 63 25.79 -77.37 -38.02
C TRP D 63 27.19 -77.92 -38.24
N GLY D 64 28.06 -77.70 -37.27
CA GLY D 64 29.40 -78.22 -37.32
C GLY D 64 29.48 -79.67 -36.92
N THR D 65 30.70 -80.19 -36.89
CA THR D 65 30.93 -81.59 -36.52
C THR D 65 31.08 -81.79 -35.02
N ASP D 66 31.24 -80.72 -34.25
CA ASP D 66 31.29 -80.80 -32.80
C ASP D 66 30.04 -80.26 -32.13
N SER D 67 29.02 -79.92 -32.90
CA SER D 67 27.76 -79.37 -32.40
C SER D 67 27.95 -78.10 -31.58
N ARG D 68 28.91 -77.30 -31.96
CA ARG D 68 29.09 -76.04 -31.26
C ARG D 68 29.18 -74.86 -32.23
N LEU D 69 29.78 -75.07 -33.40
CA LEU D 69 29.98 -74.02 -34.39
C LEU D 69 28.91 -74.09 -35.48
N LEU D 70 28.54 -72.92 -36.01
CA LEU D 70 27.58 -72.79 -37.09
C LEU D 70 28.15 -71.95 -38.21
N VAL D 71 27.64 -72.16 -39.42
CA VAL D 71 27.94 -71.31 -40.56
C VAL D 71 26.62 -70.81 -41.13
N SER D 72 26.55 -69.51 -41.41
CA SER D 72 25.33 -68.87 -41.86
C SER D 72 25.64 -67.99 -43.06
N ALA D 73 24.80 -68.07 -44.08
CA ALA D 73 24.94 -67.33 -45.31
C ALA D 73 23.66 -66.54 -45.56
N SER D 74 23.82 -65.25 -45.85
CA SER D 74 22.64 -64.36 -46.02
C SER D 74 22.63 -63.72 -47.40
N GLN D 75 21.84 -62.66 -47.56
CA GLN D 75 21.76 -61.96 -48.87
C GLN D 75 22.77 -60.81 -48.83
N ASP D 76 23.61 -60.77 -47.80
CA ASP D 76 24.70 -59.76 -47.77
C ASP D 76 25.99 -60.40 -48.30
N GLY D 77 27.12 -59.68 -48.23
CA GLY D 77 28.43 -60.17 -48.70
C GLY D 77 29.09 -60.84 -47.52
N LYS D 78 28.31 -61.21 -46.50
CA LYS D 78 28.96 -61.74 -45.28
C LYS D 78 28.60 -63.20 -44.97
N LEU D 79 29.60 -64.06 -44.73
CA LEU D 79 29.36 -65.45 -44.27
C LEU D 79 29.81 -65.46 -42.81
N ILE D 80 28.89 -65.55 -41.86
CA ILE D 80 29.19 -65.42 -40.43
C ILE D 80 29.37 -66.81 -39.83
N ILE D 81 30.33 -66.92 -38.90
CA ILE D 81 30.55 -68.13 -38.13
C ILE D 81 30.21 -67.83 -36.68
N TRP D 82 29.30 -68.62 -36.11
CA TRP D 82 28.74 -68.39 -34.79
C TRP D 82 29.24 -69.43 -33.80
N ASP D 83 29.43 -68.99 -32.56
CA ASP D 83 29.63 -69.87 -31.43
C ASP D 83 28.31 -69.92 -30.68
N SER D 84 27.69 -71.10 -30.64
CA SER D 84 26.34 -71.20 -30.11
C SER D 84 26.32 -71.13 -28.59
N TYR D 85 27.34 -71.68 -27.94
CA TYR D 85 27.32 -71.77 -26.49
C TYR D 85 27.30 -70.39 -25.86
N THR D 86 28.24 -69.53 -26.25
CA THR D 86 28.23 -68.12 -25.90
C THR D 86 28.14 -67.34 -27.19
N THR D 87 27.16 -66.44 -27.28
CA THR D 87 26.86 -65.85 -28.56
C THR D 87 27.99 -64.91 -28.96
N ASN D 88 29.01 -65.47 -29.59
CA ASN D 88 30.17 -64.75 -30.08
C ASN D 88 30.25 -64.92 -31.59
N LYS D 89 30.97 -64.02 -32.22
CA LYS D 89 31.28 -64.13 -33.63
C LYS D 89 32.74 -64.52 -33.76
N VAL D 90 33.00 -65.64 -34.43
CA VAL D 90 34.36 -66.13 -34.58
C VAL D 90 34.99 -65.63 -35.88
N HIS D 91 34.21 -65.49 -36.94
CA HIS D 91 34.74 -65.10 -38.24
C HIS D 91 33.66 -64.41 -39.06
N ALA D 92 34.08 -63.42 -39.84
CA ALA D 92 33.19 -62.71 -40.76
C ALA D 92 33.84 -62.69 -42.13
N ILE D 93 33.18 -63.29 -43.11
CA ILE D 93 33.75 -63.56 -44.43
C ILE D 93 33.17 -62.55 -45.41
N PRO D 94 33.99 -61.71 -46.05
CA PRO D 94 33.46 -60.84 -47.11
C PRO D 94 33.39 -61.60 -48.43
N LEU D 95 32.22 -61.58 -49.07
CA LEU D 95 31.99 -62.35 -50.28
C LEU D 95 32.20 -61.50 -51.52
N ARG D 96 32.27 -62.17 -52.68
CA ARG D 96 32.40 -61.50 -53.96
C ARG D 96 31.09 -61.46 -54.75
N SER D 97 29.98 -61.90 -54.16
CA SER D 97 28.69 -61.87 -54.84
C SER D 97 27.60 -61.95 -53.79
N SER D 98 26.71 -60.96 -53.77
CA SER D 98 25.71 -60.88 -52.71
C SER D 98 24.63 -61.94 -52.80
N TRP D 99 24.55 -62.68 -53.90
CA TRP D 99 23.46 -63.64 -54.12
C TRP D 99 23.91 -65.03 -53.72
N VAL D 100 23.35 -65.55 -52.64
CA VAL D 100 23.74 -66.83 -52.04
C VAL D 100 22.51 -67.67 -51.79
N MET D 101 22.60 -68.97 -52.12
CA MET D 101 21.52 -69.89 -51.80
C MET D 101 21.92 -71.12 -51.00
N THR D 102 23.21 -71.41 -50.83
CA THR D 102 23.62 -72.65 -50.16
C THR D 102 24.94 -72.48 -49.44
N CYS D 103 25.01 -72.96 -48.19
CA CYS D 103 26.25 -72.99 -47.44
C CYS D 103 26.44 -74.37 -46.81
N ALA D 104 27.70 -74.78 -46.69
CA ALA D 104 28.05 -76.09 -46.15
C ALA D 104 29.35 -76.01 -45.38
N TYR D 105 29.42 -76.75 -44.26
CA TYR D 105 30.57 -76.76 -43.38
C TYR D 105 31.33 -78.07 -43.55
N ALA D 106 32.63 -77.98 -43.79
CA ALA D 106 33.42 -79.17 -44.01
C ALA D 106 33.47 -80.02 -42.75
N PRO D 107 33.46 -81.35 -42.88
CA PRO D 107 33.46 -82.20 -41.68
C PRO D 107 34.72 -82.08 -40.86
N SER D 108 35.87 -81.85 -41.49
CA SER D 108 37.10 -81.67 -40.73
C SER D 108 37.14 -80.32 -40.03
N GLY D 109 36.24 -79.41 -40.41
CA GLY D 109 36.20 -78.07 -39.80
C GLY D 109 37.23 -77.11 -40.37
N ASN D 110 37.87 -77.47 -41.49
CA ASN D 110 38.96 -76.62 -42.02
C ASN D 110 38.52 -75.81 -43.25
N TYR D 111 37.31 -75.99 -43.76
CA TYR D 111 36.93 -75.30 -45.03
C TYR D 111 35.43 -74.99 -45.05
N VAL D 112 35.00 -74.01 -45.86
CA VAL D 112 33.58 -73.67 -46.00
C VAL D 112 33.27 -73.55 -47.49
N ALA D 113 32.01 -73.79 -47.85
CA ALA D 113 31.56 -73.68 -49.23
C ALA D 113 30.37 -72.75 -49.33
N CYS D 114 30.34 -71.95 -50.40
CA CYS D 114 29.26 -71.00 -50.65
C CYS D 114 28.92 -71.02 -52.13
N GLY D 115 27.65 -70.80 -52.43
CA GLY D 115 27.20 -70.79 -53.82
C GLY D 115 25.85 -70.12 -53.97
N GLY D 116 25.56 -69.71 -55.20
CA GLY D 116 24.31 -69.02 -55.46
C GLY D 116 24.02 -68.78 -56.92
N LEU D 117 23.39 -67.66 -57.22
CA LEU D 117 22.97 -67.36 -58.60
C LEU D 117 24.16 -67.16 -59.52
N ASP D 118 25.33 -66.89 -58.98
CA ASP D 118 26.52 -66.69 -59.80
C ASP D 118 27.00 -67.97 -60.49
N ASN D 119 26.42 -69.12 -60.16
CA ASN D 119 26.71 -70.38 -60.83
C ASN D 119 28.16 -70.82 -60.65
N ILE D 120 28.87 -70.25 -59.68
CA ILE D 120 30.26 -70.58 -59.42
C ILE D 120 30.40 -70.93 -57.95
N CYS D 121 31.13 -72.01 -57.67
CA CYS D 121 31.30 -72.51 -56.31
C CYS D 121 32.61 -72.00 -55.71
N SER D 122 32.51 -71.30 -54.60
CA SER D 122 33.66 -70.72 -53.92
C SER D 122 33.93 -71.50 -52.63
N ILE D 123 35.15 -71.97 -52.46
CA ILE D 123 35.55 -72.74 -51.29
C ILE D 123 36.60 -71.93 -50.53
N TYR D 124 36.38 -71.75 -49.23
CA TYR D 124 37.19 -70.88 -48.39
C TYR D 124 38.00 -71.68 -47.39
N ASN D 125 39.23 -71.27 -47.19
CA ASN D 125 40.09 -71.83 -46.15
C ASN D 125 40.05 -70.95 -44.93
N LEU D 126 40.01 -71.57 -43.75
CA LEU D 126 39.78 -70.83 -42.52
C LEU D 126 41.01 -70.69 -41.64
N LYS D 127 41.89 -71.68 -41.66
CA LYS D 127 43.11 -71.66 -40.81
C LYS D 127 44.32 -71.34 -41.66
N THR D 128 44.71 -70.05 -41.72
CA THR D 128 45.84 -69.62 -42.51
C THR D 128 46.76 -68.82 -41.62
N ARG D 129 48.06 -68.88 -41.90
CA ARG D 129 49.02 -68.21 -41.04
C ARG D 129 48.81 -66.70 -41.03
N GLU D 130 48.51 -66.11 -42.19
CA GLU D 130 48.36 -64.66 -42.28
C GLU D 130 47.22 -64.15 -41.42
N GLY D 131 46.34 -65.02 -40.96
CA GLY D 131 45.28 -64.66 -40.05
C GLY D 131 44.04 -64.09 -40.70
N ASN D 132 43.98 -64.09 -42.01
CA ASN D 132 42.81 -63.65 -42.75
C ASN D 132 42.40 -64.76 -43.69
N VAL D 133 41.09 -64.86 -43.91
CA VAL D 133 40.55 -65.92 -44.75
C VAL D 133 40.85 -65.64 -46.22
N ARG D 134 41.58 -66.54 -46.86
CA ARG D 134 41.94 -66.42 -48.26
C ARG D 134 41.16 -67.43 -49.10
N VAL D 135 40.61 -66.97 -50.21
CA VAL D 135 39.80 -67.84 -51.08
C VAL D 135 40.67 -68.97 -51.63
N SER D 136 40.29 -70.21 -51.32
CA SER D 136 41.07 -71.37 -51.74
C SER D 136 40.91 -71.67 -53.22
N ARG D 137 39.68 -71.79 -53.71
CA ARG D 137 39.49 -72.21 -55.09
C ARG D 137 38.11 -71.76 -55.56
N GLU D 138 37.95 -71.72 -56.88
CA GLU D 138 36.70 -71.37 -57.54
C GLU D 138 36.39 -72.41 -58.59
N LEU D 139 35.17 -72.93 -58.58
CA LEU D 139 34.77 -74.01 -59.48
C LEU D 139 33.73 -73.51 -60.47
N ALA D 140 34.00 -73.68 -61.76
CA ALA D 140 33.09 -73.22 -62.79
C ALA D 140 32.77 -74.35 -63.75
N GLY D 141 31.63 -74.22 -64.42
CA GLY D 141 31.15 -75.21 -65.35
C GLY D 141 29.72 -75.66 -65.12
N HIS D 142 28.92 -74.87 -64.40
CA HIS D 142 27.49 -75.12 -64.28
C HIS D 142 26.74 -74.10 -65.12
N THR D 143 25.87 -74.59 -66.00
CA THR D 143 25.06 -73.71 -66.82
C THR D 143 24.08 -72.90 -65.97
N GLY D 144 23.43 -73.54 -64.99
CA GLY D 144 22.47 -72.89 -64.12
C GLY D 144 23.07 -72.55 -62.77
N TYR D 145 22.18 -72.08 -61.88
CA TYR D 145 22.58 -71.76 -60.52
C TYR D 145 22.78 -73.01 -59.67
N LEU D 146 23.46 -72.83 -58.54
CA LEU D 146 23.62 -73.88 -57.54
C LEU D 146 22.52 -73.80 -56.50
N SER D 147 21.90 -74.95 -56.21
CA SER D 147 20.85 -75.03 -55.21
C SER D 147 21.26 -75.71 -53.92
N CYS D 148 22.24 -76.61 -53.96
CA CYS D 148 22.70 -77.27 -52.74
C CYS D 148 24.09 -77.84 -52.98
N CYS D 149 24.91 -77.87 -51.93
CA CYS D 149 26.25 -78.43 -52.00
C CYS D 149 26.64 -79.00 -50.64
N ARG D 150 27.32 -80.14 -50.65
CA ARG D 150 27.74 -80.81 -49.43
C ARG D 150 29.14 -81.38 -49.62
N PHE D 151 29.85 -81.52 -48.52
CA PHE D 151 31.21 -82.04 -48.53
C PHE D 151 31.24 -83.55 -48.35
N LEU D 152 32.25 -84.18 -48.94
CA LEU D 152 32.56 -85.58 -48.68
C LEU D 152 33.84 -85.77 -47.90
N ASP D 153 34.87 -84.99 -48.21
CA ASP D 153 36.11 -84.94 -47.44
C ASP D 153 36.79 -83.61 -47.74
N ASP D 154 38.07 -83.49 -47.38
CA ASP D 154 38.80 -82.27 -47.63
C ASP D 154 39.11 -82.06 -49.10
N ASN D 155 38.86 -83.03 -49.97
CA ASN D 155 39.27 -82.95 -51.36
C ASN D 155 38.13 -83.10 -52.36
N GLN D 156 36.96 -83.56 -51.97
CA GLN D 156 35.84 -83.76 -52.87
C GLN D 156 34.63 -82.96 -52.39
N ILE D 157 33.69 -82.71 -53.30
CA ILE D 157 32.48 -81.98 -52.96
C ILE D 157 31.42 -82.34 -53.99
N VAL D 158 30.15 -82.25 -53.60
CA VAL D 158 29.03 -82.51 -54.49
C VAL D 158 28.23 -81.24 -54.68
N THR D 159 27.66 -81.08 -55.88
CA THR D 159 26.89 -79.90 -56.23
C THR D 159 25.62 -80.29 -56.96
N SER D 160 24.53 -79.57 -56.70
CA SER D 160 23.29 -79.72 -57.42
C SER D 160 22.98 -78.43 -58.15
N SER D 161 22.74 -78.52 -59.46
CA SER D 161 22.68 -77.34 -60.32
C SER D 161 21.27 -77.01 -60.77
N GLY D 162 21.12 -75.77 -61.25
CA GLY D 162 19.84 -75.32 -61.75
C GLY D 162 19.39 -76.08 -62.98
N ASP D 163 20.32 -76.44 -63.85
CA ASP D 163 19.97 -77.23 -65.03
C ASP D 163 19.81 -78.68 -64.58
N THR D 164 19.70 -79.59 -65.54
CA THR D 164 19.36 -80.96 -65.17
C THR D 164 20.62 -81.79 -64.91
N THR D 165 21.49 -81.33 -64.02
CA THR D 165 22.74 -82.03 -63.76
C THR D 165 23.15 -81.93 -62.29
N CYS D 166 23.93 -82.92 -61.85
CA CYS D 166 24.64 -82.90 -60.58
C CYS D 166 26.08 -83.35 -60.87
N ALA D 167 27.01 -82.86 -60.06
CA ALA D 167 28.43 -83.02 -60.39
C ALA D 167 29.28 -83.39 -59.19
N LEU D 168 30.41 -84.03 -59.47
CA LEU D 168 31.43 -84.36 -58.48
C LEU D 168 32.72 -83.66 -58.86
N TRP D 169 33.25 -82.87 -57.93
CA TRP D 169 34.41 -82.01 -58.15
C TRP D 169 35.63 -82.43 -57.33
N ASP D 170 36.79 -82.41 -57.96
CA ASP D 170 38.06 -82.51 -57.27
C ASP D 170 38.57 -81.10 -56.98
N ILE D 171 38.89 -80.80 -55.73
CA ILE D 171 39.24 -79.43 -55.37
C ILE D 171 40.60 -79.06 -55.94
N GLU D 172 41.57 -79.96 -55.89
CA GLU D 172 42.93 -79.62 -56.28
C GLU D 172 43.00 -79.23 -57.75
N THR D 173 42.39 -80.02 -58.62
CA THR D 173 42.30 -79.72 -60.04
C THR D 173 40.84 -79.45 -60.31
N GLY D 174 40.52 -78.20 -60.64
CA GLY D 174 39.13 -77.77 -60.72
C GLY D 174 38.28 -78.54 -61.68
N GLN D 175 38.88 -79.22 -62.65
CA GLN D 175 38.07 -79.96 -63.60
C GLN D 175 37.28 -81.04 -62.90
N GLN D 176 36.05 -81.25 -63.37
CA GLN D 176 35.16 -82.22 -62.79
C GLN D 176 35.71 -83.62 -62.97
N THR D 177 35.11 -84.56 -62.25
CA THR D 177 35.45 -85.97 -62.36
C THR D 177 34.31 -86.81 -62.88
N THR D 178 33.10 -86.63 -62.36
CA THR D 178 31.97 -87.42 -62.80
C THR D 178 30.75 -86.52 -62.86
N THR D 179 29.83 -86.85 -63.77
CA THR D 179 28.61 -86.10 -63.97
C THR D 179 27.41 -87.04 -64.01
N PHE D 180 26.35 -86.69 -63.29
CA PHE D 180 25.12 -87.48 -63.24
C PHE D 180 24.00 -86.70 -63.93
N THR D 181 23.44 -87.27 -64.99
CA THR D 181 22.46 -86.60 -65.82
C THR D 181 21.29 -87.54 -66.12
N GLY D 182 20.23 -87.44 -65.34
CA GLY D 182 19.05 -88.22 -65.65
C GLY D 182 17.74 -87.48 -65.46
N HIS D 183 17.81 -86.26 -64.96
CA HIS D 183 16.63 -85.50 -64.60
C HIS D 183 16.10 -84.69 -65.76
N THR D 184 14.87 -84.22 -65.60
CA THR D 184 14.23 -83.30 -66.53
C THR D 184 13.70 -82.16 -65.67
N GLY D 185 14.55 -81.19 -65.37
CA GLY D 185 14.15 -80.08 -64.53
C GLY D 185 15.16 -79.68 -63.49
N ASP D 186 14.82 -78.66 -62.71
CA ASP D 186 15.69 -78.14 -61.67
C ASP D 186 15.92 -79.16 -60.57
N VAL D 187 17.17 -79.34 -60.15
CA VAL D 187 17.53 -80.18 -59.01
C VAL D 187 17.64 -79.27 -57.80
N MET D 188 16.71 -79.39 -56.85
CA MET D 188 16.57 -78.37 -55.82
C MET D 188 17.23 -78.73 -54.48
N SER D 189 17.51 -80.00 -54.21
CA SER D 189 18.16 -80.34 -52.95
C SER D 189 18.91 -81.65 -53.08
N LEU D 190 19.91 -81.86 -52.22
CA LEU D 190 20.59 -83.14 -52.12
C LEU D 190 20.95 -83.44 -50.67
N SER D 191 21.10 -84.73 -50.37
CA SER D 191 21.46 -85.22 -49.05
C SER D 191 22.39 -86.42 -49.19
N LEU D 192 23.44 -86.46 -48.39
CA LEU D 192 24.45 -87.52 -48.46
C LEU D 192 24.17 -88.60 -47.43
N ALA D 193 24.44 -89.85 -47.80
CA ALA D 193 24.30 -90.96 -46.86
C ALA D 193 25.49 -91.02 -45.89
N PRO D 194 25.27 -91.53 -44.68
CA PRO D 194 26.39 -91.67 -43.74
C PRO D 194 27.51 -92.56 -44.23
N ASP D 195 27.20 -93.60 -45.00
CA ASP D 195 28.25 -94.40 -45.60
C ASP D 195 28.96 -93.66 -46.73
N THR D 196 28.34 -92.62 -47.27
CA THR D 196 28.83 -91.81 -48.38
C THR D 196 29.00 -92.61 -49.67
N ARG D 197 28.48 -93.83 -49.73
CA ARG D 197 28.49 -94.58 -50.98
C ARG D 197 27.37 -94.18 -51.91
N LEU D 198 26.31 -93.57 -51.40
CA LEU D 198 25.17 -93.17 -52.20
C LEU D 198 24.67 -91.82 -51.73
N PHE D 199 23.94 -91.13 -52.60
CA PHE D 199 23.32 -89.86 -52.22
C PHE D 199 22.03 -89.68 -53.00
N VAL D 200 21.10 -88.91 -52.43
CA VAL D 200 19.76 -88.78 -52.97
C VAL D 200 19.50 -87.34 -53.37
N SER D 201 19.01 -87.14 -54.59
CA SER D 201 18.75 -85.83 -55.17
C SER D 201 17.27 -85.69 -55.48
N GLY D 202 16.70 -84.55 -55.13
CA GLY D 202 15.30 -84.27 -55.40
C GLY D 202 15.12 -83.10 -56.35
N ALA D 203 14.22 -83.26 -57.32
CA ALA D 203 14.08 -82.28 -58.41
C ALA D 203 12.64 -81.76 -58.52
N CYS D 204 12.39 -81.02 -59.60
CA CYS D 204 11.14 -80.30 -59.84
C CYS D 204 10.15 -81.06 -60.69
N ASP D 205 10.48 -82.26 -61.15
CA ASP D 205 9.59 -83.06 -61.97
C ASP D 205 8.87 -84.13 -61.17
N ALA D 206 8.72 -83.91 -59.86
CA ALA D 206 8.02 -84.82 -58.97
C ALA D 206 8.66 -86.20 -58.97
N SER D 207 9.97 -86.23 -58.70
CA SER D 207 10.68 -87.49 -58.63
C SER D 207 11.92 -87.31 -57.77
N ALA D 208 12.45 -88.45 -57.33
CA ALA D 208 13.67 -88.50 -56.55
C ALA D 208 14.49 -89.66 -57.08
N LYS D 209 15.78 -89.45 -57.21
CA LYS D 209 16.69 -90.43 -57.79
C LYS D 209 17.72 -90.88 -56.77
N LEU D 210 18.20 -92.10 -56.96
CA LEU D 210 19.22 -92.71 -56.12
C LEU D 210 20.47 -92.93 -56.95
N TRP D 211 21.58 -92.34 -56.53
CA TRP D 211 22.80 -92.35 -57.32
C TRP D 211 23.90 -93.02 -56.51
N ASP D 212 24.68 -93.88 -57.15
CA ASP D 212 25.91 -94.39 -56.56
C ASP D 212 27.08 -93.63 -57.17
N VAL D 213 28.00 -93.17 -56.33
CA VAL D 213 29.01 -92.23 -56.80
C VAL D 213 30.02 -92.87 -57.74
N ARG D 214 30.50 -94.08 -57.46
CA ARG D 214 31.53 -94.67 -58.34
C ARG D 214 30.97 -95.11 -59.70
N GLU D 215 29.85 -95.82 -59.74
CA GLU D 215 29.34 -96.27 -61.03
C GLU D 215 28.88 -95.08 -61.87
N GLY D 216 28.28 -94.08 -61.22
CA GLY D 216 27.79 -92.93 -61.94
C GLY D 216 26.50 -93.16 -62.69
N MET D 217 25.69 -94.12 -62.28
CA MET D 217 24.43 -94.41 -62.94
C MET D 217 23.30 -94.43 -61.92
N CYS D 218 22.10 -94.11 -62.38
CA CYS D 218 20.92 -94.08 -61.53
C CYS D 218 20.52 -95.49 -61.12
N ARG D 219 19.84 -95.60 -59.97
CA ARG D 219 19.42 -96.90 -59.45
C ARG D 219 17.93 -97.00 -59.16
N GLN D 220 17.27 -95.90 -58.83
CA GLN D 220 15.86 -95.99 -58.51
C GLN D 220 15.18 -94.64 -58.72
N THR D 221 13.94 -94.68 -59.19
CA THR D 221 13.12 -93.50 -59.40
C THR D 221 11.81 -93.67 -58.63
N PHE D 222 11.46 -92.67 -57.82
CA PHE D 222 10.29 -92.72 -56.95
C PHE D 222 9.32 -91.62 -57.32
N THR D 223 8.06 -91.98 -57.52
CA THR D 223 7.02 -91.02 -57.86
C THR D 223 5.98 -90.90 -56.75
N GLY D 224 4.91 -90.16 -57.04
CA GLY D 224 3.81 -89.99 -56.11
C GLY D 224 3.43 -88.57 -55.74
N HIS D 225 4.42 -87.70 -55.57
CA HIS D 225 4.11 -86.29 -55.36
C HIS D 225 3.52 -85.68 -56.62
N GLU D 226 2.53 -84.81 -56.44
CA GLU D 226 1.90 -84.14 -57.57
C GLU D 226 2.34 -82.68 -57.69
N SER D 227 3.45 -82.32 -57.07
CA SER D 227 4.02 -80.99 -57.23
C SER D 227 5.52 -81.10 -57.04
N ASP D 228 6.22 -79.98 -57.24
CA ASP D 228 7.66 -79.98 -57.10
C ASP D 228 8.09 -80.15 -55.66
N ILE D 229 9.20 -80.91 -55.44
CA ILE D 229 9.73 -81.15 -54.11
C ILE D 229 10.89 -80.21 -53.86
N ASN D 230 11.07 -79.82 -52.60
CA ASN D 230 11.99 -78.74 -52.27
C ASN D 230 13.16 -79.11 -51.36
N ALA D 231 13.05 -80.17 -50.56
CA ALA D 231 14.13 -80.53 -49.64
C ALA D 231 14.06 -82.02 -49.37
N ILE D 232 15.19 -82.58 -48.95
CA ILE D 232 15.28 -84.02 -48.72
C ILE D 232 16.38 -84.31 -47.71
N CYS D 233 16.20 -85.39 -46.94
CA CYS D 233 17.17 -85.79 -45.92
C CYS D 233 17.06 -87.28 -45.69
N PHE D 234 18.16 -87.88 -45.25
CA PHE D 234 18.21 -89.32 -45.01
C PHE D 234 17.69 -89.66 -43.63
N PHE D 235 17.16 -90.87 -43.50
CA PHE D 235 16.88 -91.44 -42.20
C PHE D 235 18.20 -91.94 -41.61
N PRO D 236 18.40 -91.83 -40.29
CA PRO D 236 19.72 -92.18 -39.73
C PRO D 236 20.14 -93.62 -39.99
N ASN D 237 19.20 -94.54 -40.16
CA ASN D 237 19.56 -95.92 -40.46
C ASN D 237 20.27 -95.99 -41.81
N GLY D 238 19.80 -95.23 -42.78
CA GLY D 238 20.35 -95.27 -44.11
C GLY D 238 19.53 -96.05 -45.11
N ASN D 239 18.34 -96.51 -44.72
CA ASN D 239 17.44 -97.21 -45.62
C ASN D 239 16.19 -96.40 -45.88
N ALA D 240 16.20 -95.10 -45.59
CA ALA D 240 15.01 -94.29 -45.81
C ALA D 240 15.40 -92.83 -45.92
N PHE D 241 14.48 -92.04 -46.47
CA PHE D 241 14.65 -90.60 -46.56
C PHE D 241 13.27 -89.97 -46.57
N ALA D 242 13.24 -88.64 -46.44
CA ALA D 242 11.97 -87.90 -46.38
C ALA D 242 12.02 -86.73 -47.34
N THR D 243 10.88 -86.47 -47.99
CA THR D 243 10.76 -85.43 -49.01
C THR D 243 9.61 -84.50 -48.68
N GLY D 244 9.82 -83.21 -48.89
CA GLY D 244 8.77 -82.22 -48.74
C GLY D 244 8.55 -81.47 -50.04
N SER D 245 7.29 -81.19 -50.35
CA SER D 245 6.96 -80.57 -51.63
C SER D 245 6.04 -79.38 -51.44
N ASP D 246 5.55 -78.81 -52.54
CA ASP D 246 4.60 -77.70 -52.46
C ASP D 246 3.16 -78.17 -52.24
N ASP D 247 2.95 -79.46 -52.05
CA ASP D 247 1.64 -80.00 -51.74
C ASP D 247 1.34 -79.95 -50.25
N ALA D 248 2.27 -79.42 -49.46
CA ALA D 248 2.14 -79.40 -48.00
C ALA D 248 1.98 -80.80 -47.43
N THR D 249 2.81 -81.72 -47.92
CA THR D 249 2.71 -83.13 -47.54
C THR D 249 4.10 -83.76 -47.61
N CYS D 250 4.56 -84.30 -46.49
CA CYS D 250 5.81 -85.02 -46.42
C CYS D 250 5.60 -86.50 -46.74
N ARG D 251 6.63 -87.14 -47.29
CA ARG D 251 6.57 -88.57 -47.58
C ARG D 251 7.87 -89.23 -47.18
N LEU D 252 7.77 -90.48 -46.74
CA LEU D 252 8.91 -91.29 -46.32
C LEU D 252 9.00 -92.48 -47.26
N PHE D 253 10.17 -92.68 -47.84
CA PHE D 253 10.42 -93.77 -48.78
C PHE D 253 11.48 -94.71 -48.27
N ASP D 254 11.40 -95.97 -48.70
CA ASP D 254 12.36 -96.98 -48.31
C ASP D 254 12.91 -97.64 -49.56
N LEU D 255 14.10 -98.18 -49.44
CA LEU D 255 14.78 -98.68 -50.61
C LEU D 255 14.32 -100.07 -50.96
N ARG D 256 14.47 -101.00 -50.03
CA ARG D 256 14.26 -102.41 -50.32
C ARG D 256 12.84 -102.72 -50.76
N ALA D 257 11.86 -102.15 -50.08
CA ALA D 257 10.47 -102.36 -50.49
C ALA D 257 10.12 -101.60 -51.76
N ASP D 258 10.84 -100.50 -52.05
CA ASP D 258 10.60 -99.70 -53.25
C ASP D 258 9.17 -99.20 -53.36
N GLN D 259 8.62 -98.73 -52.24
CA GLN D 259 7.27 -98.20 -52.19
C GLN D 259 7.24 -96.90 -51.42
N GLU D 260 6.04 -96.36 -51.20
CA GLU D 260 5.84 -95.15 -50.42
C GLU D 260 5.11 -95.53 -49.13
N LEU D 261 5.76 -95.32 -47.98
CA LEU D 261 5.25 -95.87 -46.72
C LEU D 261 4.18 -95.00 -46.08
N MET D 262 4.52 -93.76 -45.73
CA MET D 262 3.59 -92.94 -44.97
C MET D 262 3.56 -91.52 -45.53
N THR D 263 2.42 -90.88 -45.34
CA THR D 263 2.18 -89.51 -45.76
C THR D 263 1.66 -88.71 -44.58
N TYR D 264 2.16 -87.50 -44.41
CA TYR D 264 1.77 -86.65 -43.29
C TYR D 264 1.03 -85.43 -43.81
N SER D 265 -0.26 -85.31 -43.47
CA SER D 265 -1.02 -84.18 -43.97
C SER D 265 -2.26 -83.98 -43.12
N HIS D 266 -2.73 -82.73 -43.10
CA HIS D 266 -3.94 -82.37 -42.37
C HIS D 266 -4.55 -81.15 -43.05
N ASP D 267 -5.84 -80.92 -42.78
CA ASP D 267 -6.57 -79.87 -43.47
C ASP D 267 -6.05 -78.47 -43.16
N ASN D 268 -5.53 -78.25 -41.96
CA ASN D 268 -5.11 -76.90 -41.57
C ASN D 268 -3.96 -76.39 -42.44
N ILE D 269 -2.99 -77.24 -42.74
CA ILE D 269 -1.79 -76.81 -43.46
C ILE D 269 -2.06 -76.75 -44.96
N ILE D 270 -1.76 -75.59 -45.57
CA ILE D 270 -1.88 -75.39 -47.01
C ILE D 270 -0.56 -74.90 -47.60
N CYS D 271 0.25 -74.23 -46.79
CA CYS D 271 1.53 -73.69 -47.25
C CYS D 271 2.55 -74.80 -47.47
N GLY D 272 3.45 -74.56 -48.42
CA GLY D 272 4.47 -75.53 -48.79
C GLY D 272 5.59 -75.67 -47.77
N ILE D 273 6.49 -76.60 -48.06
CA ILE D 273 7.58 -76.99 -47.17
C ILE D 273 8.89 -76.51 -47.75
N THR D 274 9.75 -75.90 -46.92
CA THR D 274 11.05 -75.43 -47.36
C THR D 274 12.23 -76.20 -46.78
N SER D 275 12.04 -76.97 -45.71
CA SER D 275 13.15 -77.69 -45.10
C SER D 275 12.63 -78.88 -44.33
N VAL D 276 13.33 -80.00 -44.43
CA VAL D 276 12.95 -81.26 -43.77
C VAL D 276 14.20 -81.90 -43.20
N SER D 277 14.13 -82.35 -41.94
CA SER D 277 15.26 -82.98 -41.28
C SER D 277 14.78 -84.00 -40.26
N PHE D 278 15.67 -84.93 -39.93
CA PHE D 278 15.40 -86.00 -38.98
C PHE D 278 16.31 -85.90 -37.77
N SER D 279 15.74 -86.11 -36.59
CA SER D 279 16.54 -86.15 -35.39
C SER D 279 17.24 -87.50 -35.23
N LYS D 280 18.09 -87.58 -34.22
CA LYS D 280 18.72 -88.84 -33.88
C LYS D 280 17.66 -89.78 -33.35
N SER D 281 17.89 -91.08 -33.54
CA SER D 281 16.99 -92.17 -33.18
C SER D 281 15.74 -92.23 -34.05
N GLY D 282 15.55 -91.28 -34.97
CA GLY D 282 14.48 -91.40 -35.94
C GLY D 282 13.10 -91.47 -35.35
N ARG D 283 12.83 -90.67 -34.33
CA ARG D 283 11.49 -90.63 -33.76
C ARG D 283 10.73 -89.38 -34.13
N LEU D 284 11.43 -88.28 -34.39
CA LEU D 284 10.78 -87.02 -34.71
C LEU D 284 11.24 -86.50 -36.07
N LEU D 285 10.29 -85.96 -36.83
CA LEU D 285 10.54 -85.30 -38.10
C LEU D 285 10.27 -83.81 -37.98
N LEU D 286 11.24 -82.98 -38.36
CA LEU D 286 11.10 -81.53 -38.26
C LEU D 286 10.92 -80.93 -39.65
N ALA D 287 9.81 -80.23 -39.86
CA ALA D 287 9.47 -79.63 -41.14
C ALA D 287 9.23 -78.14 -40.95
N GLY D 288 9.78 -77.32 -41.85
CA GLY D 288 9.61 -75.89 -41.77
C GLY D 288 8.68 -75.30 -42.82
N TYR D 289 7.48 -74.92 -42.42
CA TYR D 289 6.46 -74.46 -43.35
C TYR D 289 6.61 -72.96 -43.63
N ASP D 290 5.85 -72.48 -44.62
CA ASP D 290 5.98 -71.10 -45.05
C ASP D 290 5.29 -70.12 -44.10
N ASP D 291 4.22 -70.54 -43.44
CA ASP D 291 3.46 -69.59 -42.62
C ASP D 291 4.05 -69.41 -41.23
N PHE D 292 5.36 -69.15 -41.16
CA PHE D 292 6.06 -68.85 -39.92
C PHE D 292 5.80 -69.89 -38.84
N ASN D 293 6.16 -71.13 -39.14
CA ASN D 293 5.81 -72.22 -38.25
C ASN D 293 6.73 -73.41 -38.51
N CYS D 294 6.92 -74.23 -37.48
CA CYS D 294 7.65 -75.47 -37.59
C CYS D 294 6.86 -76.56 -36.89
N ASN D 295 6.95 -77.78 -37.41
CA ASN D 295 6.15 -78.88 -36.90
C ASN D 295 7.00 -80.10 -36.63
N VAL D 296 6.71 -80.78 -35.52
CA VAL D 296 7.35 -82.03 -35.14
C VAL D 296 6.33 -83.14 -35.38
N TRP D 297 6.68 -84.10 -36.23
CA TRP D 297 5.75 -85.10 -36.71
C TRP D 297 6.04 -86.47 -36.11
N ASP D 298 5.01 -87.08 -35.55
CA ASP D 298 5.10 -88.48 -35.16
C ASP D 298 5.46 -89.31 -36.38
N ALA D 299 6.62 -89.95 -36.33
CA ALA D 299 7.10 -90.66 -37.50
C ALA D 299 6.19 -91.83 -37.85
N LEU D 300 5.75 -92.58 -36.85
CA LEU D 300 5.05 -93.84 -37.06
C LEU D 300 3.54 -93.75 -36.82
N LYS D 301 2.99 -92.55 -36.71
CA LYS D 301 1.55 -92.42 -36.54
C LYS D 301 1.08 -91.18 -37.28
N ALA D 302 -0.22 -91.18 -37.62
CA ALA D 302 -0.81 -90.11 -38.41
C ALA D 302 -0.92 -88.80 -37.64
N ASP D 303 -1.28 -88.88 -36.35
CA ASP D 303 -1.55 -87.68 -35.59
C ASP D 303 -0.29 -86.85 -35.40
N ARG D 304 -0.48 -85.56 -35.19
CA ARG D 304 0.61 -84.61 -35.13
C ARG D 304 1.11 -84.45 -33.71
N ALA D 305 2.42 -84.22 -33.57
CA ALA D 305 3.00 -83.90 -32.29
C ALA D 305 2.89 -82.40 -32.04
N GLY D 306 3.62 -81.91 -31.04
CA GLY D 306 3.57 -80.51 -30.71
C GLY D 306 4.10 -79.61 -31.79
N VAL D 307 3.66 -78.35 -31.74
CA VAL D 307 4.00 -77.35 -32.73
C VAL D 307 5.11 -76.48 -32.19
N LEU D 308 5.84 -75.84 -33.11
CA LEU D 308 6.93 -74.95 -32.76
C LEU D 308 6.72 -73.67 -33.57
N ALA D 309 6.12 -72.65 -32.97
CA ALA D 309 5.82 -71.42 -33.70
C ALA D 309 6.27 -70.22 -32.89
N GLY D 310 7.38 -69.62 -33.30
CA GLY D 310 7.87 -68.40 -32.69
C GLY D 310 8.41 -67.37 -33.64
N HIS D 311 8.48 -67.69 -34.92
CA HIS D 311 9.19 -66.83 -35.86
C HIS D 311 8.25 -65.83 -36.49
N ASP D 312 8.84 -64.87 -37.22
CA ASP D 312 8.09 -63.74 -37.74
C ASP D 312 7.88 -63.78 -39.25
N ASN D 313 8.58 -64.64 -39.98
CA ASN D 313 8.43 -64.71 -41.43
C ASN D 313 8.63 -66.15 -41.88
N ARG D 314 8.81 -66.35 -43.18
CA ARG D 314 8.96 -67.70 -43.73
C ARG D 314 10.21 -68.38 -43.18
N VAL D 315 10.07 -69.67 -42.88
CA VAL D 315 11.13 -70.48 -42.29
C VAL D 315 12.01 -71.02 -43.41
N SER D 316 13.22 -70.46 -43.54
CA SER D 316 14.09 -70.85 -44.65
C SER D 316 14.73 -72.22 -44.43
N CYS D 317 15.53 -72.36 -43.36
CA CYS D 317 16.29 -73.59 -43.16
C CYS D 317 16.25 -74.03 -41.71
N LEU D 318 16.40 -75.34 -41.50
CA LEU D 318 16.53 -75.89 -40.15
C LEU D 318 17.44 -77.11 -40.17
N GLY D 319 18.25 -77.24 -39.13
CA GLY D 319 19.18 -78.34 -39.01
C GLY D 319 19.32 -78.84 -37.59
N VAL D 320 19.38 -80.16 -37.42
CA VAL D 320 19.51 -80.79 -36.10
C VAL D 320 20.96 -81.16 -35.89
N THR D 321 21.43 -81.02 -34.65
CA THR D 321 22.83 -81.27 -34.35
C THR D 321 23.17 -82.75 -34.47
N ASP D 322 24.46 -83.03 -34.52
CA ASP D 322 24.93 -84.40 -34.66
C ASP D 322 24.67 -85.20 -33.39
N ASP D 323 24.80 -84.58 -32.22
CA ASP D 323 24.56 -85.28 -30.98
C ASP D 323 23.11 -85.22 -30.50
N GLY D 324 22.26 -84.45 -31.17
CA GLY D 324 20.87 -84.38 -30.80
C GLY D 324 20.54 -83.37 -29.72
N MET D 325 21.45 -82.46 -29.44
CA MET D 325 21.25 -81.52 -28.35
C MET D 325 20.16 -80.51 -28.68
N ALA D 326 20.21 -79.92 -29.86
CA ALA D 326 19.30 -78.83 -30.17
C ALA D 326 18.97 -78.84 -31.66
N VAL D 327 18.06 -77.94 -32.04
CA VAL D 327 17.65 -77.77 -33.43
C VAL D 327 17.73 -76.27 -33.73
N ALA D 328 18.36 -75.93 -34.84
CA ALA D 328 18.54 -74.55 -35.22
C ALA D 328 17.60 -74.17 -36.34
N THR D 329 17.06 -72.96 -36.28
CA THR D 329 16.10 -72.49 -37.26
C THR D 329 16.48 -71.08 -37.68
N GLY D 330 16.64 -70.89 -38.99
CA GLY D 330 16.92 -69.57 -39.53
C GLY D 330 15.85 -69.16 -40.50
N SER D 331 15.13 -68.08 -40.22
CA SER D 331 14.02 -67.67 -41.05
C SER D 331 14.42 -66.45 -41.87
N TRP D 332 13.44 -65.90 -42.60
CA TRP D 332 13.75 -64.79 -43.48
C TRP D 332 14.04 -63.52 -42.72
N ASP D 333 13.59 -63.42 -41.46
CA ASP D 333 14.09 -62.36 -40.62
C ASP D 333 15.53 -62.68 -40.24
N SER D 334 16.27 -61.65 -39.83
CA SER D 334 17.71 -61.81 -39.66
C SER D 334 18.10 -62.74 -38.53
N PHE D 335 17.17 -63.15 -37.68
CA PHE D 335 17.53 -63.92 -36.50
C PHE D 335 17.69 -65.41 -36.81
N LEU D 336 18.44 -66.08 -35.94
CA LEU D 336 18.46 -67.53 -35.85
C LEU D 336 18.11 -67.91 -34.43
N LYS D 337 17.30 -68.95 -34.28
CA LYS D 337 16.84 -69.44 -32.99
C LYS D 337 17.34 -70.87 -32.78
N ILE D 338 17.92 -71.12 -31.62
CA ILE D 338 18.35 -72.46 -31.25
C ILE D 338 17.42 -72.96 -30.16
N TRP D 339 16.72 -74.04 -30.44
CA TRP D 339 15.65 -74.56 -29.62
C TRP D 339 16.12 -75.85 -28.95
N ASN D 340 15.68 -76.08 -27.71
CA ASN D 340 16.01 -77.30 -27.00
C ASN D 340 14.89 -77.74 -26.07
N ALA E 7 19.22 -88.20 -82.42
CA ALA E 7 18.67 -87.29 -81.43
C ALA E 7 17.53 -87.95 -80.66
N SER E 8 16.34 -87.96 -81.24
CA SER E 8 15.21 -88.59 -80.59
C SER E 8 15.43 -90.10 -80.45
N ILE E 9 15.98 -90.73 -81.50
CA ILE E 9 16.23 -92.16 -81.44
C ILE E 9 17.23 -92.50 -80.35
N ALA E 10 18.31 -91.73 -80.26
CA ALA E 10 19.31 -91.99 -79.23
C ALA E 10 18.75 -91.78 -77.84
N GLN E 11 17.97 -90.72 -77.64
CA GLN E 11 17.39 -90.47 -76.33
C GLN E 11 16.43 -91.58 -75.94
N ALA E 12 15.62 -92.04 -76.89
CA ALA E 12 14.69 -93.13 -76.61
C ALA E 12 15.44 -94.42 -76.27
N ARG E 13 16.53 -94.69 -76.98
CA ARG E 13 17.32 -95.86 -76.64
C ARG E 13 17.90 -95.77 -75.24
N LYS E 14 18.38 -94.58 -74.86
CA LYS E 14 18.91 -94.42 -73.51
C LYS E 14 17.83 -94.63 -72.46
N LEU E 15 16.64 -94.07 -72.66
CA LEU E 15 15.57 -94.25 -71.68
C LEU E 15 15.12 -95.70 -71.58
N VAL E 16 15.01 -96.40 -72.71
CA VAL E 16 14.58 -97.79 -72.68
C VAL E 16 15.61 -98.65 -71.95
N GLU E 17 16.90 -98.44 -72.23
CA GLU E 17 17.92 -99.21 -71.52
C GLU E 17 17.91 -98.92 -70.04
N GLN E 18 17.74 -97.65 -69.65
CA GLN E 18 17.67 -97.30 -68.24
C GLN E 18 16.52 -98.00 -67.53
N LEU E 19 15.34 -98.00 -68.14
CA LEU E 19 14.20 -98.66 -67.52
C LEU E 19 14.37 -100.18 -67.48
N LYS E 20 14.97 -100.76 -68.53
CA LYS E 20 15.20 -102.20 -68.54
C LYS E 20 16.13 -102.62 -67.42
N MET E 21 17.17 -101.83 -67.16
CA MET E 21 18.06 -102.12 -66.05
C MET E 21 17.36 -102.00 -64.69
N GLU E 22 16.38 -101.11 -64.58
CA GLU E 22 15.65 -100.95 -63.32
C GLU E 22 14.89 -102.20 -62.90
N ALA E 23 14.27 -102.91 -63.83
CA ALA E 23 13.45 -104.05 -63.49
C ALA E 23 14.20 -105.24 -62.93
N ASN E 24 15.53 -105.26 -63.01
CA ASN E 24 16.29 -106.43 -62.57
C ASN E 24 16.66 -106.40 -61.09
N ILE E 25 16.22 -105.38 -60.35
CA ILE E 25 16.55 -105.25 -58.93
C ILE E 25 15.81 -106.30 -58.11
N ASP E 26 16.35 -106.61 -56.93
CA ASP E 26 15.77 -107.60 -56.03
C ASP E 26 15.17 -106.91 -54.81
N ARG E 27 13.93 -107.25 -54.48
CA ARG E 27 13.17 -106.58 -53.43
C ARG E 27 12.81 -107.57 -52.32
N ILE E 28 12.34 -107.02 -51.19
CA ILE E 28 11.91 -107.84 -50.06
C ILE E 28 10.55 -107.35 -49.59
N LYS E 29 10.05 -107.98 -48.52
CA LYS E 29 8.71 -107.69 -48.02
C LYS E 29 8.63 -106.31 -47.40
N VAL E 30 7.50 -105.64 -47.65
CA VAL E 30 7.27 -104.32 -47.05
C VAL E 30 7.01 -104.43 -45.56
N SER E 31 6.28 -105.46 -45.13
CA SER E 31 6.01 -105.63 -43.70
C SER E 31 7.29 -105.82 -42.92
N LYS E 32 8.27 -106.51 -43.50
CA LYS E 32 9.55 -106.64 -42.81
C LYS E 32 10.21 -105.28 -42.63
N ALA E 33 10.17 -104.43 -43.65
CA ALA E 33 10.75 -103.09 -43.52
C ALA E 33 10.00 -102.25 -42.48
N ALA E 34 8.68 -102.35 -42.45
CA ALA E 34 7.91 -101.62 -41.45
C ALA E 34 8.27 -102.07 -40.06
N ALA E 35 8.40 -103.39 -39.87
CA ALA E 35 8.81 -103.92 -38.57
C ALA E 35 10.21 -103.47 -38.20
N ASP E 36 11.13 -103.42 -39.17
CA ASP E 36 12.49 -102.96 -38.87
C ASP E 36 12.48 -101.51 -38.42
N LEU E 37 11.68 -100.67 -39.06
CA LEU E 37 11.59 -99.28 -38.61
C LEU E 37 10.95 -99.20 -37.22
N MET E 38 9.95 -100.03 -36.94
CA MET E 38 9.35 -100.01 -35.61
C MET E 38 10.35 -100.44 -34.54
N ALA E 39 11.19 -101.43 -34.85
CA ALA E 39 12.14 -101.91 -33.86
C ALA E 39 13.35 -100.98 -33.69
N TYR E 40 13.81 -100.35 -34.77
CA TYR E 40 15.02 -99.54 -34.68
C TYR E 40 14.84 -98.35 -33.75
N CYS E 41 13.70 -97.66 -33.82
CA CYS E 41 13.48 -96.52 -32.95
C CYS E 41 13.37 -96.94 -31.49
N GLU E 42 12.62 -98.02 -31.22
CA GLU E 42 12.46 -98.47 -29.85
C GLU E 42 13.80 -98.91 -29.25
N ALA E 43 14.68 -99.48 -30.08
CA ALA E 43 15.97 -99.94 -29.55
C ALA E 43 16.86 -98.79 -29.14
N HIS E 44 16.76 -97.64 -29.82
CA HIS E 44 17.68 -96.52 -29.61
C HIS E 44 17.04 -95.31 -28.92
N ALA E 45 16.00 -95.54 -28.13
CA ALA E 45 15.32 -94.41 -27.50
C ALA E 45 16.09 -93.82 -26.34
N LYS E 46 17.07 -94.52 -25.78
CA LYS E 46 17.75 -94.01 -24.59
C LYS E 46 18.54 -92.73 -24.88
N GLU E 47 19.22 -92.66 -26.02
CA GLU E 47 20.02 -91.49 -26.36
C GLU E 47 19.26 -90.65 -27.38
N ASP E 48 18.34 -89.83 -26.88
CA ASP E 48 17.53 -88.95 -27.71
C ASP E 48 17.12 -87.76 -26.88
N PRO E 49 17.97 -86.74 -26.81
CA PRO E 49 17.69 -85.62 -25.89
C PRO E 49 16.42 -84.86 -26.17
N LEU E 50 15.84 -84.95 -27.36
CA LEU E 50 14.65 -84.16 -27.65
C LEU E 50 13.35 -84.84 -27.25
N LEU E 51 13.33 -86.18 -27.18
CA LEU E 51 12.09 -86.86 -26.81
C LEU E 51 11.71 -86.58 -25.37
N THR E 52 12.68 -86.58 -24.46
CA THR E 52 12.44 -86.34 -23.05
C THR E 52 13.42 -85.28 -22.56
N PRO E 53 13.05 -84.50 -21.55
CA PRO E 53 13.95 -83.43 -21.09
C PRO E 53 15.11 -83.98 -20.28
N VAL E 54 16.32 -83.62 -20.67
CA VAL E 54 17.55 -84.08 -20.05
C VAL E 54 17.85 -83.29 -18.79
N PRO E 55 18.68 -83.80 -17.87
CA PRO E 55 19.00 -83.05 -16.65
C PRO E 55 19.69 -81.72 -16.93
N ALA E 56 19.39 -80.73 -16.08
CA ALA E 56 19.96 -79.41 -16.28
C ALA E 56 21.47 -79.43 -16.10
N SER E 57 21.98 -80.36 -15.30
CA SER E 57 23.41 -80.48 -15.13
C SER E 57 24.08 -81.03 -16.37
N GLU E 58 23.30 -81.64 -17.28
CA GLU E 58 23.83 -82.21 -18.51
C GLU E 58 23.47 -81.38 -19.73
N ASN E 59 22.92 -80.18 -19.55
CA ASN E 59 22.45 -79.39 -20.67
C ASN E 59 23.43 -78.27 -20.96
N PRO E 60 24.11 -78.27 -22.11
CA PRO E 60 25.04 -77.18 -22.42
C PRO E 60 24.34 -75.86 -22.71
N PHE E 61 23.01 -75.86 -22.78
CA PHE E 61 22.23 -74.65 -23.00
C PHE E 61 21.48 -74.28 -21.73
N ARG E 62 22.11 -74.46 -20.57
CA ARG E 62 21.45 -74.18 -19.30
C ARG E 62 21.25 -72.69 -19.09
N GLU E 63 22.34 -71.92 -19.08
CA GLU E 63 22.25 -70.49 -18.89
C GLU E 63 23.50 -69.78 -19.41
#